data_7F7F
#
_entry.id   7F7F
#
_cell.length_a   1.00
_cell.length_b   1.00
_cell.length_c   1.00
_cell.angle_alpha   90.00
_cell.angle_beta   90.00
_cell.angle_gamma   90.00
#
_symmetry.space_group_name_H-M   'P 1'
#
loop_
_entity.id
_entity.type
_entity.pdbx_description
1 polymer 'Phospholipid-transporting ATPase DNF1'
2 polymer 'Alkylphosphocholine resistance protein LEM3'
3 branched 2-acetamido-2-deoxy-beta-D-glucopyranose-(1-4)-2-acetamido-2-deoxy-beta-D-glucopyranose
4 branched beta-D-mannopyranose-(1-4)-2-acetamido-2-deoxy-beta-D-glucopyranose-(1-4)-2-acetamido-2-deoxy-beta-D-glucopyranose
5 branched 2-acetamido-2-deoxy-beta-D-glucopyranose-(1-6)-2-acetamido-2-deoxy-beta-D-glucopyranose
6 non-polymer 'MAGNESIUM ION'
#
loop_
_entity_poly.entity_id
_entity_poly.type
_entity_poly.pdbx_seq_one_letter_code
_entity_poly.pdbx_strand_id
1 'polypeptide(L)'
;MSGTFHGDGHAPMSPFEDTFQFEDNSSNEDTHIAPTHFDDGATSNKYSRPQVSFNDETPKNKREDAEEFTFNDDTEYDNH
SFQPTPKLNNGSGTFDDVELDNDSGEPHTNYDGMKRFRMGTKRNKKGNPIMGRSKTLKWARKNIPNPFEDFTKDDIDPGA
INRAQELRTVYYNMPLPKDMIDEEGNPIMQYPRNKIRTTKYTPLTFLPKNILFQFHNFANVYFLVLIILGAFQIFGVTNP
GLSAVPLVVIVIITAIKDAIEDSRRTVLDLEVNNTKTHILEGVENENVSTDNISLWRRFKKANSRLLFKFIQYCKEHLTE
EGKKKRMQRKRHELRVQKTVGTSGPRSSLDSIDSYRVSADYGRPSLDYDNLEQGAGEANIVDRSLPPRTDCKFAKNYWKG
VKVGDIVRIHNNDEIPADIILLSTSDTDGACYVETKNLDGETNLKVRQSLKCTNTIRTSKDIARTKFWIESEGPHSNLYT
YQGNMKWRNLADGEIRNEPITINNVLLRGCTLRNTKWAMGVVMFTGGDTKIMLNSGITPTKKSRISRELNFSVVINFVLL
FILCFVSGIANGVYYDKKGRSRFSYEFGTIAGSAATNGFVSFWVAVILYQSLVPISLYISVEIIKTAQAAFIYGDVLLYN
AKLDYPCTPKSWNISDDLGQVEYIFSDKTGTLTQNVMEFKKCTINGVSYGRAYTEALAGLRKRQGIDVETEGRREKAEIA
KDRDTMIDELRALSGNSQFYPEEVTFVSKEFVRDLKGASGEVQQRCCEHFMLALALCHSVLVEANPDNPKKLDLKAQSPD
EAALVATARDVGFSFVGKTKKGLIIEMQGIQKEFEILNILEFNSSRKRMSCIVKIPGLNPGDEPRALLICKGADSIIYSR
LSRQSGSNSEAILEKTALHLEQYATEGLRTLCIAQRELSWSEYEKWNEKYDIAAASLANREDELEVVADSIERELILLGG
TAIEDRLQDGVPDCIELLAEAGIKLWVLTGDKVETAINIGFSCNLLNNEMELLVIKTTGDDVKEFGSEPSEIVDALLSKY
LKEYFNLTGSEEEIFEAKKDHEFPKGNYAIVIDGDALKLALYGEDIRRKFLLLCKNCRAVLCCRVSPSQKAAVVKLVKDS
LDVMTLAIGDGSNDVAMIQSADVGIGIAGEEGRQAVMCSDYAIGQFRYLARLVLVHGRWSYKRLAEMIPEFFYKNMIFAL
ALFWYGIYNDFDGSYLYEYTYMMFYNLAFTSLPVIFLGILDQDVNDTISLVVPQLYRVGILRKEWNQRKFLWYMLDGLYQ
SIICFFFPYLVYHKNMIVTSNGLGLDHRYFVGVYVTTIAVISCNTYVLLHQYRWDWFSGLFIALSCLVVFAWTGIWSSAI
ASREFFKAAARIYGAPSFWAVFFVAVLFCLLPRFTYDSFQKFFYPTDVEIVREMWQHGHFDHYPPGYDPTDPNRPKVTKA
GQHGEKIIEGIALSDNLGGSNYSRDSVVTEEIPMTFMHGEDGSPSGYQKQETWMTSPKETQDLLQSPQFQQAQTFGRGPS
TNVRSSLDRTREQMIATNQLDNRYSVERARTSLDLPGVTNAASLIGTQQNN
;
A
2 'polypeptide(L)'
;MVNFDLGQVGEVFRRKDKGAIVSGDNPEEEEDVDASEFEEDEVKPVRTKNRRPKEDAFTQQRLAAINPVLTPRTVLPLYL
LIAVVFVIVGGCILAQNSKVDEVTIYYQDCMTNATSSWSDIPSEHWQFVFHKYKTYNTAPQWRFVDDESDDFTKQRGTCQ
IRFTTPSDMKNNVYLNYVLEKFAANHRRYVLSFSEDQIRGEDASYETVHDATGINCKPLSKNADGKIYYPCGLIANSMFN
DTFPLQLTNVGDTSNNYSLTNKGINWESDKKRYKKTKYNYTQIAPPPYWEKMYPDGYNETNIPDIQDWEEFQNWMRPGAF
DKITKLIRINKNDTLPAGEYQLDIGLHWPVLEFNGKKGIYLTHGSHLGGRNPFLGIVYLIGGCICAAMALILLTFWLFGG
RKIADASSLSWNMK
;
B
#
loop_
_chem_comp.id
_chem_comp.type
_chem_comp.name
_chem_comp.formula
BMA D-saccharide, beta linking beta-D-mannopyranose 'C6 H12 O6'
MG non-polymer 'MAGNESIUM ION' 'Mg 2'
NAG D-saccharide, beta linking 2-acetamido-2-deoxy-beta-D-glucopyranose 'C8 H15 N O6'
#
# COMPACT_ATOMS: atom_id res chain seq x y z
N LEU A 167 -24.69 37.62 -7.70
CA LEU A 167 -23.76 36.52 -7.91
C LEU A 167 -23.16 36.05 -6.60
N ARG A 168 -21.88 36.29 -6.39
CA ARG A 168 -21.18 35.82 -5.20
C ARG A 168 -20.58 36.98 -4.43
N THR A 169 -20.44 36.77 -3.12
CA THR A 169 -20.22 37.84 -2.15
C THR A 169 -18.99 37.53 -1.30
N VAL A 170 -17.95 38.36 -1.42
CA VAL A 170 -16.77 38.32 -0.57
C VAL A 170 -16.41 39.75 -0.22
N TYR A 171 -16.42 40.07 1.08
CA TYR A 171 -16.04 41.40 1.54
C TYR A 171 -14.60 41.40 2.05
N TYR A 172 -14.15 42.56 2.51
CA TYR A 172 -12.78 42.73 2.99
C TYR A 172 -12.80 43.19 4.45
N ASN A 173 -11.64 43.03 5.11
CA ASN A 173 -11.25 43.38 6.48
C ASN A 173 -12.34 43.25 7.54
N MET A 174 -13.04 42.23 7.49
CA MET A 174 -13.96 41.92 8.56
C MET A 174 -13.35 40.84 9.44
N PRO A 175 -13.63 40.81 10.75
CA PRO A 175 -13.12 39.70 11.58
C PRO A 175 -13.83 38.36 11.38
N LEU A 176 -14.83 38.28 10.49
CA LEU A 176 -15.60 37.09 10.13
C LEU A 176 -16.20 36.37 11.33
N PRO A 177 -17.26 36.89 11.95
CA PRO A 177 -17.81 36.26 13.15
C PRO A 177 -18.54 34.96 12.81
N LYS A 178 -18.91 34.23 13.88
CA LYS A 178 -19.58 32.95 13.73
C LYS A 178 -21.09 33.05 13.92
N ASP A 179 -21.57 33.88 14.83
CA ASP A 179 -22.98 33.93 15.19
C ASP A 179 -23.76 34.95 14.36
N MET A 180 -23.09 35.71 13.51
CA MET A 180 -23.78 36.71 12.70
C MET A 180 -24.53 36.07 11.54
N ILE A 181 -25.59 36.75 11.12
CA ILE A 181 -26.38 36.36 9.96
C ILE A 181 -26.32 37.42 8.86
N ASP A 182 -25.85 38.63 9.20
CA ASP A 182 -25.96 39.82 8.35
C ASP A 182 -25.24 39.65 7.02
N GLU A 183 -25.77 40.32 5.99
CA GLU A 183 -25.28 40.21 4.62
C GLU A 183 -23.98 40.97 4.40
N GLU A 184 -23.46 41.66 5.41
CA GLU A 184 -22.05 42.05 5.41
C GLU A 184 -21.13 40.87 5.68
N GLY A 185 -21.68 39.77 6.20
CA GLY A 185 -20.85 38.65 6.60
C GLY A 185 -20.44 37.77 5.43
N ASN A 186 -19.17 37.38 5.45
CA ASN A 186 -18.59 36.35 4.60
C ASN A 186 -18.92 34.93 5.07
N PRO A 187 -18.87 34.55 6.36
CA PRO A 187 -19.24 33.17 6.71
C PRO A 187 -20.73 32.88 6.70
N ILE A 188 -21.61 33.84 6.37
CA ILE A 188 -23.03 33.53 6.34
C ILE A 188 -23.43 32.92 5.00
N MET A 189 -22.51 32.86 4.04
CA MET A 189 -22.68 32.02 2.86
C MET A 189 -22.56 30.54 3.17
N GLN A 190 -21.84 30.19 4.26
CA GLN A 190 -21.66 28.82 4.76
C GLN A 190 -21.01 27.91 3.73
N TYR A 191 -19.74 28.23 3.41
CA TYR A 191 -18.93 27.38 2.54
C TYR A 191 -18.31 26.21 3.32
N PRO A 192 -18.08 25.08 2.66
CA PRO A 192 -17.33 23.98 3.27
C PRO A 192 -15.83 24.27 3.29
N ARG A 193 -15.10 23.41 4.00
CA ARG A 193 -13.66 23.58 4.17
C ARG A 193 -12.91 22.90 3.03
N ASN A 194 -11.59 22.84 3.16
CA ASN A 194 -10.77 21.95 2.36
C ASN A 194 -10.45 20.64 3.07
N LYS A 195 -10.81 20.52 4.35
CA LYS A 195 -10.68 19.28 5.12
C LYS A 195 -11.81 18.33 4.73
N ILE A 196 -11.63 17.66 3.60
CA ILE A 196 -12.60 16.65 3.20
C ILE A 196 -11.94 15.29 3.20
N ASN A 220 -14.98 8.18 12.29
CA ASN A 220 -13.61 8.49 11.90
C ASN A 220 -12.63 8.16 13.02
N VAL A 221 -11.77 9.13 13.36
CA VAL A 221 -10.85 8.96 14.47
C VAL A 221 -11.62 8.86 15.78
N TYR A 222 -12.67 9.69 15.92
CA TYR A 222 -13.49 9.67 17.13
C TYR A 222 -14.29 8.36 17.24
N PHE A 223 -14.69 7.79 16.10
CA PHE A 223 -15.35 6.49 16.15
C PHE A 223 -14.38 5.38 16.54
N LEU A 224 -13.10 5.55 16.23
CA LEU A 224 -12.11 4.54 16.63
C LEU A 224 -11.91 4.56 18.14
N VAL A 225 -12.01 5.74 18.76
CA VAL A 225 -11.79 5.86 20.20
C VAL A 225 -12.90 5.16 20.99
N LEU A 226 -14.15 5.31 20.54
CA LEU A 226 -15.27 4.64 21.22
C LEU A 226 -15.21 3.14 21.06
N ILE A 227 -14.57 2.65 19.99
CA ILE A 227 -14.32 1.22 19.87
C ILE A 227 -13.35 0.76 20.93
N ILE A 228 -12.19 1.42 21.07
CA ILE A 228 -11.13 0.89 21.94
C ILE A 228 -11.49 1.04 23.40
N LEU A 229 -12.26 2.08 23.76
CA LEU A 229 -12.68 2.25 25.14
C LEU A 229 -13.76 1.24 25.51
N GLY A 230 -14.72 1.02 24.60
CA GLY A 230 -15.76 0.05 24.85
C GLY A 230 -15.30 -1.39 24.71
N ALA A 231 -14.16 -1.60 24.02
CA ALA A 231 -13.63 -2.91 23.62
C ALA A 231 -13.58 -3.98 24.71
N PHE A 232 -12.80 -3.75 25.75
CA PHE A 232 -12.74 -4.71 26.84
C PHE A 232 -12.79 -4.11 28.23
N GLN A 233 -12.41 -2.84 28.41
CA GLN A 233 -12.18 -2.28 29.73
C GLN A 233 -12.83 -0.89 29.82
N ILE A 234 -12.12 0.05 30.44
CA ILE A 234 -12.58 1.07 31.37
C ILE A 234 -13.88 1.80 31.05
N PHE A 235 -14.02 2.35 29.85
CA PHE A 235 -15.13 3.23 29.52
C PHE A 235 -15.96 2.60 28.40
N GLY A 236 -16.86 1.70 28.79
CA GLY A 236 -17.75 1.09 27.82
C GLY A 236 -18.97 1.96 27.66
N VAL A 237 -19.06 2.63 26.52
CA VAL A 237 -20.17 3.57 26.28
C VAL A 237 -21.45 2.80 25.97
N THR A 238 -21.40 1.92 24.99
CA THR A 238 -22.59 1.19 24.53
C THR A 238 -22.18 -0.24 24.18
N ASN A 239 -22.64 -1.20 24.99
CA ASN A 239 -22.48 -2.62 24.72
C ASN A 239 -23.84 -3.27 24.80
N PRO A 240 -24.69 -3.10 23.78
CA PRO A 240 -26.08 -3.55 23.90
C PRO A 240 -26.28 -5.05 23.74
N GLY A 241 -25.35 -5.74 23.07
CA GLY A 241 -25.48 -7.17 22.90
C GLY A 241 -25.58 -7.61 21.46
N LEU A 242 -26.69 -8.26 21.09
CA LEU A 242 -26.86 -8.83 19.76
C LEU A 242 -27.56 -7.88 18.80
N SER A 243 -27.60 -6.58 19.13
CA SER A 243 -28.23 -5.60 18.26
C SER A 243 -27.23 -4.73 17.52
N ALA A 244 -25.98 -4.66 17.96
CA ALA A 244 -24.92 -3.96 17.25
C ALA A 244 -24.23 -4.84 16.22
N VAL A 245 -24.61 -6.10 16.12
CA VAL A 245 -24.03 -7.05 15.15
C VAL A 245 -24.29 -6.65 13.68
N PRO A 246 -25.27 -5.84 13.28
CA PRO A 246 -25.14 -5.19 11.97
C PRO A 246 -24.58 -3.77 12.03
N LEU A 247 -24.13 -3.29 13.18
CA LEU A 247 -23.71 -1.90 13.30
C LEU A 247 -22.21 -1.70 13.21
N VAL A 248 -21.42 -2.67 13.66
CA VAL A 248 -19.98 -2.47 13.74
C VAL A 248 -19.30 -3.14 12.54
N VAL A 249 -19.87 -4.26 12.09
CA VAL A 249 -19.29 -4.98 10.96
C VAL A 249 -19.48 -4.23 9.64
N ILE A 250 -20.43 -3.31 9.57
CA ILE A 250 -20.71 -2.60 8.33
C ILE A 250 -19.91 -1.30 8.21
N VAL A 251 -19.69 -0.61 9.33
CA VAL A 251 -18.99 0.67 9.30
C VAL A 251 -17.52 0.48 8.97
N ILE A 252 -16.89 -0.57 9.51
CA ILE A 252 -15.45 -0.72 9.33
C ILE A 252 -15.09 -1.22 7.93
N ILE A 253 -16.00 -1.96 7.27
CA ILE A 253 -15.70 -2.44 5.93
C ILE A 253 -15.99 -1.39 4.85
N THR A 254 -16.86 -0.41 5.13
CA THR A 254 -17.21 0.59 4.12
C THR A 254 -16.79 1.99 4.54
N ALA A 255 -17.24 2.47 5.70
CA ALA A 255 -17.02 3.86 6.05
C ALA A 255 -15.64 4.12 6.61
N ILE A 256 -14.95 3.10 7.12
CA ILE A 256 -13.64 3.30 7.70
C ILE A 256 -12.53 2.77 6.79
N LYS A 257 -12.85 1.86 5.86
CA LYS A 257 -11.87 1.41 4.88
C LYS A 257 -11.44 2.56 3.96
N ASP A 258 -12.42 3.26 3.39
CA ASP A 258 -12.10 4.34 2.45
C ASP A 258 -11.51 5.58 3.13
N ALA A 259 -11.74 5.75 4.42
CA ALA A 259 -11.14 6.88 5.13
C ALA A 259 -9.63 6.66 5.30
N ILE A 260 -9.22 5.41 5.48
CA ILE A 260 -7.80 5.09 5.61
C ILE A 260 -7.16 4.85 4.25
N GLU A 261 -7.94 4.42 3.26
CA GLU A 261 -7.42 4.09 1.93
C GLU A 261 -6.87 5.32 1.21
N ASP A 262 -7.50 6.47 1.41
CA ASP A 262 -7.11 7.68 0.69
C ASP A 262 -5.82 8.25 1.26
N SER A 263 -4.78 8.30 0.45
CA SER A 263 -3.46 8.74 0.88
C SER A 263 -3.05 10.07 0.26
N ARG A 264 -3.92 10.70 -0.51
CA ARG A 264 -3.64 12.00 -1.10
C ARG A 264 -4.76 13.02 -0.90
N ARG A 265 -5.95 12.57 -0.48
CA ARG A 265 -7.05 13.49 -0.19
C ARG A 265 -7.06 13.96 1.26
N THR A 266 -6.48 13.17 2.17
CA THR A 266 -6.41 13.58 3.57
C THR A 266 -4.99 13.65 4.12
N VAL A 267 -3.99 13.19 3.37
CA VAL A 267 -2.60 13.30 3.78
C VAL A 267 -1.92 14.51 3.14
N LEU A 268 -2.16 14.73 1.86
CA LEU A 268 -1.69 15.95 1.21
C LEU A 268 -2.52 17.17 1.58
N ASP A 269 -3.68 16.97 2.21
CA ASP A 269 -4.47 18.05 2.77
C ASP A 269 -4.11 18.37 4.22
N LEU A 270 -3.46 17.44 4.91
CA LEU A 270 -3.12 17.66 6.32
C LEU A 270 -1.72 18.25 6.50
N GLU A 271 -0.73 17.73 5.77
CA GLU A 271 0.64 18.21 5.93
C GLU A 271 0.86 19.57 5.30
N VAL A 272 -0.05 20.04 4.45
CA VAL A 272 0.12 21.34 3.81
C VAL A 272 -0.06 22.47 4.82
N ASN A 273 -0.89 22.27 5.85
CA ASN A 273 -1.07 23.27 6.88
C ASN A 273 0.19 23.37 7.75
N ASN A 274 0.57 24.59 8.13
CA ASN A 274 -0.19 25.84 7.93
C ASN A 274 0.18 26.64 6.69
N THR A 275 1.24 26.22 5.99
CA THR A 275 1.78 26.88 4.79
C THR A 275 2.15 28.34 5.09
N LYS A 276 3.19 28.47 5.92
CA LYS A 276 3.82 29.75 6.27
C LYS A 276 2.83 30.70 6.96
N THR A 277 2.49 30.33 8.20
CA THR A 277 1.91 31.32 9.09
C THR A 277 3.02 32.28 9.55
N HIS A 278 2.73 33.57 9.54
CA HIS A 278 3.77 34.58 9.73
C HIS A 278 3.48 35.45 10.94
N ILE A 279 4.46 36.30 11.28
CA ILE A 279 4.42 37.06 12.52
C ILE A 279 4.12 38.54 12.32
N LEU A 280 4.07 39.04 11.08
CA LEU A 280 3.63 40.41 10.83
C LEU A 280 2.11 40.40 10.94
N GLU A 281 1.63 40.48 12.19
CA GLU A 281 0.25 40.12 12.48
C GLU A 281 -0.15 40.72 13.82
N GLY A 282 -1.37 41.21 13.89
CA GLY A 282 -1.88 41.71 15.15
C GLY A 282 -1.54 43.16 15.40
N VAL A 283 -0.46 43.37 16.17
CA VAL A 283 -0.02 44.71 16.49
C VAL A 283 0.56 45.37 15.24
N GLU A 284 0.01 46.52 14.89
CA GLU A 284 0.42 47.27 13.71
C GLU A 284 -0.05 48.70 13.87
N ASN A 285 0.74 49.64 13.34
CA ASN A 285 0.41 51.05 13.41
C ASN A 285 0.65 51.72 12.06
N GLU A 286 0.62 53.05 12.06
CA GLU A 286 0.80 53.85 10.83
C GLU A 286 2.22 53.73 10.30
N ASP A 390 -5.39 57.69 12.13
CA ASP A 390 -4.74 56.40 11.83
C ASP A 390 -5.31 55.81 10.55
N CYS A 391 -6.52 55.23 10.68
CA CYS A 391 -7.26 54.56 9.60
C CYS A 391 -6.42 53.42 9.00
N LYS A 392 -5.98 52.52 9.87
CA LYS A 392 -5.20 51.35 9.49
C LYS A 392 -5.78 50.13 10.19
N PHE A 393 -6.02 49.07 9.43
CA PHE A 393 -6.73 47.90 9.95
C PHE A 393 -5.79 47.07 10.81
N ALA A 394 -6.15 46.88 12.07
CA ALA A 394 -5.41 46.00 12.95
C ALA A 394 -5.64 44.55 12.53
N LYS A 395 -4.54 43.83 12.32
CA LYS A 395 -4.62 42.50 11.74
C LYS A 395 -5.15 41.49 12.76
N ASN A 396 -5.73 40.40 12.24
CA ASN A 396 -6.43 39.42 13.05
C ASN A 396 -5.94 38.02 12.71
N TYR A 397 -6.39 37.06 13.52
CA TYR A 397 -6.15 35.64 13.30
C TYR A 397 -7.49 34.92 13.35
N TRP A 398 -7.95 34.43 12.21
CA TRP A 398 -9.29 33.88 12.08
C TRP A 398 -9.34 32.39 12.44
N LYS A 399 -8.65 31.56 11.65
CA LYS A 399 -8.59 30.11 11.79
C LYS A 399 -7.23 29.67 11.27
N GLY A 400 -7.13 28.39 10.90
CA GLY A 400 -5.98 27.91 10.14
C GLY A 400 -6.13 28.21 8.66
N VAL A 401 -7.27 27.81 8.08
CA VAL A 401 -7.59 28.05 6.68
C VAL A 401 -8.86 28.88 6.63
N LYS A 402 -8.80 30.01 5.93
CA LYS A 402 -9.90 30.97 5.90
C LYS A 402 -9.75 31.86 4.68
N VAL A 403 -10.75 32.71 4.45
CA VAL A 403 -10.73 33.74 3.43
C VAL A 403 -10.60 35.10 4.13
N GLY A 404 -9.62 35.90 3.70
CA GLY A 404 -9.46 37.23 4.26
C GLY A 404 -8.08 37.59 4.78
N ASP A 405 -7.05 36.87 4.34
CA ASP A 405 -5.67 37.12 4.73
C ASP A 405 -4.98 38.10 3.79
N ILE A 406 -3.71 38.38 4.08
CA ILE A 406 -2.77 38.90 3.10
C ILE A 406 -1.55 37.97 3.18
N VAL A 407 -1.80 36.71 3.53
CA VAL A 407 -0.71 35.75 3.75
C VAL A 407 -0.08 35.36 2.41
N ARG A 408 1.23 35.46 2.35
CA ARG A 408 2.05 35.20 1.17
C ARG A 408 2.17 33.71 0.88
N ILE A 409 2.73 33.40 -0.29
CA ILE A 409 3.16 32.06 -0.65
C ILE A 409 4.58 32.15 -1.18
N HIS A 410 5.52 31.48 -0.51
CA HIS A 410 6.92 31.51 -0.90
C HIS A 410 7.22 30.40 -1.90
N ASN A 411 8.50 30.17 -2.16
CA ASN A 411 8.92 29.11 -3.08
C ASN A 411 8.73 27.76 -2.41
N ASN A 412 8.18 26.81 -3.17
CA ASN A 412 7.81 25.45 -2.72
C ASN A 412 6.84 25.53 -1.54
N ASP A 413 5.69 26.13 -1.78
CA ASP A 413 4.58 26.13 -0.83
C ASP A 413 3.30 25.88 -1.61
N GLU A 414 2.57 24.83 -1.23
CA GLU A 414 1.33 24.48 -1.90
C GLU A 414 0.26 25.51 -1.54
N ILE A 415 -0.25 26.20 -2.55
CA ILE A 415 -1.13 27.35 -2.36
C ILE A 415 -2.47 26.87 -1.82
N PRO A 416 -3.01 27.49 -0.75
CA PRO A 416 -4.17 26.89 -0.08
C PRO A 416 -5.49 27.06 -0.83
N ALA A 417 -5.57 27.94 -1.80
CA ALA A 417 -6.81 28.20 -2.51
C ALA A 417 -6.49 28.86 -3.85
N ASP A 418 -7.52 29.34 -4.52
CA ASP A 418 -7.36 30.09 -5.76
C ASP A 418 -7.12 31.55 -5.41
N ILE A 419 -6.08 32.13 -5.99
CA ILE A 419 -5.64 33.48 -5.62
C ILE A 419 -5.69 34.35 -6.87
N ILE A 420 -6.05 35.61 -6.69
CA ILE A 420 -5.76 36.65 -7.68
C ILE A 420 -4.63 37.50 -7.11
N LEU A 421 -3.70 37.89 -7.97
CA LEU A 421 -2.49 38.55 -7.49
C LEU A 421 -2.76 40.01 -7.16
N LEU A 422 -2.00 40.50 -6.17
CA LEU A 422 -2.03 41.92 -5.81
C LEU A 422 -0.68 42.59 -5.97
N SER A 423 0.39 41.99 -5.44
CA SER A 423 1.69 42.64 -5.49
C SER A 423 2.82 41.61 -5.41
N THR A 424 3.98 41.99 -5.94
CA THR A 424 5.20 41.19 -5.90
C THR A 424 6.37 42.12 -5.62
N SER A 425 7.59 41.62 -5.85
CA SER A 425 8.79 42.42 -5.73
C SER A 425 9.45 42.73 -7.06
N ASP A 426 9.17 41.97 -8.11
CA ASP A 426 9.86 42.11 -9.39
C ASP A 426 9.27 43.26 -10.21
N THR A 427 9.83 43.45 -11.40
CA THR A 427 9.34 44.45 -12.34
C THR A 427 8.23 43.85 -13.19
N ASP A 428 7.13 44.62 -13.36
CA ASP A 428 5.93 44.25 -14.10
C ASP A 428 5.26 43.00 -13.52
N GLY A 429 5.50 42.74 -12.23
CA GLY A 429 5.03 41.55 -11.54
C GLY A 429 5.50 40.27 -12.19
N ALA A 430 6.82 40.09 -12.30
CA ALA A 430 7.40 39.03 -13.15
C ALA A 430 7.22 37.67 -12.46
N CYS A 431 5.97 37.18 -12.50
CA CYS A 431 5.61 35.88 -11.97
C CYS A 431 4.70 35.22 -12.99
N TYR A 432 4.24 34.02 -12.67
CA TYR A 432 3.53 33.18 -13.64
C TYR A 432 2.65 32.19 -12.89
N VAL A 433 2.08 31.25 -13.65
CA VAL A 433 1.27 30.17 -13.11
C VAL A 433 2.00 28.85 -13.38
N GLU A 434 1.90 27.94 -12.43
CA GLU A 434 2.52 26.62 -12.52
C GLU A 434 1.44 25.55 -12.57
N THR A 435 1.78 24.42 -13.19
CA THR A 435 0.80 23.47 -13.68
C THR A 435 1.01 22.07 -13.12
N LYS A 436 1.14 21.94 -11.81
CA LYS A 436 1.54 20.66 -11.23
C LYS A 436 0.38 19.76 -10.83
N ASN A 437 -0.74 20.31 -10.39
CA ASN A 437 -1.90 19.47 -10.02
C ASN A 437 -3.11 19.71 -10.90
N LEU A 438 -3.60 20.93 -11.03
CA LEU A 438 -4.84 21.19 -11.76
C LEU A 438 -4.64 21.83 -13.13
N ASP A 439 -3.83 22.89 -13.21
CA ASP A 439 -3.55 23.49 -14.51
C ASP A 439 -2.66 22.59 -15.35
N GLY A 440 -2.80 22.70 -16.67
CA GLY A 440 -1.87 22.00 -17.54
C GLY A 440 -1.31 22.76 -18.74
N GLU A 441 -0.01 23.05 -18.68
CA GLU A 441 0.90 23.36 -19.78
C GLU A 441 2.31 23.45 -19.22
N THR A 442 3.29 23.80 -20.04
CA THR A 442 4.68 23.81 -19.63
C THR A 442 5.27 25.21 -19.51
N ASN A 443 4.94 26.11 -20.44
CA ASN A 443 5.58 27.41 -20.54
C ASN A 443 5.19 28.35 -19.38
N LEU A 444 6.02 29.38 -19.18
CA LEU A 444 5.91 30.27 -18.02
C LEU A 444 5.29 31.59 -18.50
N LYS A 445 3.96 31.62 -18.56
CA LYS A 445 3.26 32.78 -19.08
C LYS A 445 3.22 33.89 -18.04
N VAL A 446 3.79 35.05 -18.39
CA VAL A 446 3.91 36.15 -17.45
C VAL A 446 2.52 36.72 -17.15
N ARG A 447 2.28 37.05 -15.88
CA ARG A 447 0.98 37.56 -15.48
C ARG A 447 1.17 38.73 -14.52
N GLN A 448 0.41 39.79 -14.76
CA GLN A 448 0.60 41.06 -14.10
C GLN A 448 -0.55 41.39 -13.16
N SER A 449 -0.22 41.97 -12.02
CA SER A 449 -1.15 42.80 -11.29
C SER A 449 -1.07 44.21 -11.85
N LEU A 450 -2.14 44.97 -11.66
CA LEU A 450 -2.28 46.26 -12.33
C LEU A 450 -1.30 47.26 -11.71
N LYS A 451 -0.87 48.24 -12.53
CA LYS A 451 0.30 49.04 -12.21
C LYS A 451 0.08 49.99 -11.05
N CYS A 452 -1.17 50.26 -10.69
CA CYS A 452 -1.48 50.99 -9.46
C CYS A 452 -2.08 50.09 -8.40
N THR A 453 -2.44 48.85 -8.74
CA THR A 453 -2.72 47.83 -7.75
C THR A 453 -1.43 47.38 -7.06
N ASN A 454 -0.29 47.53 -7.75
CA ASN A 454 1.02 47.20 -7.19
C ASN A 454 1.68 48.42 -6.53
N THR A 455 0.88 49.36 -6.02
CA THR A 455 1.40 50.44 -5.21
C THR A 455 1.64 49.99 -3.77
N ILE A 456 0.70 49.24 -3.21
CA ILE A 456 0.89 48.65 -1.89
C ILE A 456 1.87 47.48 -1.99
N ARG A 457 3.01 47.60 -1.31
CA ARG A 457 3.78 46.36 -1.22
C ARG A 457 4.35 46.07 0.17
N THR A 458 4.77 47.09 0.94
CA THR A 458 5.53 46.82 2.16
C THR A 458 4.64 46.25 3.26
N SER A 459 5.30 45.91 4.38
CA SER A 459 4.60 45.66 5.63
C SER A 459 4.19 46.94 6.34
N LYS A 460 4.66 48.08 5.84
CA LYS A 460 4.09 49.38 6.15
C LYS A 460 2.90 49.71 5.26
N ASP A 461 2.85 49.14 4.05
CA ASP A 461 1.76 49.34 3.12
C ASP A 461 1.01 48.04 2.87
N ILE A 462 0.66 47.33 3.95
CA ILE A 462 0.00 46.04 3.82
C ILE A 462 -1.52 46.14 4.01
N ALA A 463 -1.98 46.84 5.04
CA ALA A 463 -3.41 46.98 5.32
C ALA A 463 -3.98 48.25 4.69
N ARG A 464 -3.83 48.43 3.38
CA ARG A 464 -4.17 49.67 2.71
C ARG A 464 -4.97 49.42 1.42
N THR A 465 -6.02 48.61 1.54
CA THR A 465 -6.99 48.39 0.47
C THR A 465 -8.32 47.99 1.12
N LYS A 466 -9.41 48.17 0.37
CA LYS A 466 -10.72 47.64 0.75
C LYS A 466 -11.65 47.71 -0.47
N PHE A 467 -12.13 46.56 -0.96
CA PHE A 467 -13.24 46.53 -1.92
C PHE A 467 -13.86 45.14 -1.98
N TRP A 468 -15.14 45.10 -2.38
CA TRP A 468 -16.02 43.93 -2.46
C TRP A 468 -15.94 43.25 -3.83
N ILE A 469 -16.27 41.95 -3.87
CA ILE A 469 -15.87 41.09 -4.99
C ILE A 469 -17.08 40.40 -5.61
N GLU A 470 -17.20 40.51 -6.94
CA GLU A 470 -18.09 39.69 -7.75
C GLU A 470 -17.39 38.40 -8.16
N SER A 471 -18.04 37.25 -7.96
CA SER A 471 -17.45 35.96 -8.28
C SER A 471 -18.52 35.03 -8.84
N GLU A 472 -18.14 33.78 -9.09
CA GLU A 472 -19.03 32.76 -9.62
C GLU A 472 -19.03 31.54 -8.70
N GLY A 473 -19.79 30.52 -9.09
CA GLY A 473 -19.98 29.35 -8.26
C GLY A 473 -19.41 28.06 -8.83
N PRO A 474 -19.96 26.92 -8.38
CA PRO A 474 -19.50 25.62 -8.90
C PRO A 474 -19.93 25.41 -10.35
N HIS A 475 -18.95 25.12 -11.20
CA HIS A 475 -19.20 24.94 -12.62
C HIS A 475 -18.51 23.73 -13.23
N SER A 476 -17.59 23.09 -12.50
CA SER A 476 -16.72 22.02 -13.00
C SER A 476 -15.98 22.46 -14.27
N ASN A 477 -15.36 23.64 -14.18
CA ASN A 477 -14.56 24.21 -15.25
C ASN A 477 -13.12 24.35 -14.80
N LEU A 478 -12.25 24.69 -15.76
CA LEU A 478 -10.86 24.97 -15.44
C LEU A 478 -10.40 26.34 -15.88
N TYR A 479 -10.76 26.77 -17.09
CA TYR A 479 -10.24 28.02 -17.63
C TYR A 479 -11.37 29.00 -17.97
N THR A 480 -12.28 29.23 -17.03
CA THR A 480 -13.35 30.20 -17.23
C THR A 480 -13.70 30.86 -15.89
N TYR A 481 -13.66 32.18 -15.87
CA TYR A 481 -14.00 32.97 -14.68
C TYR A 481 -14.33 34.39 -15.10
N GLN A 482 -15.25 35.01 -14.35
CA GLN A 482 -15.65 36.39 -14.56
C GLN A 482 -15.47 37.20 -13.28
N GLY A 483 -15.09 38.47 -13.43
CA GLY A 483 -14.93 39.34 -12.27
C GLY A 483 -14.40 40.69 -12.69
N ASN A 484 -14.44 41.63 -11.73
CA ASN A 484 -13.97 43.01 -11.88
C ASN A 484 -13.87 43.69 -10.52
N MET A 485 -12.69 44.22 -10.17
CA MET A 485 -12.51 44.98 -8.94
C MET A 485 -12.39 46.47 -9.23
N LYS A 486 -13.37 47.24 -8.77
CA LYS A 486 -13.27 48.69 -8.65
C LYS A 486 -12.61 49.02 -7.30
N TRP A 487 -11.29 48.80 -7.26
CA TRP A 487 -10.49 48.84 -6.04
C TRP A 487 -10.09 50.27 -5.67
N ARG A 488 -9.62 50.43 -4.43
CA ARG A 488 -9.20 51.70 -3.85
C ARG A 488 -7.69 51.91 -3.96
N ASN A 489 -7.29 53.14 -4.27
CA ASN A 489 -5.90 53.51 -4.51
C ASN A 489 -5.08 53.53 -3.22
N LEU A 490 -3.77 53.66 -3.40
CA LEU A 490 -2.83 54.04 -2.34
C LEU A 490 -2.35 55.48 -2.50
N ALA A 491 -1.88 55.84 -3.70
CA ALA A 491 -1.28 57.15 -3.92
C ALA A 491 -2.35 58.24 -4.00
N ASP A 492 -3.35 58.03 -4.85
CA ASP A 492 -4.35 59.08 -5.07
C ASP A 492 -5.41 59.10 -3.98
N GLY A 493 -5.82 57.93 -3.48
CA GLY A 493 -6.90 57.85 -2.53
C GLY A 493 -8.28 57.81 -3.14
N GLU A 494 -8.39 57.36 -4.39
CA GLU A 494 -9.64 57.31 -5.13
C GLU A 494 -9.90 55.84 -5.50
N ILE A 495 -11.01 55.57 -6.18
CA ILE A 495 -11.47 54.22 -6.46
C ILE A 495 -11.38 54.00 -7.97
N ARG A 496 -10.86 52.83 -8.38
CA ARG A 496 -10.51 52.60 -9.78
C ARG A 496 -10.64 51.11 -10.12
N ASN A 497 -11.04 50.83 -11.37
CA ASN A 497 -11.34 49.47 -11.85
C ASN A 497 -10.06 48.66 -12.08
N GLU A 498 -10.28 47.35 -12.35
CA GLU A 498 -9.29 46.36 -12.77
C GLU A 498 -10.00 45.21 -13.49
N PRO A 499 -9.78 45.04 -14.80
CA PRO A 499 -10.43 43.93 -15.51
C PRO A 499 -9.78 42.60 -15.18
N ILE A 500 -10.61 41.55 -15.15
CA ILE A 500 -10.20 40.21 -14.78
C ILE A 500 -10.49 39.26 -15.92
N THR A 501 -9.44 38.61 -16.42
CA THR A 501 -9.58 37.42 -17.26
C THR A 501 -9.11 36.21 -16.45
N ILE A 502 -9.01 35.05 -17.12
CA ILE A 502 -8.72 33.80 -16.43
C ILE A 502 -7.27 33.76 -15.96
N ASN A 503 -6.37 34.45 -16.67
CA ASN A 503 -4.94 34.22 -16.52
C ASN A 503 -4.36 34.75 -15.21
N ASN A 504 -5.04 35.66 -14.51
CA ASN A 504 -4.61 36.06 -13.17
C ASN A 504 -5.17 35.14 -12.09
N VAL A 505 -6.11 34.27 -12.46
CA VAL A 505 -6.70 33.33 -11.51
C VAL A 505 -5.80 32.10 -11.54
N LEU A 506 -4.77 32.12 -10.70
CA LEU A 506 -4.02 30.91 -10.41
C LEU A 506 -4.77 30.09 -9.38
N LEU A 507 -4.39 28.81 -9.26
CA LEU A 507 -5.25 27.81 -8.66
C LEU A 507 -4.67 27.31 -7.34
N ARG A 508 -5.44 26.44 -6.68
CA ARG A 508 -4.98 25.81 -5.45
C ARG A 508 -3.92 24.76 -5.72
N GLY A 509 -4.16 23.91 -6.71
CA GLY A 509 -3.25 22.81 -7.00
C GLY A 509 -1.98 23.24 -7.69
N CYS A 510 -1.10 23.89 -6.96
CA CYS A 510 0.09 24.50 -7.52
C CYS A 510 1.25 24.39 -6.53
N THR A 511 2.46 24.46 -7.05
CA THR A 511 3.66 24.60 -6.23
C THR A 511 4.69 25.40 -7.02
N LEU A 512 5.05 26.57 -6.50
CA LEU A 512 5.76 27.58 -7.27
C LEU A 512 7.25 27.24 -7.41
N ARG A 513 7.79 27.57 -8.58
CA ARG A 513 9.20 27.34 -8.90
C ARG A 513 9.82 28.64 -9.38
N ASN A 514 11.15 28.72 -9.28
CA ASN A 514 12.03 29.70 -9.92
C ASN A 514 11.87 31.15 -9.44
N THR A 515 10.94 31.45 -8.54
CA THR A 515 10.80 32.79 -8.00
C THR A 515 10.52 32.70 -6.51
N LYS A 516 10.76 33.79 -5.79
CA LYS A 516 10.85 33.70 -4.33
C LYS A 516 9.47 33.69 -3.67
N TRP A 517 8.65 34.71 -3.91
CA TRP A 517 7.31 34.80 -3.31
C TRP A 517 6.45 35.77 -4.10
N ALA A 518 5.21 35.90 -3.66
CA ALA A 518 4.23 36.84 -4.20
C ALA A 518 3.24 37.17 -3.10
N MET A 519 2.43 38.21 -3.32
CA MET A 519 1.42 38.64 -2.35
C MET A 519 0.03 38.59 -2.95
N GLY A 520 -0.96 38.48 -2.06
CA GLY A 520 -2.33 38.63 -2.44
C GLY A 520 -3.22 38.33 -1.25
N VAL A 521 -4.44 38.86 -1.32
CA VAL A 521 -5.52 38.38 -0.46
C VAL A 521 -5.85 36.95 -0.88
N VAL A 522 -6.25 36.13 0.10
CA VAL A 522 -6.74 34.81 -0.29
C VAL A 522 -8.16 35.03 -0.81
N MET A 523 -8.26 35.27 -2.12
CA MET A 523 -9.48 35.79 -2.72
C MET A 523 -10.57 34.75 -2.73
N PHE A 524 -10.32 33.64 -3.40
CA PHE A 524 -11.31 32.59 -3.57
C PHE A 524 -11.08 31.55 -2.49
N THR A 525 -12.13 30.79 -2.18
CA THR A 525 -12.05 29.81 -1.11
C THR A 525 -11.31 28.56 -1.58
N GLY A 526 -11.02 27.68 -0.63
CA GLY A 526 -10.38 26.42 -0.95
C GLY A 526 -11.37 25.30 -1.22
N GLY A 527 -12.56 25.38 -0.63
CA GLY A 527 -13.56 24.35 -0.73
C GLY A 527 -14.27 24.25 -2.06
N ASP A 528 -14.11 25.23 -2.94
CA ASP A 528 -14.69 25.20 -4.28
C ASP A 528 -13.63 24.92 -5.34
N THR A 529 -12.39 24.66 -4.93
CA THR A 529 -11.32 24.36 -5.88
C THR A 529 -11.53 22.98 -6.49
N LYS A 530 -11.57 22.92 -7.81
CA LYS A 530 -12.23 21.85 -8.53
C LYS A 530 -11.29 20.71 -8.94
N ILE A 531 -10.05 20.67 -8.42
CA ILE A 531 -9.12 19.60 -8.78
C ILE A 531 -9.60 18.26 -8.25
N MET A 532 -10.10 18.21 -7.02
CA MET A 532 -10.70 16.99 -6.52
C MET A 532 -12.07 16.73 -7.15
N LEU A 533 -12.67 17.75 -7.76
CA LEU A 533 -13.94 17.62 -8.47
C LEU A 533 -13.76 17.30 -9.94
N ASN A 534 -12.60 17.62 -10.53
CA ASN A 534 -12.30 17.24 -11.90
C ASN A 534 -11.50 15.95 -11.99
N SER A 535 -10.57 15.75 -11.04
CA SER A 535 -9.67 14.60 -11.03
C SER A 535 -9.85 13.83 -9.73
N GLY A 536 -10.04 12.52 -9.82
CA GLY A 536 -10.17 11.81 -11.08
C GLY A 536 -11.61 11.46 -11.34
N ILE A 537 -11.90 11.00 -12.57
CA ILE A 537 -13.24 10.54 -12.89
C ILE A 537 -13.55 9.23 -12.15
N THR A 538 -12.50 8.45 -11.82
CA THR A 538 -12.52 7.27 -10.99
C THR A 538 -12.10 7.63 -9.57
N PRO A 539 -12.61 6.93 -8.56
CA PRO A 539 -12.15 7.13 -7.19
C PRO A 539 -10.84 6.43 -6.85
N THR A 540 -10.14 5.92 -7.88
CA THR A 540 -8.97 5.01 -7.82
C THR A 540 -9.06 3.97 -6.70
N LYS A 541 -10.23 3.35 -6.61
CA LYS A 541 -10.34 2.11 -5.84
C LYS A 541 -9.52 1.05 -6.54
N LYS A 542 -8.84 0.23 -5.76
CA LYS A 542 -7.48 -0.14 -6.13
C LYS A 542 -7.39 -1.21 -7.21
N SER A 543 -7.77 -2.45 -6.89
CA SER A 543 -7.31 -3.56 -7.70
C SER A 543 -8.05 -4.84 -7.39
N ARG A 544 -7.55 -5.95 -7.90
CA ARG A 544 -8.11 -7.25 -7.58
C ARG A 544 -7.79 -7.71 -6.16
N ILE A 545 -6.91 -7.01 -5.43
CA ILE A 545 -6.69 -7.35 -4.04
C ILE A 545 -7.53 -6.46 -3.11
N SER A 546 -7.36 -5.14 -3.18
CA SER A 546 -8.04 -4.29 -2.20
C SER A 546 -9.50 -4.01 -2.54
N ARG A 547 -10.06 -4.66 -3.55
CA ARG A 547 -11.50 -4.74 -3.71
C ARG A 547 -12.03 -6.10 -3.33
N GLU A 548 -11.16 -7.10 -3.28
CA GLU A 548 -11.48 -8.42 -2.77
C GLU A 548 -10.99 -8.60 -1.33
N LEU A 549 -10.22 -7.62 -0.82
CA LEU A 549 -9.79 -7.65 0.58
C LEU A 549 -10.96 -7.53 1.53
N ASN A 550 -11.93 -6.67 1.22
CA ASN A 550 -13.05 -6.47 2.12
C ASN A 550 -14.03 -7.63 2.11
N PHE A 551 -13.92 -8.56 1.17
CA PHE A 551 -14.62 -9.81 1.32
C PHE A 551 -13.85 -10.76 2.22
N SER A 552 -12.53 -10.61 2.30
CA SER A 552 -11.72 -11.47 3.15
C SER A 552 -11.86 -11.10 4.61
N VAL A 553 -12.17 -9.85 4.91
CA VAL A 553 -12.44 -9.41 6.28
C VAL A 553 -13.75 -9.98 6.78
N VAL A 554 -14.75 -10.08 5.91
CA VAL A 554 -16.07 -10.56 6.31
C VAL A 554 -16.03 -12.06 6.63
N ILE A 555 -15.22 -12.82 5.91
CA ILE A 555 -15.01 -14.24 6.23
C ILE A 555 -14.35 -14.41 7.58
N ASN A 556 -13.53 -13.43 8.00
CA ASN A 556 -12.99 -13.45 9.36
C ASN A 556 -14.08 -13.23 10.40
N PHE A 557 -15.03 -12.32 10.13
CA PHE A 557 -16.12 -12.11 11.07
C PHE A 557 -17.12 -13.26 11.04
N VAL A 558 -17.39 -13.80 9.86
CA VAL A 558 -18.37 -14.89 9.74
C VAL A 558 -17.86 -16.15 10.41
N LEU A 559 -16.57 -16.46 10.25
CA LEU A 559 -15.98 -17.59 10.96
C LEU A 559 -15.52 -17.24 12.36
N LEU A 560 -16.08 -16.19 12.94
CA LEU A 560 -15.92 -15.83 14.34
C LEU A 560 -17.24 -15.48 15.01
N PHE A 561 -18.31 -15.22 14.26
CA PHE A 561 -19.66 -15.20 14.82
C PHE A 561 -20.17 -16.61 15.06
N ILE A 562 -19.67 -17.59 14.31
CA ILE A 562 -20.01 -18.99 14.55
C ILE A 562 -19.53 -19.41 15.93
N LEU A 563 -18.33 -18.97 16.31
CA LEU A 563 -17.77 -19.27 17.62
C LEU A 563 -18.22 -18.28 18.68
N CYS A 564 -19.37 -17.63 18.48
CA CYS A 564 -20.01 -16.83 19.50
C CYS A 564 -21.42 -17.30 19.82
N PHE A 565 -22.10 -18.00 18.91
CA PHE A 565 -23.29 -18.73 19.30
C PHE A 565 -23.07 -20.24 19.41
N VAL A 566 -21.84 -20.71 19.23
CA VAL A 566 -21.48 -21.97 19.87
C VAL A 566 -21.17 -21.71 21.33
N SER A 567 -20.60 -20.54 21.63
CA SER A 567 -20.52 -20.07 23.01
C SER A 567 -21.90 -19.75 23.57
N GLY A 568 -22.82 -19.28 22.73
CA GLY A 568 -24.15 -18.92 23.21
C GLY A 568 -24.98 -20.13 23.58
N ILE A 569 -24.90 -21.20 22.78
CA ILE A 569 -25.62 -22.42 23.12
C ILE A 569 -24.93 -23.22 24.22
N ALA A 570 -23.67 -22.91 24.53
CA ALA A 570 -22.97 -23.61 25.60
C ALA A 570 -23.01 -22.87 26.93
N ASN A 571 -23.49 -21.63 26.95
CA ASN A 571 -23.68 -20.90 28.19
C ASN A 571 -25.11 -20.96 28.69
N GLY A 572 -26.06 -21.31 27.81
CA GLY A 572 -27.40 -21.60 28.26
C GLY A 572 -27.55 -22.99 28.84
N VAL A 573 -26.68 -23.92 28.44
CA VAL A 573 -26.67 -25.25 29.06
C VAL A 573 -25.87 -25.28 30.34
N TYR A 574 -25.39 -24.14 30.82
CA TYR A 574 -24.72 -24.02 32.10
C TYR A 574 -25.61 -23.49 33.21
N TYR A 575 -26.53 -22.57 32.89
CA TYR A 575 -27.45 -22.06 33.90
C TYR A 575 -28.44 -23.11 34.36
N ASP A 576 -28.94 -23.94 33.44
CA ASP A 576 -29.94 -24.95 33.81
C ASP A 576 -29.28 -26.26 34.26
N LYS A 577 -28.29 -26.14 35.13
CA LYS A 577 -27.64 -27.30 35.73
C LYS A 577 -27.79 -27.29 37.24
N LYS A 578 -27.41 -26.19 37.90
CA LYS A 578 -27.68 -25.88 39.30
C LYS A 578 -27.06 -26.87 40.28
N GLY A 579 -26.06 -27.62 39.84
CA GLY A 579 -25.27 -28.46 40.72
C GLY A 579 -23.83 -28.01 40.68
N ARG A 580 -23.59 -26.93 39.94
CA ARG A 580 -22.27 -26.32 39.87
C ARG A 580 -22.07 -25.40 41.08
N SER A 581 -20.89 -24.82 41.17
CA SER A 581 -20.44 -24.07 42.34
C SER A 581 -20.63 -22.58 42.16
N ARG A 582 -21.72 -22.16 41.53
CA ARG A 582 -21.97 -20.76 41.25
C ARG A 582 -23.00 -20.13 42.17
N PHE A 583 -23.46 -20.85 43.19
CA PHE A 583 -24.53 -20.33 44.02
C PHE A 583 -24.13 -20.06 45.47
N SER A 584 -23.23 -20.86 46.03
CA SER A 584 -22.84 -20.67 47.42
C SER A 584 -21.97 -19.44 47.59
N TYR A 585 -20.82 -19.42 46.92
CA TYR A 585 -19.80 -18.40 47.09
C TYR A 585 -19.95 -17.25 46.12
N GLU A 586 -20.95 -17.30 45.26
CA GLU A 586 -21.27 -16.24 44.31
C GLU A 586 -22.64 -15.68 44.65
N PHE A 587 -22.75 -14.37 44.63
CA PHE A 587 -23.94 -13.66 45.10
C PHE A 587 -24.58 -12.94 43.93
N GLY A 588 -25.63 -13.55 43.37
CA GLY A 588 -26.35 -12.93 42.27
C GLY A 588 -27.79 -13.40 42.20
N THR A 589 -28.36 -13.35 41.00
CA THR A 589 -29.69 -13.90 40.78
C THR A 589 -29.60 -15.38 40.45
N ILE A 590 -30.65 -16.12 40.81
CA ILE A 590 -30.76 -17.53 40.40
C ILE A 590 -31.55 -17.50 39.09
N ALA A 591 -30.84 -17.19 38.01
CA ALA A 591 -31.38 -17.03 36.66
C ALA A 591 -30.20 -16.88 35.72
N GLY A 592 -30.51 -16.61 34.45
CA GLY A 592 -29.52 -16.21 33.47
C GLY A 592 -29.46 -14.70 33.41
N SER A 593 -29.33 -14.17 32.19
CA SER A 593 -29.42 -12.74 31.88
C SER A 593 -28.39 -11.92 32.66
N ALA A 594 -27.12 -12.15 32.33
CA ALA A 594 -26.05 -11.29 32.84
C ALA A 594 -26.24 -9.86 32.36
N ALA A 595 -26.21 -9.65 31.04
CA ALA A 595 -26.69 -8.41 30.44
C ALA A 595 -27.92 -8.66 29.58
N THR A 596 -27.83 -9.55 28.60
CA THR A 596 -29.01 -10.11 27.92
C THR A 596 -28.65 -11.48 27.35
N ASN A 597 -29.43 -12.50 27.73
CA ASN A 597 -29.31 -13.88 27.23
C ASN A 597 -27.93 -14.49 27.50
N GLY A 598 -27.52 -14.47 28.75
CA GLY A 598 -26.24 -15.03 29.14
C GLY A 598 -25.18 -13.96 29.33
N PHE A 599 -23.94 -14.44 29.47
CA PHE A 599 -22.77 -13.56 29.62
C PHE A 599 -22.44 -12.95 28.26
N VAL A 600 -23.20 -11.93 27.88
CA VAL A 600 -23.03 -11.27 26.59
C VAL A 600 -22.19 -10.01 26.70
N SER A 601 -21.90 -9.54 27.91
CA SER A 601 -20.96 -8.43 28.08
C SER A 601 -19.51 -8.88 27.91
N PHE A 602 -19.27 -10.19 27.83
CA PHE A 602 -18.00 -10.71 27.34
C PHE A 602 -18.01 -10.98 25.84
N TRP A 603 -19.13 -11.51 25.34
CA TRP A 603 -19.21 -11.88 23.93
C TRP A 603 -19.13 -10.65 23.03
N VAL A 604 -19.66 -9.53 23.49
CA VAL A 604 -19.62 -8.30 22.71
C VAL A 604 -18.49 -7.45 23.32
N ALA A 605 -17.65 -8.09 24.14
CA ALA A 605 -16.35 -7.55 24.44
C ALA A 605 -15.26 -8.19 23.60
N VAL A 606 -15.61 -9.18 22.78
CA VAL A 606 -14.68 -9.77 21.83
C VAL A 606 -14.98 -9.29 20.40
N ILE A 607 -16.27 -9.19 20.05
CA ILE A 607 -16.66 -8.69 18.73
C ILE A 607 -16.25 -7.23 18.58
N LEU A 608 -16.35 -6.46 19.64
CA LEU A 608 -15.88 -5.09 19.59
C LEU A 608 -14.36 -5.00 19.75
N TYR A 609 -13.70 -6.10 20.09
CA TYR A 609 -12.24 -6.13 20.00
C TYR A 609 -11.75 -6.71 18.68
N GLN A 610 -12.43 -7.71 18.14
CA GLN A 610 -12.08 -8.24 16.83
C GLN A 610 -12.51 -7.35 15.68
N SER A 611 -13.19 -6.23 15.97
CA SER A 611 -13.41 -5.17 15.01
C SER A 611 -12.30 -4.14 15.04
N LEU A 612 -11.22 -4.38 15.80
CA LEU A 612 -10.01 -3.58 15.71
C LEU A 612 -8.95 -4.20 14.84
N VAL A 613 -9.00 -5.50 14.58
CA VAL A 613 -8.02 -6.08 13.66
C VAL A 613 -8.31 -5.75 12.18
N PRO A 614 -9.54 -5.52 11.67
CA PRO A 614 -9.60 -4.99 10.31
C PRO A 614 -9.21 -3.53 10.26
N ILE A 615 -9.39 -2.80 11.35
CA ILE A 615 -8.95 -1.42 11.42
C ILE A 615 -7.42 -1.37 11.46
N SER A 616 -6.78 -2.39 12.04
CA SER A 616 -5.33 -2.40 12.04
C SER A 616 -4.77 -2.81 10.68
N LEU A 617 -5.53 -3.58 9.90
CA LEU A 617 -5.08 -3.97 8.57
C LEU A 617 -5.02 -2.79 7.63
N TYR A 618 -6.04 -1.93 7.66
CA TYR A 618 -6.11 -0.82 6.72
C TYR A 618 -5.05 0.22 7.03
N ILE A 619 -4.64 0.32 8.29
CA ILE A 619 -3.48 1.13 8.62
C ILE A 619 -2.20 0.36 8.27
N SER A 620 -2.25 -0.96 8.18
CA SER A 620 -1.03 -1.72 7.89
C SER A 620 -0.64 -1.64 6.41
N VAL A 621 -1.61 -1.60 5.49
CA VAL A 621 -1.26 -1.51 4.08
C VAL A 621 -1.07 -0.08 3.60
N GLU A 622 -1.56 0.91 4.33
CA GLU A 622 -1.28 2.29 3.99
C GLU A 622 -0.03 2.80 4.70
N ILE A 623 0.88 1.90 5.04
CA ILE A 623 2.25 2.22 5.42
C ILE A 623 3.14 1.40 4.50
N ILE A 624 2.61 0.27 4.01
CA ILE A 624 3.35 -0.53 3.05
C ILE A 624 3.28 0.08 1.67
N LYS A 625 2.09 0.40 1.18
CA LYS A 625 1.95 0.99 -0.14
C LYS A 625 2.49 2.40 -0.19
N THR A 626 2.54 3.09 0.94
CA THR A 626 3.21 4.38 0.97
C THR A 626 4.72 4.19 0.92
N ALA A 627 5.22 3.05 1.36
CA ALA A 627 6.65 2.81 1.27
C ALA A 627 7.07 2.13 -0.02
N GLN A 628 6.24 1.22 -0.53
CA GLN A 628 6.51 0.61 -1.84
C GLN A 628 6.39 1.61 -2.97
N ALA A 629 5.69 2.72 -2.77
CA ALA A 629 5.68 3.81 -3.72
C ALA A 629 6.70 4.88 -3.38
N ALA A 630 7.39 4.75 -2.25
CA ALA A 630 8.47 5.68 -1.92
C ALA A 630 9.83 5.07 -2.16
N PHE A 631 9.91 3.86 -2.69
CA PHE A 631 11.17 3.36 -3.20
C PHE A 631 11.22 3.32 -4.72
N ILE A 632 10.07 3.48 -5.39
CA ILE A 632 10.10 3.84 -6.80
C ILE A 632 10.63 5.25 -6.96
N TYR A 633 10.16 6.16 -6.10
CA TYR A 633 10.55 7.55 -6.16
C TYR A 633 12.01 7.76 -5.80
N GLY A 634 12.57 6.89 -4.98
CA GLY A 634 13.96 7.06 -4.58
C GLY A 634 14.94 6.20 -5.34
N ASP A 635 14.55 5.74 -6.52
CA ASP A 635 15.38 4.83 -7.29
C ASP A 635 16.15 5.61 -8.35
N VAL A 636 17.45 5.34 -8.42
CA VAL A 636 18.31 6.07 -9.34
C VAL A 636 18.19 5.56 -10.77
N LEU A 637 17.65 4.36 -10.97
CA LEU A 637 17.57 3.81 -12.32
C LEU A 637 16.25 4.12 -13.00
N LEU A 638 15.30 4.70 -12.28
CA LEU A 638 14.08 5.25 -12.87
C LEU A 638 14.17 6.77 -12.94
N TYR A 639 15.36 7.28 -13.27
CA TYR A 639 15.66 8.70 -13.22
C TYR A 639 16.02 9.21 -14.60
N ASN A 640 15.39 10.31 -15.00
CA ASN A 640 15.61 10.92 -16.32
C ASN A 640 16.76 11.90 -16.16
N ALA A 641 17.98 11.40 -16.35
CA ALA A 641 19.19 12.19 -16.10
C ALA A 641 19.35 13.34 -17.07
N LYS A 642 18.75 13.24 -18.25
CA LYS A 642 18.74 14.35 -19.19
C LYS A 642 17.87 15.50 -18.70
N LEU A 643 16.91 15.23 -17.82
CA LEU A 643 15.94 16.22 -17.41
C LEU A 643 15.90 16.41 -15.90
N ASP A 644 16.65 15.59 -15.13
CA ASP A 644 16.71 15.61 -13.66
C ASP A 644 15.31 15.47 -13.04
N TYR A 645 14.75 14.30 -13.27
CA TYR A 645 13.34 14.05 -12.98
C TYR A 645 13.17 12.58 -12.63
N PRO A 646 13.01 12.24 -11.35
CA PRO A 646 12.82 10.83 -10.98
C PRO A 646 11.43 10.35 -11.36
N CYS A 647 11.23 9.06 -11.21
CA CYS A 647 9.90 8.50 -11.44
C CYS A 647 8.97 8.90 -10.30
N THR A 648 8.24 10.01 -10.44
CA THR A 648 7.44 10.54 -9.35
C THR A 648 6.07 9.88 -9.34
N PRO A 649 5.70 9.17 -8.26
CA PRO A 649 4.39 8.51 -8.24
C PRO A 649 3.28 9.52 -7.97
N LYS A 650 2.37 9.64 -8.92
CA LYS A 650 1.19 10.47 -8.77
C LYS A 650 0.05 9.74 -8.10
N SER A 651 0.31 8.55 -7.56
CA SER A 651 -0.67 7.83 -6.75
C SER A 651 0.11 6.90 -5.83
N TRP A 652 0.24 7.31 -4.56
CA TRP A 652 0.90 6.49 -3.55
C TRP A 652 0.06 5.28 -3.16
N ASN A 653 -1.20 5.25 -3.57
CA ASN A 653 -2.09 4.15 -3.26
C ASN A 653 -1.68 2.89 -4.01
N ILE A 654 -1.73 2.91 -5.35
CA ILE A 654 -1.52 1.70 -6.11
C ILE A 654 -0.04 1.54 -6.47
N SER A 655 0.53 0.41 -6.09
CA SER A 655 1.74 -0.15 -6.65
C SER A 655 1.60 -1.63 -6.87
N ASP A 656 0.68 -2.28 -6.17
CA ASP A 656 0.36 -3.68 -6.34
C ASP A 656 -0.25 -3.96 -7.70
N ASP A 657 -1.03 -3.02 -8.22
CA ASP A 657 -1.70 -3.25 -9.48
C ASP A 657 -0.76 -3.12 -10.68
N LEU A 658 0.49 -2.70 -10.45
CA LEU A 658 1.52 -2.83 -11.46
C LEU A 658 1.87 -4.29 -11.67
N GLY A 659 1.89 -5.08 -10.61
CA GLY A 659 2.37 -6.43 -10.68
C GLY A 659 1.44 -7.45 -11.28
N GLN A 660 0.30 -7.03 -11.81
CA GLN A 660 -0.64 -7.95 -12.44
C GLN A 660 -1.27 -7.35 -13.68
N VAL A 661 -0.46 -6.66 -14.48
CA VAL A 661 -0.86 -6.07 -15.75
C VAL A 661 -0.73 -7.10 -16.85
N GLU A 662 -1.73 -7.19 -17.74
CA GLU A 662 -1.51 -7.93 -18.99
C GLU A 662 -2.09 -7.27 -20.23
N TYR A 663 -2.36 -5.96 -20.21
CA TYR A 663 -2.62 -5.23 -21.44
C TYR A 663 -1.98 -3.85 -21.31
N ILE A 664 -1.00 -3.57 -22.17
CA ILE A 664 -0.38 -2.26 -22.24
C ILE A 664 -0.93 -1.55 -23.47
N PHE A 665 -1.48 -0.37 -23.27
CA PHE A 665 -1.96 0.47 -24.35
C PHE A 665 -1.05 1.67 -24.50
N SER A 666 -0.61 1.93 -25.71
CA SER A 666 0.37 3.00 -25.90
C SER A 666 -0.06 4.01 -26.94
N ASP A 667 0.86 4.86 -27.34
CA ASP A 667 0.68 5.81 -28.43
C ASP A 667 2.00 5.89 -29.16
N LYS A 668 1.97 5.81 -30.50
CA LYS A 668 3.21 5.82 -31.27
C LYS A 668 3.92 7.16 -31.14
N THR A 669 3.25 8.25 -31.50
CA THR A 669 3.86 9.57 -31.42
C THR A 669 3.88 10.04 -29.96
N GLY A 670 5.06 10.01 -29.37
CA GLY A 670 5.23 10.50 -28.02
C GLY A 670 5.70 9.49 -27.00
N THR A 671 5.13 8.28 -27.04
CA THR A 671 5.31 7.35 -25.94
C THR A 671 6.20 6.17 -26.27
N LEU A 672 6.36 5.81 -27.54
CA LEU A 672 7.44 4.89 -27.88
C LEU A 672 8.22 5.36 -29.09
N THR A 673 8.01 6.58 -29.56
CA THR A 673 8.89 7.28 -30.48
C THR A 673 9.35 8.57 -29.83
N GLN A 674 10.45 9.12 -30.35
CA GLN A 674 11.19 10.18 -29.67
C GLN A 674 10.39 11.46 -29.54
N ASN A 675 9.47 11.70 -30.46
CA ASN A 675 8.60 12.89 -30.53
C ASN A 675 9.41 14.18 -30.57
N VAL A 676 10.53 14.16 -31.28
CA VAL A 676 11.05 15.35 -31.91
C VAL A 676 11.14 15.05 -33.40
N MET A 677 10.61 15.95 -34.21
CA MET A 677 10.72 15.80 -35.64
C MET A 677 12.08 16.30 -36.08
N GLU A 678 12.70 15.60 -37.03
CA GLU A 678 13.90 16.10 -37.65
C GLU A 678 13.80 15.88 -39.16
N PHE A 679 14.56 16.68 -39.88
CA PHE A 679 14.50 16.70 -41.34
C PHE A 679 15.59 15.80 -41.88
N LYS A 680 15.20 14.82 -42.70
CA LYS A 680 16.17 13.93 -43.31
C LYS A 680 16.28 14.16 -44.82
N LYS A 681 15.19 13.99 -45.57
CA LYS A 681 15.27 13.94 -47.03
C LYS A 681 14.43 15.01 -47.67
N CYS A 682 14.66 15.22 -48.96
CA CYS A 682 13.95 16.18 -49.78
C CYS A 682 14.18 15.85 -51.24
N THR A 683 13.17 16.09 -52.06
CA THR A 683 13.30 16.00 -53.51
C THR A 683 13.26 17.39 -54.11
N ILE A 684 14.15 17.64 -55.07
CA ILE A 684 14.29 18.95 -55.69
C ILE A 684 14.35 18.76 -57.21
N ASN A 685 13.20 18.94 -57.87
CA ASN A 685 13.06 18.96 -59.33
C ASN A 685 13.48 17.64 -59.97
N GLY A 686 13.36 16.54 -59.24
CA GLY A 686 13.75 15.26 -59.78
C GLY A 686 14.87 14.57 -59.02
N VAL A 687 15.88 15.32 -58.62
CA VAL A 687 17.01 14.72 -57.94
C VAL A 687 16.75 14.73 -56.43
N SER A 688 17.04 13.60 -55.79
CA SER A 688 16.90 13.43 -54.35
C SER A 688 18.16 12.70 -53.91
N TYR A 689 19.22 13.46 -53.62
CA TYR A 689 20.56 12.93 -53.46
C TYR A 689 20.81 12.48 -52.03
N GLY A 690 21.38 11.27 -51.90
CA GLY A 690 21.76 10.72 -50.61
C GLY A 690 20.61 10.16 -49.80
N ARG A 691 20.84 9.05 -49.09
CA ARG A 691 19.79 8.41 -48.30
C ARG A 691 20.28 8.20 -46.87
N ALA A 692 19.73 8.96 -45.92
CA ALA A 692 20.01 8.78 -44.50
C ALA A 692 19.30 7.52 -44.02
N TYR A 693 20.08 6.47 -43.79
CA TYR A 693 19.54 5.13 -43.55
C TYR A 693 19.02 5.04 -42.12
N THR A 694 17.71 5.17 -41.94
CA THR A 694 17.09 5.00 -40.64
C THR A 694 16.03 3.91 -40.61
N GLU A 695 15.09 3.86 -41.54
CA GLU A 695 13.97 2.93 -41.47
C GLU A 695 13.73 2.30 -42.84
N ALA A 696 14.79 1.74 -43.43
CA ALA A 696 14.61 0.71 -44.44
C ALA A 696 14.89 -0.68 -43.87
N LEU A 697 14.77 -0.84 -42.55
CA LEU A 697 15.02 -2.11 -41.87
C LEU A 697 13.80 -3.00 -41.81
N ALA A 698 12.63 -2.51 -42.20
CA ALA A 698 11.45 -3.35 -42.31
C ALA A 698 10.87 -3.41 -43.71
N GLY A 699 11.12 -2.40 -44.55
CA GLY A 699 10.95 -2.59 -45.98
C GLY A 699 11.90 -3.65 -46.51
N LEU A 700 13.12 -3.68 -45.98
CA LEU A 700 13.99 -4.84 -46.09
C LEU A 700 13.84 -5.59 -44.77
N ARG A 701 12.72 -6.32 -44.65
CA ARG A 701 12.41 -7.04 -43.43
C ARG A 701 13.37 -8.20 -43.20
N LYS A 702 13.76 -8.89 -44.26
CA LYS A 702 14.37 -10.21 -44.14
C LYS A 702 15.80 -10.16 -43.59
N ARG A 703 16.45 -9.00 -43.67
CA ARG A 703 17.74 -8.81 -43.04
C ARG A 703 17.93 -7.32 -42.79
N GLN A 704 18.73 -6.99 -41.78
CA GLN A 704 19.06 -5.61 -41.48
C GLN A 704 20.48 -5.30 -41.96
N GLY A 705 20.68 -4.05 -42.37
CA GLY A 705 21.94 -3.61 -42.95
C GLY A 705 22.81 -2.76 -42.07
N ILE A 706 22.44 -2.56 -40.79
CA ILE A 706 23.17 -1.65 -39.93
C ILE A 706 24.53 -2.18 -39.48
N ASP A 707 24.85 -3.45 -39.77
CA ASP A 707 26.08 -4.05 -39.26
C ASP A 707 27.33 -3.40 -39.84
N VAL A 708 27.61 -3.62 -41.12
CA VAL A 708 28.67 -2.88 -41.79
C VAL A 708 28.23 -2.51 -43.20
N GLU A 709 27.17 -3.16 -43.69
CA GLU A 709 26.89 -3.16 -45.12
C GLU A 709 25.99 -2.03 -45.58
N THR A 710 25.32 -1.31 -44.68
CA THR A 710 24.59 -0.11 -45.05
C THR A 710 24.82 1.06 -44.11
N GLU A 711 25.13 0.84 -42.83
CA GLU A 711 25.39 1.94 -41.92
C GLU A 711 26.76 2.56 -42.16
N GLY A 712 27.81 1.75 -42.11
CA GLY A 712 29.16 2.23 -42.35
C GLY A 712 29.41 2.70 -43.77
N ARG A 713 28.57 2.28 -44.71
CA ARG A 713 28.54 2.91 -46.03
C ARG A 713 28.11 4.37 -45.91
N ARG A 714 27.05 4.64 -45.15
CA ARG A 714 26.53 5.98 -45.01
C ARG A 714 27.05 6.71 -43.78
N GLU A 715 27.65 5.99 -42.82
CA GLU A 715 28.42 6.66 -41.78
C GLU A 715 29.67 7.30 -42.37
N LYS A 716 30.34 6.59 -43.29
CA LYS A 716 31.43 7.21 -44.04
C LYS A 716 30.92 8.35 -44.93
N ALA A 717 29.68 8.24 -45.42
CA ALA A 717 29.06 9.37 -46.09
C ALA A 717 28.68 10.46 -45.10
N GLU A 718 28.46 10.12 -43.83
CA GLU A 718 28.20 11.14 -42.83
C GLU A 718 29.50 11.80 -42.40
N ILE A 719 30.60 11.04 -42.36
CA ILE A 719 31.93 11.64 -42.17
C ILE A 719 32.28 12.50 -43.39
N ALA A 720 31.82 12.08 -44.57
CA ALA A 720 32.02 12.89 -45.77
C ALA A 720 31.22 14.19 -45.75
N LYS A 721 30.18 14.27 -44.92
CA LYS A 721 29.47 15.54 -44.73
C LYS A 721 30.18 16.46 -43.75
N ASP A 722 30.76 15.91 -42.68
CA ASP A 722 31.19 16.72 -41.56
C ASP A 722 32.68 17.05 -41.57
N ARG A 723 33.48 16.39 -42.41
CA ARG A 723 34.92 16.65 -42.34
C ARG A 723 35.31 17.95 -43.03
N ASP A 724 34.42 18.52 -43.85
CA ASP A 724 34.64 19.82 -44.46
C ASP A 724 33.31 20.56 -44.62
N THR A 725 33.37 21.89 -44.58
CA THR A 725 32.21 22.74 -44.78
C THR A 725 32.56 23.85 -45.76
N MET A 726 31.56 24.28 -46.54
CA MET A 726 31.75 25.37 -47.48
C MET A 726 31.43 26.73 -46.89
N ILE A 727 30.57 26.79 -45.87
CA ILE A 727 30.18 28.01 -45.19
C ILE A 727 30.47 27.81 -43.71
N ASP A 728 30.97 28.85 -43.05
CA ASP A 728 31.20 28.80 -41.61
C ASP A 728 29.89 29.01 -40.86
N GLU A 729 29.99 29.02 -39.53
CA GLU A 729 28.87 29.10 -38.57
C GLU A 729 27.86 27.95 -38.72
N LEU A 730 28.28 26.84 -39.32
CA LEU A 730 27.50 25.61 -39.31
C LEU A 730 27.90 24.82 -38.07
N ARG A 731 26.89 24.38 -37.30
CA ARG A 731 27.13 24.00 -35.92
C ARG A 731 27.85 22.67 -35.81
N ALA A 732 27.50 21.71 -36.67
CA ALA A 732 28.26 20.49 -36.96
C ALA A 732 28.45 19.57 -35.74
N LEU A 733 27.64 19.75 -34.70
CA LEU A 733 27.74 18.92 -33.50
C LEU A 733 26.35 18.36 -33.20
N SER A 734 25.33 19.11 -33.62
CA SER A 734 23.93 18.72 -33.46
C SER A 734 23.20 18.82 -34.78
N GLY A 735 23.91 18.77 -35.91
CA GLY A 735 23.29 18.97 -37.20
C GLY A 735 22.42 17.82 -37.64
N ASN A 736 23.05 16.69 -38.01
CA ASN A 736 22.39 15.50 -38.56
C ASN A 736 21.41 15.85 -39.68
N SER A 737 21.87 16.74 -40.56
CA SER A 737 21.01 17.46 -41.47
C SER A 737 20.80 16.67 -42.77
N GLN A 738 20.18 17.31 -43.74
CA GLN A 738 20.13 16.78 -45.10
C GLN A 738 21.54 16.91 -45.66
N PHE A 739 22.27 15.80 -45.68
CA PHE A 739 23.70 15.84 -45.99
C PHE A 739 23.93 16.09 -47.48
N TYR A 740 24.99 16.85 -47.77
CA TYR A 740 25.19 17.48 -49.08
C TYR A 740 26.66 17.34 -49.45
N PRO A 741 27.01 16.24 -50.15
CA PRO A 741 28.42 16.00 -50.51
C PRO A 741 29.01 17.04 -51.45
N GLU A 742 28.41 17.21 -52.63
CA GLU A 742 28.74 18.21 -53.64
C GLU A 742 27.66 18.22 -54.68
N GLU A 743 27.37 19.40 -55.23
CA GLU A 743 26.50 19.50 -56.39
C GLU A 743 27.24 20.06 -57.59
N VAL A 744 27.84 21.25 -57.47
CA VAL A 744 28.81 21.76 -58.42
C VAL A 744 29.98 22.26 -57.57
N THR A 745 31.00 21.42 -57.40
CA THR A 745 32.27 21.72 -56.72
C THR A 745 32.07 22.22 -55.29
N PHE A 746 31.21 21.52 -54.54
CA PHE A 746 31.03 21.61 -53.09
C PHE A 746 30.41 22.94 -52.62
N VAL A 747 30.24 23.90 -53.52
CA VAL A 747 29.70 25.21 -53.18
C VAL A 747 28.50 25.62 -54.01
N SER A 748 28.24 24.92 -55.12
CA SER A 748 27.16 25.20 -56.09
C SER A 748 27.24 26.63 -56.64
N LYS A 749 28.33 26.88 -57.37
CA LYS A 749 28.49 28.04 -58.26
C LYS A 749 28.42 29.40 -57.57
N GLY A 760 20.88 28.31 -67.34
CA GLY A 760 22.09 27.85 -66.68
C GLY A 760 21.85 27.32 -65.28
N GLU A 761 21.59 26.01 -65.22
CA GLU A 761 21.29 25.27 -63.98
C GLU A 761 20.07 25.88 -63.26
N VAL A 762 18.93 25.72 -63.94
CA VAL A 762 17.67 26.21 -63.38
C VAL A 762 17.21 25.32 -62.23
N GLN A 763 17.76 24.11 -62.11
CA GLN A 763 17.42 23.23 -61.00
C GLN A 763 17.92 23.78 -59.67
N GLN A 764 19.09 24.42 -59.68
CA GLN A 764 19.61 25.07 -58.48
C GLN A 764 18.95 26.42 -58.24
N ARG A 765 18.41 27.06 -59.29
CA ARG A 765 17.80 28.38 -59.17
C ARG A 765 16.53 28.33 -58.32
N CYS A 766 15.76 27.26 -58.45
CA CYS A 766 14.59 27.04 -57.60
C CYS A 766 14.84 25.98 -56.54
N CYS A 767 16.08 25.54 -56.36
CA CYS A 767 16.44 24.73 -55.20
C CYS A 767 16.52 25.57 -53.94
N GLU A 768 17.40 26.56 -53.93
CA GLU A 768 17.56 27.43 -52.79
C GLU A 768 16.44 28.46 -52.67
N HIS A 769 15.52 28.52 -53.63
CA HIS A 769 14.32 29.33 -53.48
C HIS A 769 13.44 28.79 -52.37
N PHE A 770 13.09 27.51 -52.45
CA PHE A 770 12.29 26.88 -51.40
C PHE A 770 13.10 26.53 -50.16
N MET A 771 14.43 26.42 -50.29
CA MET A 771 15.25 26.04 -49.15
C MET A 771 15.31 27.17 -48.12
N LEU A 772 15.45 28.40 -48.60
CA LEU A 772 15.37 29.53 -47.68
C LEU A 772 13.93 29.81 -47.26
N ALA A 773 12.97 29.49 -48.14
CA ALA A 773 11.56 29.81 -47.87
C ALA A 773 10.99 29.02 -46.71
N LEU A 774 11.43 27.76 -46.54
CA LEU A 774 11.00 27.00 -45.39
C LEU A 774 11.65 27.50 -44.10
N ALA A 775 12.73 28.26 -44.20
CA ALA A 775 13.33 28.93 -43.05
C ALA A 775 12.98 30.41 -42.97
N LEU A 776 12.54 31.02 -44.07
CA LEU A 776 12.12 32.42 -44.03
C LEU A 776 10.74 32.55 -43.40
N CYS A 777 9.74 31.95 -44.02
CA CYS A 777 8.35 32.07 -43.59
C CYS A 777 7.91 30.79 -42.90
N HIS A 778 7.66 30.89 -41.60
CA HIS A 778 7.16 29.80 -40.78
C HIS A 778 6.55 30.42 -39.53
N SER A 779 5.93 29.58 -38.70
CA SER A 779 5.08 30.08 -37.64
C SER A 779 5.90 30.64 -36.48
N VAL A 780 6.87 29.89 -35.99
CA VAL A 780 7.59 30.27 -34.78
C VAL A 780 8.64 31.31 -35.12
N LEU A 781 9.20 31.95 -34.10
CA LEU A 781 10.21 32.98 -34.27
C LEU A 781 11.49 32.52 -33.58
N VAL A 782 12.63 32.83 -34.19
CA VAL A 782 13.92 32.33 -33.73
C VAL A 782 14.34 33.08 -32.47
N GLU A 783 14.19 32.43 -31.33
CA GLU A 783 14.59 33.03 -30.06
C GLU A 783 16.06 32.74 -29.80
N ALA A 784 16.61 33.42 -28.80
CA ALA A 784 18.03 33.41 -28.52
C ALA A 784 18.38 32.48 -27.37
N ASN A 785 19.58 31.92 -27.44
CA ASN A 785 20.13 31.13 -26.34
C ASN A 785 20.80 32.08 -25.35
N PRO A 786 20.40 32.09 -24.07
CA PRO A 786 21.05 33.00 -23.11
C PRO A 786 22.46 32.61 -22.73
N ASP A 787 22.82 31.33 -22.85
CA ASP A 787 24.18 30.91 -22.50
C ASP A 787 25.20 31.42 -23.52
N ASN A 788 24.90 31.24 -24.81
CA ASN A 788 25.77 31.74 -25.86
C ASN A 788 24.97 32.42 -26.97
N PRO A 789 25.38 33.61 -27.40
CA PRO A 789 24.65 34.29 -28.49
C PRO A 789 24.87 33.66 -29.85
N LYS A 790 25.94 32.88 -30.02
CA LYS A 790 26.23 32.27 -31.32
C LYS A 790 25.25 31.15 -31.66
N LYS A 791 24.68 30.50 -30.65
CA LYS A 791 23.75 29.41 -30.85
C LYS A 791 22.33 29.94 -30.74
N LEU A 792 21.42 29.35 -31.51
CA LEU A 792 20.03 29.78 -31.52
C LEU A 792 19.14 28.57 -31.25
N ASP A 793 18.38 28.64 -30.18
CA ASP A 793 17.38 27.62 -29.90
C ASP A 793 16.05 27.96 -30.53
N LEU A 794 15.22 26.94 -30.75
CA LEU A 794 13.95 27.08 -31.44
C LEU A 794 12.88 26.32 -30.68
N LYS A 795 11.88 27.03 -30.17
CA LYS A 795 10.72 26.41 -29.56
C LYS A 795 9.56 26.39 -30.56
N ALA A 796 8.70 25.39 -30.41
CA ALA A 796 7.56 25.21 -31.30
C ALA A 796 6.51 24.35 -30.63
N GLN A 797 5.26 24.56 -31.05
CA GLN A 797 4.19 23.63 -30.74
C GLN A 797 3.95 22.63 -31.86
N SER A 798 4.37 22.96 -33.09
CA SER A 798 4.40 22.01 -34.18
C SER A 798 5.83 21.57 -34.39
N PRO A 799 6.21 20.35 -34.00
CA PRO A 799 7.62 19.96 -34.05
C PRO A 799 8.15 19.76 -35.46
N ASP A 800 7.29 19.57 -36.45
CA ASP A 800 7.76 19.42 -37.83
C ASP A 800 8.23 20.75 -38.41
N GLU A 801 7.63 21.85 -37.98
CA GLU A 801 7.95 23.14 -38.59
C GLU A 801 9.26 23.69 -38.07
N ALA A 802 9.61 23.41 -36.82
CA ALA A 802 10.94 23.73 -36.32
C ALA A 802 11.99 22.69 -36.70
N ALA A 803 11.57 21.58 -37.30
CA ALA A 803 12.54 20.65 -37.86
C ALA A 803 13.13 21.18 -39.16
N LEU A 804 12.35 21.97 -39.91
CA LEU A 804 12.82 22.56 -41.14
C LEU A 804 13.80 23.69 -40.87
N VAL A 805 13.46 24.56 -39.93
CA VAL A 805 14.22 25.79 -39.71
C VAL A 805 15.56 25.47 -39.04
N ALA A 806 15.57 24.49 -38.14
CA ALA A 806 16.82 24.11 -37.48
C ALA A 806 17.77 23.39 -38.44
N THR A 807 17.24 22.75 -39.47
CA THR A 807 18.09 22.10 -40.45
C THR A 807 18.62 23.08 -41.48
N ALA A 808 17.77 23.99 -41.97
CA ALA A 808 18.15 24.94 -43.01
C ALA A 808 19.21 25.93 -42.55
N ARG A 809 19.34 26.17 -41.25
CA ARG A 809 20.51 26.86 -40.74
C ARG A 809 21.76 26.03 -40.93
N ASP A 810 21.68 24.74 -40.62
CA ASP A 810 22.80 23.81 -40.73
C ASP A 810 23.02 23.32 -42.15
N VAL A 811 22.06 23.53 -43.06
CA VAL A 811 22.28 23.21 -44.47
C VAL A 811 23.33 24.14 -45.06
N GLY A 812 23.21 25.42 -44.78
CA GLY A 812 24.09 26.42 -45.34
C GLY A 812 23.41 27.77 -45.31
N PHE A 813 24.23 28.81 -45.48
CA PHE A 813 23.84 30.22 -45.31
C PHE A 813 23.23 30.44 -43.92
N SER A 814 24.12 30.31 -42.93
CA SER A 814 23.78 30.19 -41.51
C SER A 814 22.91 31.33 -41.00
N PHE A 815 21.66 31.01 -40.69
CA PHE A 815 20.68 31.98 -40.25
C PHE A 815 20.79 32.18 -38.73
N VAL A 816 20.70 33.43 -38.30
CA VAL A 816 20.89 33.77 -36.89
C VAL A 816 19.68 34.53 -36.36
N GLY A 817 19.32 35.62 -37.02
CA GLY A 817 18.34 36.53 -36.46
C GLY A 817 17.06 36.67 -37.26
N LYS A 818 15.94 36.27 -36.65
CA LYS A 818 14.60 36.47 -37.19
C LYS A 818 13.93 37.53 -36.31
N THR A 819 14.05 38.78 -36.73
CA THR A 819 13.60 39.92 -35.96
C THR A 819 12.50 40.63 -36.76
N LYS A 820 11.60 41.33 -36.05
CA LYS A 820 10.67 42.23 -36.71
C LYS A 820 11.36 43.46 -37.28
N LYS A 821 12.57 43.77 -36.81
CA LYS A 821 13.43 44.72 -37.51
C LYS A 821 13.83 44.19 -38.88
N GLY A 822 14.12 42.90 -38.97
CA GLY A 822 14.37 42.30 -40.27
C GLY A 822 15.12 40.99 -40.15
N LEU A 823 15.33 40.37 -41.31
CA LEU A 823 15.98 39.07 -41.42
C LEU A 823 17.14 39.21 -42.39
N ILE A 824 18.37 39.02 -41.89
CA ILE A 824 19.57 39.40 -42.63
C ILE A 824 19.99 38.30 -43.60
N ILE A 825 20.68 38.71 -44.66
CA ILE A 825 21.44 37.84 -45.54
C ILE A 825 22.79 38.51 -45.76
N GLU A 826 23.87 37.80 -45.44
CA GLU A 826 25.19 38.41 -45.45
C GLU A 826 25.69 38.66 -46.87
N MET A 827 26.17 39.88 -47.09
CA MET A 827 26.75 40.36 -48.35
C MET A 827 27.41 41.70 -48.07
N GLN A 828 28.64 41.88 -48.61
CA GLN A 828 29.35 43.16 -48.75
C GLN A 828 29.87 43.70 -47.41
N GLY A 829 29.50 43.08 -46.29
CA GLY A 829 29.76 43.63 -44.99
C GLY A 829 28.72 44.61 -44.51
N ILE A 830 27.71 44.90 -45.31
CA ILE A 830 26.60 45.76 -44.92
C ILE A 830 25.39 44.87 -44.66
N GLN A 831 24.49 45.33 -43.80
CA GLN A 831 23.39 44.51 -43.31
C GLN A 831 22.29 44.46 -44.38
N LYS A 832 22.48 43.57 -45.35
CA LYS A 832 21.43 43.26 -46.31
C LYS A 832 20.38 42.40 -45.63
N GLU A 833 19.13 42.85 -45.65
CA GLU A 833 18.17 42.38 -44.67
C GLU A 833 16.77 42.34 -45.29
N PHE A 834 16.06 41.24 -45.08
CA PHE A 834 14.73 41.02 -45.60
C PHE A 834 13.69 41.14 -44.48
N GLU A 835 12.41 41.05 -44.86
CA GLU A 835 11.30 41.25 -43.95
C GLU A 835 10.08 40.54 -44.53
N ILE A 836 9.15 40.18 -43.66
CA ILE A 836 7.86 39.64 -44.05
C ILE A 836 6.76 40.63 -43.68
N LEU A 837 5.63 40.56 -44.41
CA LEU A 837 4.46 41.34 -44.03
C LEU A 837 3.70 40.69 -42.89
N ASN A 838 3.14 39.51 -43.12
CA ASN A 838 2.14 38.92 -42.25
C ASN A 838 2.41 37.43 -42.13
N ILE A 839 1.42 36.70 -41.62
CA ILE A 839 1.50 35.26 -41.41
C ILE A 839 0.15 34.65 -41.77
N LEU A 840 0.19 33.42 -42.26
CA LEU A 840 -1.01 32.61 -42.47
C LEU A 840 -0.85 31.35 -41.64
N GLU A 841 -1.80 31.10 -40.75
CA GLU A 841 -1.62 30.07 -39.74
C GLU A 841 -1.96 28.69 -40.27
N PHE A 842 -1.09 27.73 -39.99
CA PHE A 842 -1.40 26.33 -40.24
C PHE A 842 -2.40 25.84 -39.21
N ASN A 843 -3.50 25.26 -39.67
CA ASN A 843 -4.53 24.74 -38.80
C ASN A 843 -5.01 23.39 -39.34
N SER A 844 -5.54 22.57 -38.43
CA SER A 844 -6.09 21.28 -38.83
C SER A 844 -7.40 21.41 -39.60
N SER A 845 -8.08 22.55 -39.48
CA SER A 845 -9.22 22.84 -40.34
C SER A 845 -8.78 23.37 -41.69
N ARG A 846 -7.56 23.91 -41.79
CA ARG A 846 -6.98 24.39 -43.03
C ARG A 846 -6.11 23.34 -43.71
N LYS A 847 -5.35 22.58 -42.92
CA LYS A 847 -4.45 21.48 -43.28
C LYS A 847 -3.26 21.92 -44.13
N ARG A 848 -3.09 23.22 -44.40
CA ARG A 848 -2.00 23.73 -45.22
C ARG A 848 -1.54 25.07 -44.66
N MET A 849 -0.46 25.59 -45.25
CA MET A 849 0.14 26.83 -44.77
C MET A 849 0.65 27.65 -45.94
N SER A 850 0.35 28.95 -45.91
CA SER A 850 0.96 29.94 -46.79
C SER A 850 1.53 31.04 -45.92
N CYS A 851 1.89 32.18 -46.51
CA CYS A 851 2.34 33.33 -45.75
C CYS A 851 1.94 34.59 -46.50
N ILE A 852 2.40 35.74 -45.99
CA ILE A 852 2.41 37.00 -46.73
C ILE A 852 3.79 37.60 -46.52
N VAL A 853 4.63 37.56 -47.56
CA VAL A 853 6.05 37.89 -47.46
C VAL A 853 6.31 39.16 -48.26
N LYS A 854 7.35 39.90 -47.88
CA LYS A 854 7.80 41.08 -48.60
C LYS A 854 8.93 40.71 -49.55
N ILE A 855 8.73 40.96 -50.84
CA ILE A 855 9.78 40.87 -51.85
C ILE A 855 9.92 42.26 -52.46
N PRO A 856 11.09 42.89 -52.39
CA PRO A 856 11.22 44.30 -52.78
C PRO A 856 11.24 44.49 -54.29
N GLY A 857 11.16 45.75 -54.68
CA GLY A 857 11.41 46.14 -56.06
C GLY A 857 12.87 46.51 -56.26
N LEU A 858 13.64 45.55 -56.77
CA LEU A 858 15.10 45.66 -56.79
C LEU A 858 15.65 46.45 -57.97
N ASN A 859 14.82 46.83 -58.94
CA ASN A 859 15.37 47.63 -60.03
C ASN A 859 14.75 49.03 -60.07
N PRO A 860 15.53 50.05 -60.43
CA PRO A 860 14.97 51.40 -60.53
C PRO A 860 14.09 51.56 -61.77
N GLY A 861 13.02 52.34 -61.62
CA GLY A 861 12.11 52.61 -62.71
C GLY A 861 11.17 51.48 -63.07
N ASP A 862 11.12 50.44 -62.25
CA ASP A 862 10.27 49.28 -62.54
C ASP A 862 9.94 48.59 -61.22
N GLU A 863 8.77 47.97 -61.18
CA GLU A 863 8.37 47.13 -60.05
C GLU A 863 8.23 45.70 -60.53
N PRO A 864 9.14 44.79 -60.16
CA PRO A 864 9.03 43.40 -60.63
C PRO A 864 7.94 42.61 -59.92
N ARG A 865 7.89 41.31 -60.20
CA ARG A 865 6.78 40.46 -59.81
C ARG A 865 7.22 39.48 -58.71
N ALA A 866 6.34 39.27 -57.73
CA ALA A 866 6.58 38.38 -56.62
C ALA A 866 5.77 37.09 -56.79
N LEU A 867 5.93 36.18 -55.83
CA LEU A 867 5.25 34.89 -55.83
C LEU A 867 5.14 34.40 -54.39
N LEU A 868 4.13 33.57 -54.12
CA LEU A 868 3.76 33.20 -52.76
C LEU A 868 3.89 31.69 -52.57
N ILE A 869 4.04 31.28 -51.31
CA ILE A 869 4.42 29.92 -50.95
C ILE A 869 3.18 29.12 -50.55
N CYS A 870 3.27 27.79 -50.70
CA CYS A 870 2.24 26.85 -50.26
C CYS A 870 2.91 25.55 -49.83
N LYS A 871 2.38 24.94 -48.76
CA LYS A 871 2.93 23.69 -48.24
C LYS A 871 1.87 22.99 -47.40
N GLY A 872 2.09 21.71 -47.14
CA GLY A 872 1.22 20.97 -46.25
C GLY A 872 1.13 19.51 -46.64
N ALA A 873 -0.03 18.91 -46.35
CA ALA A 873 -0.31 17.51 -46.61
C ALA A 873 -0.89 17.33 -48.01
N ASP A 874 -0.75 16.11 -48.54
CA ASP A 874 -0.91 15.83 -49.96
C ASP A 874 -2.34 15.43 -50.35
N SER A 875 -3.35 15.95 -49.65
CA SER A 875 -4.72 15.59 -49.96
C SER A 875 -5.18 16.21 -51.29
N ILE A 876 -5.05 17.54 -51.42
CA ILE A 876 -5.49 18.25 -52.61
C ILE A 876 -4.32 18.71 -53.48
N ILE A 877 -3.08 18.43 -53.05
CA ILE A 877 -1.90 18.90 -53.75
C ILE A 877 -1.72 18.20 -55.09
N TYR A 878 -1.83 16.87 -55.10
CA TYR A 878 -1.65 16.12 -56.35
C TYR A 878 -2.85 16.23 -57.27
N SER A 879 -3.99 16.66 -56.74
CA SER A 879 -5.23 16.66 -57.51
C SER A 879 -5.32 17.83 -58.47
N ARG A 880 -4.90 19.02 -58.05
CA ARG A 880 -4.91 20.18 -58.93
C ARG A 880 -3.70 20.08 -59.87
N LEU A 881 -3.96 19.84 -61.15
CA LEU A 881 -2.89 19.68 -62.12
C LEU A 881 -2.37 21.03 -62.58
N SER A 882 -1.18 21.01 -63.18
CA SER A 882 -0.55 22.21 -63.71
C SER A 882 -0.37 22.05 -65.22
N ARG A 883 -0.92 22.99 -65.99
CA ARG A 883 -0.85 22.96 -67.44
C ARG A 883 -0.46 24.29 -68.06
N GLN A 884 -0.37 25.37 -67.28
CA GLN A 884 -0.08 26.70 -67.83
C GLN A 884 1.25 27.28 -67.37
N SER A 885 1.82 26.80 -66.28
CA SER A 885 3.08 27.32 -65.77
C SER A 885 4.26 26.64 -66.48
N GLY A 886 5.46 27.02 -66.06
CA GLY A 886 6.66 26.39 -66.61
C GLY A 886 6.95 25.02 -66.06
N SER A 887 6.38 24.68 -64.90
CA SER A 887 6.52 23.37 -64.28
C SER A 887 5.20 22.64 -64.43
N ASN A 888 5.14 21.68 -65.34
CA ASN A 888 3.94 20.92 -65.64
C ASN A 888 4.07 19.49 -65.15
N SER A 889 2.95 18.77 -65.19
CA SER A 889 2.97 17.33 -64.95
C SER A 889 3.67 16.65 -66.12
N GLU A 890 4.86 16.13 -65.86
CA GLU A 890 5.74 15.63 -66.91
C GLU A 890 6.53 14.48 -66.31
N ALA A 891 7.67 14.15 -66.93
CA ALA A 891 8.55 13.09 -66.42
C ALA A 891 9.16 13.41 -65.07
N ILE A 892 9.11 14.67 -64.62
CA ILE A 892 9.58 15.04 -63.29
C ILE A 892 8.49 14.84 -62.25
N LEU A 893 7.31 15.41 -62.48
CA LEU A 893 6.34 15.66 -61.42
C LEU A 893 5.70 14.40 -60.88
N GLU A 894 5.63 13.33 -61.67
CA GLU A 894 4.99 12.13 -61.18
C GLU A 894 5.95 11.22 -60.42
N LYS A 895 7.21 11.14 -60.83
CA LYS A 895 8.15 10.30 -60.11
C LYS A 895 8.66 10.97 -58.84
N THR A 896 8.61 12.30 -58.75
CA THR A 896 8.86 12.96 -57.48
C THR A 896 7.69 12.77 -56.53
N ALA A 897 6.47 12.70 -57.07
CA ALA A 897 5.35 12.21 -56.26
C ALA A 897 5.58 10.77 -55.85
N LEU A 898 6.15 9.95 -56.76
CA LEU A 898 6.61 8.63 -56.38
C LEU A 898 7.78 8.70 -55.41
N HIS A 899 8.64 9.71 -55.54
CA HIS A 899 9.68 9.91 -54.53
C HIS A 899 9.11 10.45 -53.22
N LEU A 900 7.89 10.98 -53.24
CA LEU A 900 7.14 11.21 -52.01
C LEU A 900 6.21 10.06 -51.66
N GLU A 901 5.88 9.20 -52.62
CA GLU A 901 5.23 7.93 -52.30
C GLU A 901 6.21 6.94 -51.72
N GLN A 902 7.49 7.03 -52.09
CA GLN A 902 8.49 6.12 -51.55
C GLN A 902 8.82 6.45 -50.11
N TYR A 903 8.67 7.71 -49.71
CA TYR A 903 9.03 8.13 -48.36
C TYR A 903 8.12 7.53 -47.31
N ALA A 904 6.85 7.30 -47.63
CA ALA A 904 5.98 6.61 -46.69
C ALA A 904 6.32 5.13 -46.61
N THR A 905 6.86 4.55 -47.68
CA THR A 905 7.20 3.13 -47.68
C THR A 905 8.42 2.86 -46.80
N GLU A 906 9.28 3.85 -46.62
CA GLU A 906 10.32 3.78 -45.61
C GLU A 906 9.94 4.55 -44.36
N GLY A 907 8.68 4.98 -44.25
CA GLY A 907 8.12 5.46 -42.99
C GLY A 907 8.51 6.86 -42.57
N LEU A 908 8.20 7.85 -43.39
CA LEU A 908 8.52 9.23 -43.08
C LEU A 908 7.27 10.09 -43.24
N ARG A 909 7.24 11.20 -42.50
CA ARG A 909 6.14 12.15 -42.55
C ARG A 909 6.26 12.94 -43.85
N THR A 910 5.48 12.55 -44.85
CA THR A 910 5.58 13.14 -46.18
C THR A 910 4.94 14.53 -46.18
N LEU A 911 5.77 15.55 -46.22
CA LEU A 911 5.34 16.92 -46.40
C LEU A 911 5.72 17.38 -47.80
N CYS A 912 4.98 18.35 -48.34
CA CYS A 912 5.27 18.86 -49.67
C CYS A 912 5.48 20.37 -49.60
N ILE A 913 6.02 20.90 -50.69
CA ILE A 913 6.20 22.34 -50.86
C ILE A 913 5.75 22.70 -52.27
N ALA A 914 5.07 23.83 -52.41
CA ALA A 914 4.46 24.20 -53.68
C ALA A 914 4.49 25.71 -53.83
N GLN A 915 3.89 26.19 -54.92
CA GLN A 915 3.95 27.60 -55.27
C GLN A 915 2.61 28.03 -55.86
N ARG A 916 2.47 29.34 -56.03
CA ARG A 916 1.18 29.99 -56.27
C ARG A 916 1.26 30.85 -57.53
N GLU A 917 0.11 31.06 -58.17
CA GLU A 917 -0.04 31.99 -59.27
C GLU A 917 -0.98 33.10 -58.83
N LEU A 918 -0.86 34.27 -59.45
CA LEU A 918 -1.66 35.43 -59.08
C LEU A 918 -1.92 36.23 -60.34
N SER A 919 -2.29 37.50 -60.17
CA SER A 919 -2.29 38.49 -61.23
C SER A 919 -1.46 39.69 -60.79
N TRP A 920 -1.02 40.49 -61.76
CA TRP A 920 -0.12 41.60 -61.46
C TRP A 920 -0.86 42.77 -60.82
N SER A 921 -1.99 43.17 -61.41
CA SER A 921 -2.78 44.27 -60.88
C SER A 921 -3.68 43.84 -59.72
N GLU A 922 -3.87 42.54 -59.53
CA GLU A 922 -4.65 42.02 -58.41
C GLU A 922 -3.77 41.79 -57.19
N TYR A 923 -2.46 42.03 -57.30
CA TYR A 923 -1.53 41.88 -56.17
C TYR A 923 -1.88 42.82 -55.02
N GLU A 924 -2.39 44.01 -55.34
CA GLU A 924 -2.92 44.87 -54.29
C GLU A 924 -4.37 44.53 -53.95
N LYS A 925 -5.14 44.08 -54.95
CA LYS A 925 -6.54 43.69 -54.73
C LYS A 925 -6.66 42.41 -53.91
N TRP A 926 -5.61 41.56 -53.91
CA TRP A 926 -5.63 40.31 -53.14
C TRP A 926 -5.53 40.57 -51.65
N ASN A 927 -5.03 41.74 -51.24
CA ASN A 927 -4.86 42.06 -49.84
C ASN A 927 -5.75 43.21 -49.36
N GLU A 928 -6.54 43.81 -50.25
CA GLU A 928 -7.39 44.93 -49.83
C GLU A 928 -8.71 44.47 -49.22
N LYS A 929 -9.15 43.25 -49.51
CA LYS A 929 -10.33 42.69 -48.87
C LYS A 929 -9.98 41.85 -47.63
N TYR A 930 -8.70 41.58 -47.41
CA TYR A 930 -8.30 40.73 -46.28
C TYR A 930 -8.39 41.45 -44.94
N ASP A 931 -8.21 42.77 -44.93
CA ASP A 931 -8.28 43.48 -43.66
C ASP A 931 -9.71 43.59 -43.15
N ILE A 932 -10.70 43.52 -44.02
CA ILE A 932 -12.08 43.72 -43.63
C ILE A 932 -12.82 42.38 -43.50
N ALA A 933 -12.40 41.37 -44.25
CA ALA A 933 -13.10 40.10 -44.29
C ALA A 933 -12.34 38.94 -43.67
N ALA A 934 -11.04 39.06 -43.45
CA ALA A 934 -10.25 37.94 -42.94
C ALA A 934 -9.63 38.22 -41.58
N ALA A 935 -9.01 39.38 -41.41
CA ALA A 935 -8.30 39.69 -40.16
C ALA A 935 -9.15 40.39 -39.13
N SER A 936 -10.26 41.03 -39.54
CA SER A 936 -11.01 41.87 -38.61
C SER A 936 -11.87 41.04 -37.66
N LEU A 937 -12.81 40.25 -38.20
CA LEU A 937 -13.69 39.45 -37.36
C LEU A 937 -13.88 38.02 -37.82
N ALA A 938 -13.64 37.71 -39.10
CA ALA A 938 -14.06 36.45 -39.69
C ALA A 938 -12.89 35.51 -39.96
N ASN A 939 -11.93 35.48 -39.04
CA ASN A 939 -10.80 34.58 -39.18
C ASN A 939 -11.18 33.13 -38.86
N ARG A 940 -11.80 32.90 -37.70
CA ARG A 940 -12.20 31.55 -37.31
C ARG A 940 -13.39 31.05 -38.10
N GLU A 941 -14.13 31.94 -38.76
CA GLU A 941 -15.24 31.56 -39.61
C GLU A 941 -14.73 31.06 -40.96
N ASP A 942 -15.64 30.56 -41.78
CA ASP A 942 -15.26 29.84 -42.99
C ASP A 942 -15.21 30.80 -44.18
N GLU A 943 -14.17 31.64 -44.18
CA GLU A 943 -13.78 32.42 -45.33
C GLU A 943 -12.35 32.16 -45.78
N LEU A 944 -11.46 31.79 -44.86
CA LEU A 944 -10.06 31.58 -45.20
C LEU A 944 -9.86 30.35 -46.07
N GLU A 945 -10.74 29.35 -45.93
CA GLU A 945 -10.73 28.22 -46.85
C GLU A 945 -11.42 28.58 -48.17
N VAL A 946 -12.40 29.48 -48.13
CA VAL A 946 -13.12 29.87 -49.33
C VAL A 946 -12.23 30.72 -50.23
N VAL A 947 -11.42 31.60 -49.64
CA VAL A 947 -10.53 32.43 -50.44
C VAL A 947 -9.29 31.65 -50.88
N ALA A 948 -8.96 30.56 -50.20
CA ALA A 948 -7.89 29.67 -50.61
C ALA A 948 -8.36 28.59 -51.59
N ASP A 949 -9.56 28.73 -52.13
CA ASP A 949 -10.07 27.86 -53.17
C ASP A 949 -10.57 28.62 -54.39
N SER A 950 -10.83 29.92 -54.25
CA SER A 950 -11.52 30.68 -55.30
C SER A 950 -10.61 30.93 -56.49
N ILE A 951 -9.49 31.64 -56.28
CA ILE A 951 -8.61 31.96 -57.39
C ILE A 951 -7.70 30.78 -57.72
N GLU A 952 -7.10 30.15 -56.70
CA GLU A 952 -6.37 28.90 -56.93
C GLU A 952 -7.36 27.77 -57.13
N ARG A 953 -7.80 27.64 -58.39
CA ARG A 953 -8.54 26.47 -58.84
C ARG A 953 -7.60 25.38 -59.31
N GLU A 954 -6.42 25.76 -59.82
CA GLU A 954 -5.33 24.84 -60.11
C GLU A 954 -4.10 25.29 -59.33
N LEU A 955 -3.24 24.33 -59.00
CA LEU A 955 -2.15 24.54 -58.06
C LEU A 955 -0.86 24.01 -58.66
N ILE A 956 0.24 24.71 -58.40
CA ILE A 956 1.52 24.45 -59.05
C ILE A 956 2.43 23.74 -58.04
N LEU A 957 2.79 22.49 -58.34
CA LEU A 957 3.62 21.68 -57.45
C LEU A 957 5.04 21.55 -57.98
N LEU A 958 6.02 21.70 -57.09
CA LEU A 958 7.43 21.50 -57.43
C LEU A 958 8.06 20.35 -56.69
N GLY A 959 8.07 20.36 -55.35
CA GLY A 959 8.84 19.38 -54.60
C GLY A 959 8.27 19.00 -53.25
N GLY A 960 9.06 18.29 -52.45
CA GLY A 960 8.58 17.81 -51.17
C GLY A 960 9.69 17.67 -50.15
N THR A 961 9.30 17.69 -48.88
CA THR A 961 10.21 17.62 -47.76
C THR A 961 9.85 16.43 -46.87
N ALA A 962 10.84 15.60 -46.55
CA ALA A 962 10.62 14.40 -45.78
C ALA A 962 11.00 14.62 -44.32
N ILE A 963 10.12 14.22 -43.42
CA ILE A 963 10.30 14.40 -41.99
C ILE A 963 10.28 13.03 -41.33
N GLU A 964 11.27 12.75 -40.49
CA GLU A 964 11.40 11.43 -39.88
C GLU A 964 11.46 11.56 -38.37
N ASP A 965 10.93 10.54 -37.68
CA ASP A 965 10.84 10.52 -36.22
C ASP A 965 11.64 9.35 -35.69
N ARG A 966 12.61 9.64 -34.83
CA ARG A 966 13.35 8.59 -34.16
C ARG A 966 12.49 7.88 -33.13
N LEU A 967 13.03 6.81 -32.58
CA LEU A 967 12.42 6.19 -31.41
C LEU A 967 12.99 6.82 -30.15
N GLN A 968 12.29 6.59 -29.03
CA GLN A 968 12.89 6.87 -27.75
C GLN A 968 13.97 5.82 -27.46
N ASP A 969 14.73 6.07 -26.42
CA ASP A 969 15.88 5.23 -26.13
C ASP A 969 15.41 3.90 -25.54
N GLY A 970 15.95 2.80 -26.06
CA GLY A 970 15.70 1.49 -25.49
C GLY A 970 14.30 0.93 -25.67
N VAL A 971 13.48 1.54 -26.51
CA VAL A 971 12.14 1.03 -26.81
C VAL A 971 12.13 -0.32 -27.53
N PRO A 972 12.94 -0.61 -28.57
CA PRO A 972 12.90 -1.98 -29.13
C PRO A 972 13.48 -3.04 -28.20
N ASP A 973 14.15 -2.65 -27.11
CA ASP A 973 14.53 -3.63 -26.11
C ASP A 973 13.46 -3.76 -25.03
N CYS A 974 12.83 -2.64 -24.67
CA CYS A 974 11.76 -2.66 -23.67
C CYS A 974 10.54 -3.43 -24.15
N ILE A 975 10.14 -3.22 -25.40
CA ILE A 975 9.02 -3.97 -25.98
C ILE A 975 9.36 -5.44 -26.11
N GLU A 976 10.61 -5.75 -26.45
CA GLU A 976 11.11 -7.12 -26.40
C GLU A 976 11.08 -7.67 -24.99
N LEU A 977 11.25 -6.81 -23.98
CA LEU A 977 11.31 -7.26 -22.61
C LEU A 977 9.92 -7.47 -22.03
N LEU A 978 8.98 -6.57 -22.33
CA LEU A 978 7.64 -6.64 -21.77
C LEU A 978 6.77 -7.68 -22.46
N ALA A 979 6.94 -7.90 -23.76
CA ALA A 979 6.06 -8.82 -24.46
C ALA A 979 6.42 -10.28 -24.24
N GLU A 980 7.60 -10.56 -23.70
CA GLU A 980 7.91 -11.93 -23.29
C GLU A 980 7.57 -12.18 -21.83
N ALA A 981 7.30 -11.14 -21.06
CA ALA A 981 6.85 -11.30 -19.69
C ALA A 981 5.39 -11.71 -19.61
N GLY A 982 4.67 -11.74 -20.72
CA GLY A 982 3.30 -12.16 -20.73
C GLY A 982 2.28 -11.07 -21.00
N ILE A 983 2.73 -9.88 -21.37
CA ILE A 983 1.86 -8.73 -21.45
C ILE A 983 1.53 -8.50 -22.92
N LYS A 984 0.30 -8.81 -23.30
CA LYS A 984 -0.18 -8.49 -24.65
C LYS A 984 -0.33 -6.99 -24.77
N LEU A 985 0.55 -6.34 -25.52
CA LEU A 985 0.55 -4.89 -25.61
C LEU A 985 -0.04 -4.43 -26.93
N TRP A 986 -0.92 -3.45 -26.88
CA TRP A 986 -1.62 -2.96 -28.05
C TRP A 986 -1.16 -1.55 -28.33
N VAL A 987 -0.85 -1.24 -29.58
CA VAL A 987 -0.39 0.09 -29.96
C VAL A 987 -1.58 0.83 -30.56
N LEU A 988 -2.06 1.84 -29.86
CA LEU A 988 -3.16 2.68 -30.33
C LEU A 988 -2.53 3.96 -30.86
N THR A 989 -2.38 4.05 -32.18
CA THR A 989 -1.65 5.15 -32.79
C THR A 989 -2.57 6.11 -33.51
N GLY A 990 -1.98 7.22 -33.97
CA GLY A 990 -2.66 8.22 -34.77
C GLY A 990 -2.09 8.29 -36.17
N ASP A 991 -1.86 7.13 -36.76
CA ASP A 991 -1.06 6.98 -37.97
C ASP A 991 -1.78 6.01 -38.90
N LYS A 992 -1.37 5.98 -40.17
CA LYS A 992 -1.93 5.03 -41.14
C LYS A 992 -1.22 3.67 -41.00
N VAL A 993 -1.43 2.79 -41.98
CA VAL A 993 -1.01 1.41 -41.83
C VAL A 993 0.50 1.27 -42.01
N GLU A 994 1.01 1.64 -43.18
CA GLU A 994 2.33 1.18 -43.62
C GLU A 994 3.49 1.98 -43.02
N THR A 995 3.24 2.95 -42.14
CA THR A 995 4.29 3.49 -41.29
C THR A 995 3.96 3.39 -39.81
N ALA A 996 2.93 2.61 -39.46
CA ALA A 996 2.78 2.07 -38.12
C ALA A 996 3.11 0.60 -38.06
N ILE A 997 2.93 -0.14 -39.14
CA ILE A 997 3.45 -1.50 -39.21
C ILE A 997 4.92 -1.49 -39.61
N ASN A 998 5.40 -0.38 -40.18
CA ASN A 998 6.83 -0.24 -40.43
C ASN A 998 7.59 -0.15 -39.11
N ILE A 999 7.12 0.65 -38.17
CA ILE A 999 7.76 0.69 -36.86
C ILE A 999 7.40 -0.55 -36.05
N GLY A 1000 6.29 -1.21 -36.38
CA GLY A 1000 5.90 -2.44 -35.71
C GLY A 1000 6.88 -3.58 -35.89
N PHE A 1001 7.68 -3.55 -36.96
CA PHE A 1001 8.84 -4.41 -37.08
C PHE A 1001 10.12 -3.75 -36.62
N SER A 1002 10.14 -2.42 -36.49
CA SER A 1002 11.35 -1.76 -36.02
C SER A 1002 11.54 -1.94 -34.53
N CYS A 1003 10.49 -1.74 -33.75
CA CYS A 1003 10.51 -1.95 -32.30
C CYS A 1003 9.91 -3.30 -31.92
N ASN A 1004 10.13 -4.30 -32.78
CA ASN A 1004 10.00 -5.75 -32.60
C ASN A 1004 8.85 -6.26 -31.73
N LEU A 1005 7.66 -5.66 -31.89
CA LEU A 1005 6.46 -6.30 -31.37
C LEU A 1005 5.79 -7.17 -32.42
N LEU A 1006 5.96 -6.85 -33.69
CA LEU A 1006 5.64 -7.75 -34.79
C LEU A 1006 6.94 -8.38 -35.25
N ASN A 1007 6.97 -9.69 -35.31
CA ASN A 1007 8.17 -10.30 -35.87
C ASN A 1007 7.90 -11.34 -36.95
N ASN A 1008 6.85 -12.15 -36.80
CA ASN A 1008 6.63 -13.25 -37.74
C ASN A 1008 5.26 -13.21 -38.41
N GLU A 1009 4.18 -13.05 -37.66
CA GLU A 1009 2.83 -13.23 -38.19
C GLU A 1009 2.09 -11.91 -38.28
N MET A 1010 1.48 -11.66 -39.43
CA MET A 1010 0.52 -10.57 -39.63
C MET A 1010 -0.30 -10.93 -40.85
N GLU A 1011 -1.61 -10.94 -40.73
CA GLU A 1011 -2.46 -11.37 -41.84
C GLU A 1011 -2.68 -10.22 -42.82
N LEU A 1012 -2.61 -10.54 -44.11
CA LEU A 1012 -2.81 -9.54 -45.14
C LEU A 1012 -4.30 -9.28 -45.28
N LEU A 1013 -4.71 -8.05 -44.99
CA LEU A 1013 -6.11 -7.67 -44.92
C LEU A 1013 -6.43 -6.62 -45.97
N VAL A 1014 -7.49 -6.85 -46.74
CA VAL A 1014 -7.97 -5.92 -47.73
C VAL A 1014 -9.40 -5.57 -47.34
N ILE A 1015 -9.57 -4.44 -46.64
CA ILE A 1015 -10.91 -4.04 -46.24
C ILE A 1015 -11.68 -3.46 -47.43
N LYS A 1016 -11.00 -2.69 -48.30
CA LYS A 1016 -11.44 -2.11 -49.57
C LYS A 1016 -12.84 -1.50 -49.58
N THR A 1017 -13.29 -0.95 -48.46
CA THR A 1017 -14.61 -0.35 -48.38
C THR A 1017 -14.56 1.16 -48.32
N THR A 1018 -15.70 1.78 -48.66
CA THR A 1018 -15.86 3.23 -48.56
C THR A 1018 -17.24 3.62 -48.04
N GLY A 1019 -17.98 2.69 -47.44
CA GLY A 1019 -19.34 2.92 -47.01
C GLY A 1019 -19.50 3.07 -45.51
N ASP A 1020 -20.76 3.33 -45.13
CA ASP A 1020 -21.17 3.48 -43.74
C ASP A 1020 -22.38 2.59 -43.46
N ASP A 1021 -22.88 2.67 -42.23
CA ASP A 1021 -23.93 1.78 -41.72
C ASP A 1021 -25.01 2.62 -41.06
N VAL A 1022 -26.00 3.05 -41.84
CA VAL A 1022 -27.14 3.78 -41.31
C VAL A 1022 -28.29 2.86 -40.92
N LYS A 1023 -28.15 1.56 -41.16
CA LYS A 1023 -29.17 0.58 -40.85
C LYS A 1023 -28.70 -0.37 -39.76
N GLU A 1024 -29.65 -0.83 -38.94
CA GLU A 1024 -29.33 -1.74 -37.85
C GLU A 1024 -30.28 -2.94 -37.86
N PHE A 1025 -31.50 -2.72 -38.35
CA PHE A 1025 -32.57 -3.73 -38.28
C PHE A 1025 -32.65 -4.44 -39.62
N GLY A 1026 -32.03 -5.62 -39.71
CA GLY A 1026 -32.15 -6.47 -40.86
C GLY A 1026 -31.30 -6.04 -42.04
N SER A 1027 -31.33 -6.88 -43.08
CA SER A 1027 -30.62 -6.70 -44.35
C SER A 1027 -29.11 -6.52 -44.14
N GLU A 1028 -28.51 -7.52 -43.48
CA GLU A 1028 -27.07 -7.55 -43.26
C GLU A 1028 -26.27 -8.05 -44.48
N PRO A 1029 -26.67 -9.09 -45.22
CA PRO A 1029 -25.93 -9.39 -46.47
C PRO A 1029 -26.24 -8.43 -47.61
N SER A 1030 -27.18 -7.49 -47.45
CA SER A 1030 -27.48 -6.56 -48.53
C SER A 1030 -26.50 -5.38 -48.56
N GLU A 1031 -25.85 -5.07 -47.44
CA GLU A 1031 -24.99 -3.90 -47.37
C GLU A 1031 -23.53 -4.33 -47.48
N ILE A 1032 -22.71 -3.44 -48.03
CA ILE A 1032 -21.34 -3.78 -48.40
C ILE A 1032 -20.42 -3.83 -47.18
N VAL A 1033 -20.33 -2.74 -46.43
CA VAL A 1033 -19.20 -2.60 -45.50
C VAL A 1033 -19.44 -3.40 -44.21
N ASP A 1034 -20.67 -3.43 -43.68
CA ASP A 1034 -20.90 -4.10 -42.40
C ASP A 1034 -20.82 -5.61 -42.52
N ALA A 1035 -21.18 -6.15 -43.68
CA ALA A 1035 -21.06 -7.59 -43.88
C ALA A 1035 -19.62 -7.98 -44.12
N LEU A 1036 -18.86 -7.17 -44.86
CA LEU A 1036 -17.53 -7.58 -45.32
C LEU A 1036 -16.51 -7.59 -44.19
N LEU A 1037 -16.57 -6.59 -43.28
CA LEU A 1037 -15.60 -6.63 -42.18
C LEU A 1037 -15.99 -7.67 -41.15
N SER A 1038 -17.28 -7.95 -41.01
CA SER A 1038 -17.71 -8.99 -40.08
C SER A 1038 -17.45 -10.37 -40.65
N LYS A 1039 -17.59 -10.54 -41.97
CA LYS A 1039 -17.20 -11.79 -42.60
C LYS A 1039 -15.69 -11.98 -42.52
N TYR A 1040 -14.94 -10.87 -42.60
CA TYR A 1040 -13.49 -10.90 -42.36
C TYR A 1040 -13.17 -11.41 -40.96
N LEU A 1041 -14.04 -11.12 -39.98
CA LEU A 1041 -13.83 -11.66 -38.64
C LEU A 1041 -14.09 -13.16 -38.61
N LYS A 1042 -15.16 -13.62 -39.25
CA LYS A 1042 -15.48 -15.04 -39.20
C LYS A 1042 -14.65 -15.88 -40.16
N GLU A 1043 -14.22 -15.32 -41.30
CA GLU A 1043 -13.29 -16.05 -42.16
C GLU A 1043 -11.97 -16.29 -41.45
N TYR A 1044 -11.39 -15.23 -40.88
CA TYR A 1044 -10.19 -15.38 -40.08
C TYR A 1044 -10.45 -15.94 -38.68
N PHE A 1045 -11.70 -16.22 -38.35
CA PHE A 1045 -11.96 -17.30 -37.39
C PHE A 1045 -11.84 -18.65 -38.09
N ASN A 1046 -12.70 -18.91 -39.08
CA ASN A 1046 -12.79 -20.23 -39.69
C ASN A 1046 -11.59 -20.62 -40.53
N LEU A 1047 -10.70 -19.69 -40.90
CA LEU A 1047 -9.40 -20.10 -41.42
C LEU A 1047 -8.43 -20.48 -40.31
N THR A 1048 -8.64 -19.97 -39.09
CA THR A 1048 -7.76 -20.24 -37.97
C THR A 1048 -8.46 -20.99 -36.84
N GLY A 1049 -9.70 -21.42 -37.04
CA GLY A 1049 -10.43 -22.17 -36.03
C GLY A 1049 -11.88 -21.78 -35.86
N SER A 1050 -12.78 -22.75 -35.96
CA SER A 1050 -14.21 -22.50 -35.92
C SER A 1050 -14.64 -22.24 -34.48
N GLU A 1051 -14.31 -21.04 -33.98
CA GLU A 1051 -14.66 -20.66 -32.62
C GLU A 1051 -15.40 -19.34 -32.59
N GLU A 1052 -16.42 -19.20 -33.44
CA GLU A 1052 -17.43 -18.19 -33.22
C GLU A 1052 -18.28 -18.64 -32.03
N GLU A 1053 -18.47 -17.76 -31.06
CA GLU A 1053 -18.85 -18.27 -29.75
C GLU A 1053 -19.71 -17.25 -29.03
N ILE A 1054 -20.66 -17.76 -28.23
CA ILE A 1054 -21.62 -16.91 -27.54
C ILE A 1054 -21.54 -16.99 -26.02
N PHE A 1055 -20.99 -18.05 -25.44
CA PHE A 1055 -20.92 -18.21 -23.98
C PHE A 1055 -19.58 -17.66 -23.53
N GLU A 1056 -19.57 -16.39 -23.13
CA GLU A 1056 -18.33 -15.66 -22.88
C GLU A 1056 -17.64 -16.08 -21.59
N ALA A 1057 -18.32 -16.83 -20.72
CA ALA A 1057 -17.79 -17.19 -19.40
C ALA A 1057 -16.59 -18.16 -19.44
N LYS A 1058 -15.98 -18.48 -20.56
CA LYS A 1058 -14.69 -19.16 -20.56
C LYS A 1058 -13.61 -18.12 -20.83
N LYS A 1059 -12.47 -18.27 -20.13
CA LYS A 1059 -11.34 -17.35 -20.24
C LYS A 1059 -10.09 -17.94 -19.59
N ASP A 1060 -8.97 -17.82 -20.29
CA ASP A 1060 -7.65 -18.00 -19.71
C ASP A 1060 -6.90 -16.68 -19.75
N HIS A 1061 -6.10 -16.46 -18.72
CA HIS A 1061 -5.16 -15.35 -18.71
C HIS A 1061 -3.79 -15.78 -19.20
N GLU A 1062 -3.68 -17.01 -19.70
CA GLU A 1062 -2.43 -17.54 -20.19
C GLU A 1062 -1.98 -16.78 -21.42
N PHE A 1063 -0.67 -16.72 -21.60
CA PHE A 1063 -0.10 -16.07 -22.76
C PHE A 1063 -0.42 -16.89 -23.99
N PRO A 1064 -0.83 -16.28 -25.10
CA PRO A 1064 -1.27 -17.05 -26.26
C PRO A 1064 -0.12 -17.79 -26.93
N LYS A 1065 -0.45 -18.95 -27.49
CA LYS A 1065 0.56 -19.86 -28.02
C LYS A 1065 0.93 -19.49 -29.45
N GLY A 1066 -0.05 -19.49 -30.35
CA GLY A 1066 0.21 -19.07 -31.72
C GLY A 1066 0.38 -17.57 -31.79
N ASN A 1067 1.48 -17.13 -32.38
CA ASN A 1067 1.72 -15.70 -32.55
C ASN A 1067 0.85 -15.15 -33.66
N TYR A 1068 0.18 -14.02 -33.38
CA TYR A 1068 -0.67 -13.36 -34.36
C TYR A 1068 -0.59 -11.86 -34.14
N ALA A 1069 -1.06 -11.11 -35.13
CA ALA A 1069 -1.06 -9.65 -35.05
C ALA A 1069 -2.13 -9.10 -35.96
N ILE A 1070 -2.79 -8.03 -35.52
CA ILE A 1070 -3.88 -7.39 -36.23
C ILE A 1070 -3.51 -5.93 -36.44
N VAL A 1071 -3.66 -5.45 -37.67
CA VAL A 1071 -3.59 -4.01 -37.88
C VAL A 1071 -4.97 -3.57 -38.35
N ILE A 1072 -5.84 -3.22 -37.43
CA ILE A 1072 -7.17 -2.81 -37.80
C ILE A 1072 -7.13 -1.30 -38.04
N ASP A 1073 -8.05 -0.82 -38.88
CA ASP A 1073 -7.86 0.41 -39.63
C ASP A 1073 -8.77 1.55 -39.19
N GLY A 1074 -9.00 1.70 -37.89
CA GLY A 1074 -9.65 2.90 -37.37
C GLY A 1074 -11.13 3.02 -37.66
N ASP A 1075 -11.46 3.12 -38.95
CA ASP A 1075 -12.83 3.12 -39.39
C ASP A 1075 -13.46 1.73 -39.36
N ALA A 1076 -12.64 0.69 -39.19
CA ALA A 1076 -13.19 -0.65 -39.01
C ALA A 1076 -13.58 -0.91 -37.56
N LEU A 1077 -12.76 -0.47 -36.60
CA LEU A 1077 -13.12 -0.67 -35.19
C LEU A 1077 -14.27 0.20 -34.76
N LYS A 1078 -14.50 1.33 -35.43
CA LYS A 1078 -15.69 2.12 -35.16
C LYS A 1078 -16.95 1.35 -35.54
N LEU A 1079 -16.88 0.57 -36.62
CA LEU A 1079 -17.96 -0.32 -37.00
C LEU A 1079 -17.87 -1.68 -36.32
N ALA A 1080 -16.87 -1.89 -35.48
CA ALA A 1080 -16.75 -3.15 -34.74
C ALA A 1080 -16.99 -3.00 -33.24
N LEU A 1081 -16.71 -1.84 -32.66
CA LEU A 1081 -17.06 -1.57 -31.27
C LEU A 1081 -18.44 -0.97 -31.12
N TYR A 1082 -19.22 -0.91 -32.20
CA TYR A 1082 -20.45 -0.12 -32.20
C TYR A 1082 -21.56 -0.81 -31.43
N GLY A 1083 -22.02 -1.97 -31.90
CA GLY A 1083 -23.18 -2.63 -31.36
C GLY A 1083 -22.85 -3.87 -30.55
N GLU A 1084 -23.91 -4.48 -30.04
CA GLU A 1084 -23.79 -5.75 -29.35
C GLU A 1084 -23.48 -6.85 -30.35
N ASP A 1085 -22.74 -7.86 -29.88
CA ASP A 1085 -22.41 -9.11 -30.56
C ASP A 1085 -21.50 -8.88 -31.78
N ILE A 1086 -20.92 -7.70 -31.92
CA ILE A 1086 -19.85 -7.50 -32.89
C ILE A 1086 -18.58 -7.15 -32.12
N ARG A 1087 -18.74 -6.56 -30.93
CA ARG A 1087 -17.59 -6.25 -30.11
C ARG A 1087 -16.99 -7.51 -29.51
N ARG A 1088 -17.83 -8.51 -29.23
CA ARG A 1088 -17.32 -9.77 -28.72
C ARG A 1088 -16.71 -10.62 -29.82
N LYS A 1089 -17.08 -10.39 -31.09
CA LYS A 1089 -16.33 -11.00 -32.17
C LYS A 1089 -15.00 -10.30 -32.37
N PHE A 1090 -14.91 -9.04 -31.95
CA PHE A 1090 -13.65 -8.30 -32.04
C PHE A 1090 -12.68 -8.69 -30.93
N LEU A 1091 -13.19 -9.03 -29.74
CA LEU A 1091 -12.34 -9.24 -28.58
C LEU A 1091 -11.56 -10.53 -28.68
N LEU A 1092 -12.27 -11.66 -28.80
CA LEU A 1092 -11.61 -12.96 -28.82
C LEU A 1092 -10.80 -13.18 -30.08
N LEU A 1093 -10.97 -12.34 -31.10
CA LEU A 1093 -9.97 -12.24 -32.15
C LEU A 1093 -8.71 -11.55 -31.64
N CYS A 1094 -8.87 -10.39 -30.99
CA CYS A 1094 -7.70 -9.66 -30.50
C CYS A 1094 -7.10 -10.31 -29.27
N LYS A 1095 -7.91 -11.04 -28.50
CA LYS A 1095 -7.38 -11.77 -27.35
C LYS A 1095 -6.48 -12.91 -27.78
N ASN A 1096 -6.67 -13.43 -28.98
CA ASN A 1096 -5.82 -14.51 -29.51
C ASN A 1096 -4.66 -13.96 -30.33
N CYS A 1097 -3.91 -13.01 -29.78
CA CYS A 1097 -2.82 -12.39 -30.50
C CYS A 1097 -1.69 -12.01 -29.54
N ARG A 1098 -0.49 -11.86 -30.09
CA ARG A 1098 0.61 -11.29 -29.32
C ARG A 1098 0.40 -9.79 -29.10
N ALA A 1099 0.25 -9.05 -30.19
CA ALA A 1099 0.28 -7.60 -30.12
C ALA A 1099 -0.47 -7.05 -31.33
N VAL A 1100 -1.70 -6.62 -31.13
CA VAL A 1100 -2.45 -6.04 -32.24
C VAL A 1100 -2.02 -4.59 -32.39
N LEU A 1101 -2.39 -3.98 -33.50
CA LEU A 1101 -2.17 -2.56 -33.71
C LEU A 1101 -3.48 -1.97 -34.19
N CYS A 1102 -3.77 -0.76 -33.76
CA CYS A 1102 -4.99 -0.07 -34.18
C CYS A 1102 -4.58 1.30 -34.69
N CYS A 1103 -4.76 1.51 -35.98
CA CYS A 1103 -4.22 2.67 -36.67
C CYS A 1103 -5.34 3.57 -37.17
N ARG A 1104 -5.06 4.88 -37.23
CA ARG A 1104 -6.04 5.94 -37.49
C ARG A 1104 -7.20 5.89 -36.50
N VAL A 1105 -6.86 5.86 -35.21
CA VAL A 1105 -7.84 5.73 -34.15
C VAL A 1105 -8.19 7.12 -33.63
N SER A 1106 -9.49 7.42 -33.58
CA SER A 1106 -9.97 8.67 -33.02
C SER A 1106 -9.66 8.73 -31.52
N PRO A 1107 -9.36 9.93 -30.98
CA PRO A 1107 -9.00 10.04 -29.56
C PRO A 1107 -10.14 9.76 -28.59
N SER A 1108 -11.38 9.60 -29.05
CA SER A 1108 -12.41 9.02 -28.21
C SER A 1108 -12.48 7.51 -28.35
N GLN A 1109 -12.03 6.98 -29.49
CA GLN A 1109 -11.99 5.54 -29.72
C GLN A 1109 -10.82 4.87 -29.03
N LYS A 1110 -9.81 5.64 -28.61
CA LYS A 1110 -8.76 5.10 -27.78
C LYS A 1110 -9.30 4.69 -26.41
N ALA A 1111 -10.12 5.54 -25.80
CA ALA A 1111 -10.67 5.24 -24.49
C ALA A 1111 -11.78 4.21 -24.56
N ALA A 1112 -12.34 3.95 -25.74
CA ALA A 1112 -13.42 2.98 -25.84
C ALA A 1112 -12.91 1.55 -25.97
N VAL A 1113 -11.74 1.37 -26.58
CA VAL A 1113 -11.22 0.03 -26.79
C VAL A 1113 -10.49 -0.48 -25.55
N VAL A 1114 -10.10 0.41 -24.65
CA VAL A 1114 -9.54 -0.02 -23.38
C VAL A 1114 -10.65 -0.30 -22.35
N LYS A 1115 -11.79 0.39 -22.45
CA LYS A 1115 -12.96 0.00 -21.67
C LYS A 1115 -13.54 -1.33 -22.13
N LEU A 1116 -13.29 -1.72 -23.38
CA LEU A 1116 -13.87 -2.96 -23.87
C LEU A 1116 -13.22 -4.19 -23.25
N VAL A 1117 -11.90 -4.15 -23.08
CA VAL A 1117 -11.20 -5.29 -22.51
C VAL A 1117 -11.35 -5.29 -20.99
N LYS A 1118 -11.36 -4.10 -20.38
CA LYS A 1118 -11.49 -3.98 -18.94
C LYS A 1118 -12.88 -4.41 -18.46
N ASP A 1119 -13.91 -4.21 -19.27
CA ASP A 1119 -15.26 -4.57 -18.85
C ASP A 1119 -15.61 -6.00 -19.22
N SER A 1120 -15.56 -6.32 -20.53
CA SER A 1120 -16.08 -7.59 -21.02
C SER A 1120 -15.20 -8.76 -20.62
N LEU A 1121 -13.95 -8.52 -20.26
CA LEU A 1121 -13.13 -9.47 -19.53
C LEU A 1121 -12.92 -8.93 -18.12
N ASP A 1122 -12.44 -9.79 -17.23
CA ASP A 1122 -12.24 -9.41 -15.84
C ASP A 1122 -10.86 -8.81 -15.60
N VAL A 1123 -10.26 -8.20 -16.62
CA VAL A 1123 -8.82 -8.03 -16.71
C VAL A 1123 -8.50 -6.54 -16.61
N MET A 1124 -7.59 -6.19 -15.71
CA MET A 1124 -7.12 -4.82 -15.65
C MET A 1124 -6.09 -4.55 -16.72
N THR A 1125 -6.02 -3.30 -17.15
CA THR A 1125 -5.19 -2.87 -18.27
C THR A 1125 -4.26 -1.75 -17.83
N LEU A 1126 -3.28 -1.46 -18.67
CA LEU A 1126 -2.37 -0.34 -18.48
C LEU A 1126 -2.46 0.58 -19.68
N ALA A 1127 -2.24 1.87 -19.47
CA ALA A 1127 -2.30 2.84 -20.55
C ALA A 1127 -1.17 3.82 -20.37
N ILE A 1128 -0.22 3.81 -21.27
CA ILE A 1128 0.90 4.72 -21.17
C ILE A 1128 0.69 5.83 -22.18
N GLY A 1129 1.14 7.04 -21.84
CA GLY A 1129 0.77 8.19 -22.62
C GLY A 1129 1.70 9.38 -22.47
N ASP A 1130 1.61 10.28 -23.46
CA ASP A 1130 2.07 11.65 -23.33
C ASP A 1130 1.25 12.45 -24.33
N GLY A 1131 0.24 13.15 -23.85
CA GLY A 1131 -0.54 14.02 -24.69
C GLY A 1131 -2.01 14.02 -24.31
N SER A 1132 -2.69 15.08 -24.73
CA SER A 1132 -4.10 15.29 -24.41
C SER A 1132 -5.04 14.45 -25.25
N ASN A 1133 -4.53 13.62 -26.15
CA ASN A 1133 -5.34 12.74 -26.97
C ASN A 1133 -5.59 11.38 -26.33
N ASP A 1134 -4.83 11.00 -25.29
CA ASP A 1134 -5.10 9.76 -24.58
C ASP A 1134 -5.13 9.97 -23.06
N VAL A 1135 -5.48 11.17 -22.62
CA VAL A 1135 -5.77 11.38 -21.20
C VAL A 1135 -7.01 10.60 -20.82
N ALA A 1136 -7.97 10.49 -21.73
CA ALA A 1136 -9.12 9.63 -21.50
C ALA A 1136 -8.73 8.16 -21.47
N MET A 1137 -7.63 7.78 -22.12
CA MET A 1137 -7.17 6.41 -22.05
C MET A 1137 -6.47 6.12 -20.73
N ILE A 1138 -5.76 7.11 -20.18
CA ILE A 1138 -5.07 6.96 -18.91
C ILE A 1138 -6.08 6.76 -17.77
N GLN A 1139 -7.10 7.62 -17.72
CA GLN A 1139 -8.12 7.52 -16.69
C GLN A 1139 -8.97 6.27 -16.83
N SER A 1140 -9.10 5.74 -18.05
CA SER A 1140 -9.92 4.56 -18.27
C SER A 1140 -9.26 3.31 -17.72
N ALA A 1141 -7.99 3.10 -18.04
CA ALA A 1141 -7.29 1.92 -17.59
C ALA A 1141 -7.04 2.00 -16.08
N ASP A 1142 -6.80 0.84 -15.47
CA ASP A 1142 -6.64 0.80 -14.03
C ASP A 1142 -5.27 1.29 -13.57
N VAL A 1143 -4.28 1.34 -14.46
CA VAL A 1143 -2.99 1.95 -14.18
C VAL A 1143 -2.61 2.81 -15.37
N GLY A 1144 -2.52 4.13 -15.18
CA GLY A 1144 -2.12 4.98 -16.28
C GLY A 1144 -0.75 5.61 -16.18
N ILE A 1145 0.24 5.08 -16.89
CA ILE A 1145 1.59 5.61 -16.84
C ILE A 1145 1.66 6.83 -17.75
N GLY A 1146 2.51 7.80 -17.41
CA GLY A 1146 2.62 9.00 -18.24
C GLY A 1146 4.02 9.53 -18.42
N ILE A 1147 4.45 9.71 -19.66
CA ILE A 1147 5.78 10.26 -19.95
C ILE A 1147 5.75 11.77 -19.73
N ALA A 1148 6.74 12.28 -19.00
CA ALA A 1148 6.78 13.68 -18.63
C ALA A 1148 7.99 14.39 -19.23
N GLY A 1149 7.99 15.71 -19.07
CA GLY A 1149 9.13 16.53 -19.41
C GLY A 1149 9.03 17.32 -20.69
N GLU A 1150 7.95 17.13 -21.46
CA GLU A 1150 7.83 17.73 -22.78
C GLU A 1150 7.10 19.07 -22.68
N GLU A 1151 6.66 19.59 -23.83
CA GLU A 1151 5.87 20.81 -23.89
C GLU A 1151 4.39 20.56 -23.59
N GLY A 1152 3.95 19.31 -23.68
CA GLY A 1152 2.60 18.94 -23.30
C GLY A 1152 2.62 18.01 -22.12
N ARG A 1153 1.92 18.37 -21.05
CA ARG A 1153 1.98 17.58 -19.82
C ARG A 1153 0.61 17.44 -19.16
N GLN A 1154 -0.46 17.52 -19.95
CA GLN A 1154 -1.79 17.23 -19.41
C GLN A 1154 -1.96 15.75 -19.08
N ALA A 1155 -1.17 14.88 -19.72
CA ALA A 1155 -1.16 13.46 -19.41
C ALA A 1155 -0.14 13.10 -18.33
N VAL A 1156 0.37 14.09 -17.61
CA VAL A 1156 1.35 13.89 -16.55
C VAL A 1156 0.72 14.06 -15.16
N MET A 1157 0.06 15.19 -14.92
CA MET A 1157 -0.59 15.36 -13.64
C MET A 1157 -1.90 14.58 -13.55
N CYS A 1158 -2.43 14.12 -14.68
CA CYS A 1158 -3.59 13.24 -14.70
C CYS A 1158 -3.18 11.77 -14.76
N SER A 1159 -1.89 11.50 -14.72
CA SER A 1159 -1.37 10.14 -14.86
C SER A 1159 -1.49 9.38 -13.55
N ASP A 1160 -0.85 8.23 -13.50
CA ASP A 1160 -0.70 7.46 -12.28
C ASP A 1160 0.76 7.26 -11.91
N TYR A 1161 1.67 7.30 -12.87
CA TYR A 1161 3.10 7.37 -12.64
C TYR A 1161 3.71 8.27 -13.70
N ALA A 1162 4.96 8.64 -13.51
CA ALA A 1162 5.56 9.71 -14.29
C ALA A 1162 6.96 9.35 -14.74
N ILE A 1163 7.10 8.18 -15.38
CA ILE A 1163 8.41 7.74 -15.85
C ILE A 1163 8.92 8.69 -16.93
N GLY A 1164 10.24 8.82 -17.00
CA GLY A 1164 10.85 9.71 -17.95
C GLY A 1164 10.72 9.22 -19.38
N GLN A 1165 11.41 8.14 -19.69
CA GLN A 1165 11.37 7.54 -21.01
C GLN A 1165 10.55 6.26 -20.96
N PHE A 1166 10.28 5.68 -22.13
CA PHE A 1166 9.54 4.42 -22.15
C PHE A 1166 10.41 3.26 -21.67
N ARG A 1167 11.73 3.42 -21.68
CA ARG A 1167 12.61 2.34 -21.27
C ARG A 1167 12.59 2.08 -19.78
N TYR A 1168 11.95 2.95 -18.99
CA TYR A 1168 11.77 2.75 -17.57
C TYR A 1168 10.52 1.93 -17.27
N LEU A 1169 9.63 1.76 -18.26
CA LEU A 1169 8.40 1.01 -18.03
C LEU A 1169 8.67 -0.45 -17.74
N ALA A 1170 9.64 -1.04 -18.43
CA ALA A 1170 10.04 -2.41 -18.10
C ALA A 1170 10.93 -2.46 -16.87
N ARG A 1171 11.33 -1.33 -16.34
CA ARG A 1171 11.99 -1.30 -15.05
C ARG A 1171 11.02 -0.96 -13.93
N LEU A 1172 9.91 -0.29 -14.22
CA LEU A 1172 8.90 -0.07 -13.21
C LEU A 1172 7.99 -1.29 -13.04
N VAL A 1173 7.53 -1.86 -14.14
CA VAL A 1173 6.59 -2.98 -14.07
C VAL A 1173 7.31 -4.26 -13.60
N LEU A 1174 8.43 -4.57 -14.22
CA LEU A 1174 9.08 -5.86 -13.97
C LEU A 1174 9.97 -5.87 -12.74
N VAL A 1175 10.19 -4.75 -12.07
CA VAL A 1175 10.99 -4.78 -10.85
C VAL A 1175 10.17 -4.23 -9.70
N HIS A 1176 9.78 -2.97 -9.80
CA HIS A 1176 9.05 -2.37 -8.70
C HIS A 1176 7.57 -2.74 -8.70
N GLY A 1177 7.10 -3.45 -9.71
CA GLY A 1177 5.71 -3.84 -9.75
C GLY A 1177 5.49 -5.27 -9.31
N ARG A 1178 6.29 -6.21 -9.83
CA ARG A 1178 6.17 -7.58 -9.35
C ARG A 1178 6.72 -7.74 -7.95
N TRP A 1179 7.56 -6.82 -7.46
CA TRP A 1179 7.87 -6.87 -6.04
C TRP A 1179 6.66 -6.45 -5.23
N SER A 1180 5.90 -5.49 -5.70
CA SER A 1180 4.75 -5.01 -4.95
C SER A 1180 3.55 -5.93 -5.01
N TYR A 1181 3.67 -7.11 -5.57
CA TYR A 1181 2.62 -8.10 -5.54
C TYR A 1181 3.06 -9.41 -4.91
N LYS A 1182 4.35 -9.75 -4.97
CA LYS A 1182 4.82 -10.88 -4.19
C LYS A 1182 5.03 -10.50 -2.73
N ARG A 1183 5.29 -9.23 -2.45
CA ARG A 1183 5.28 -8.76 -1.07
C ARG A 1183 3.87 -8.76 -0.51
N LEU A 1184 2.95 -8.12 -1.21
CA LEU A 1184 1.70 -7.72 -0.58
C LEU A 1184 0.58 -8.75 -0.74
N ALA A 1185 0.69 -9.69 -1.66
CA ALA A 1185 -0.21 -10.83 -1.60
C ALA A 1185 0.27 -11.90 -0.65
N GLU A 1186 1.37 -11.64 0.05
CA GLU A 1186 1.83 -12.51 1.12
C GLU A 1186 1.58 -11.93 2.50
N MET A 1187 1.81 -10.62 2.73
CA MET A 1187 1.57 -10.11 4.07
C MET A 1187 0.10 -9.94 4.39
N ILE A 1188 -0.79 -9.91 3.39
CA ILE A 1188 -2.22 -9.79 3.69
C ILE A 1188 -2.72 -11.08 4.36
N PRO A 1189 -2.38 -12.30 3.92
CA PRO A 1189 -2.70 -13.44 4.76
C PRO A 1189 -1.73 -13.64 5.91
N GLU A 1190 -0.64 -12.88 6.03
CA GLU A 1190 0.14 -12.88 7.26
C GLU A 1190 -0.38 -11.88 8.28
N PHE A 1191 -1.57 -11.35 8.08
CA PHE A 1191 -2.19 -10.49 9.07
C PHE A 1191 -3.43 -11.10 9.66
N PHE A 1192 -4.12 -11.95 8.92
CA PHE A 1192 -5.26 -12.71 9.38
C PHE A 1192 -4.86 -14.09 9.87
N TYR A 1193 -3.56 -14.35 9.94
CA TYR A 1193 -2.97 -15.47 10.64
C TYR A 1193 -2.52 -15.11 12.04
N LYS A 1194 -1.84 -13.99 12.20
CA LYS A 1194 -1.21 -13.64 13.47
C LYS A 1194 -2.17 -13.00 14.45
N ASN A 1195 -3.42 -12.78 14.08
CA ASN A 1195 -4.42 -12.37 15.05
C ASN A 1195 -5.16 -13.57 15.64
N MET A 1196 -5.42 -14.58 14.83
CA MET A 1196 -6.04 -15.80 15.31
C MET A 1196 -5.04 -16.84 15.75
N ILE A 1197 -3.76 -16.49 15.83
CA ILE A 1197 -2.86 -17.30 16.64
C ILE A 1197 -3.00 -16.88 18.09
N PHE A 1198 -3.49 -15.66 18.33
CA PHE A 1198 -3.55 -15.06 19.65
C PHE A 1198 -4.98 -14.91 20.13
N ALA A 1199 -5.82 -14.21 19.38
CA ALA A 1199 -7.17 -13.86 19.83
C ALA A 1199 -8.18 -14.94 19.51
N LEU A 1200 -7.75 -16.19 19.42
CA LEU A 1200 -8.65 -17.32 19.42
C LEU A 1200 -8.45 -18.17 20.67
N ALA A 1201 -7.37 -17.95 21.41
CA ALA A 1201 -7.21 -18.54 22.73
C ALA A 1201 -8.03 -17.84 23.80
N LEU A 1202 -8.58 -16.66 23.50
CA LEU A 1202 -9.67 -16.13 24.31
C LEU A 1202 -10.89 -17.05 24.24
N PHE A 1203 -11.11 -17.68 23.08
CA PHE A 1203 -12.21 -18.62 22.94
C PHE A 1203 -11.86 -19.99 23.49
N TRP A 1204 -10.61 -20.44 23.35
CA TRP A 1204 -10.27 -21.75 23.88
C TRP A 1204 -10.19 -21.77 25.40
N TYR A 1205 -10.12 -20.61 26.04
CA TYR A 1205 -10.33 -20.47 27.48
C TYR A 1205 -11.77 -20.05 27.75
N GLY A 1206 -12.68 -20.57 26.93
CA GLY A 1206 -14.09 -20.48 27.22
C GLY A 1206 -14.55 -21.85 27.62
N ILE A 1207 -13.95 -22.89 27.04
CA ILE A 1207 -14.34 -24.24 27.39
C ILE A 1207 -13.81 -24.62 28.75
N TYR A 1208 -12.73 -23.98 29.22
CA TYR A 1208 -12.21 -24.19 30.57
C TYR A 1208 -12.67 -23.11 31.51
N ASN A 1209 -13.70 -22.38 31.12
CA ASN A 1209 -14.25 -21.30 31.91
C ASN A 1209 -15.76 -21.36 31.89
N ASP A 1210 -16.34 -22.38 31.26
CA ASP A 1210 -17.79 -22.54 31.05
C ASP A 1210 -18.40 -21.35 30.31
N PHE A 1211 -17.59 -20.69 29.48
CA PHE A 1211 -17.95 -19.52 28.67
C PHE A 1211 -18.49 -18.39 29.53
N ASP A 1212 -17.94 -18.24 30.73
CA ASP A 1212 -18.47 -17.28 31.68
C ASP A 1212 -17.90 -15.89 31.51
N GLY A 1213 -16.74 -15.75 30.88
CA GLY A 1213 -16.31 -14.43 30.47
C GLY A 1213 -15.16 -13.78 31.21
N SER A 1214 -14.17 -14.56 31.62
CA SER A 1214 -12.93 -14.01 32.10
C SER A 1214 -11.91 -13.98 30.97
N TYR A 1215 -11.03 -13.01 31.01
CA TYR A 1215 -10.00 -12.89 29.99
C TYR A 1215 -8.87 -13.86 30.28
N LEU A 1216 -7.88 -13.85 29.42
CA LEU A 1216 -6.67 -14.63 29.63
C LEU A 1216 -5.43 -13.77 29.51
N TYR A 1217 -5.56 -12.52 29.10
CA TYR A 1217 -4.44 -11.63 28.88
C TYR A 1217 -4.57 -10.43 29.80
N GLU A 1218 -3.66 -9.46 29.65
CA GLU A 1218 -3.39 -8.50 30.72
C GLU A 1218 -4.50 -7.46 30.90
N TYR A 1219 -4.97 -6.85 29.79
CA TYR A 1219 -5.33 -5.43 29.52
C TYR A 1219 -4.18 -4.62 28.89
N THR A 1220 -2.97 -5.16 28.82
CA THR A 1220 -1.94 -4.61 27.95
C THR A 1220 -1.30 -5.64 27.05
N TYR A 1221 -1.61 -6.92 27.20
CA TYR A 1221 -1.28 -7.88 26.17
C TYR A 1221 -2.37 -8.01 25.13
N MET A 1222 -3.53 -7.43 25.36
CA MET A 1222 -4.50 -7.25 24.29
C MET A 1222 -4.24 -5.97 23.53
N MET A 1223 -3.76 -4.93 24.22
CA MET A 1223 -3.45 -3.67 23.55
C MET A 1223 -2.17 -3.78 22.74
N PHE A 1224 -1.06 -4.13 23.39
CA PHE A 1224 0.24 -4.04 22.76
C PHE A 1224 0.59 -5.27 21.94
N TYR A 1225 -0.38 -6.13 21.61
CA TYR A 1225 -0.07 -7.25 20.73
C TYR A 1225 0.00 -6.80 19.28
N ASN A 1226 -1.10 -6.26 18.76
CA ASN A 1226 -1.14 -5.81 17.38
C ASN A 1226 -0.67 -4.37 17.22
N LEU A 1227 0.15 -3.88 18.12
CA LEU A 1227 0.74 -2.55 17.99
C LEU A 1227 2.24 -2.56 18.09
N ALA A 1228 2.82 -3.42 18.91
CA ALA A 1228 4.27 -3.38 19.09
C ALA A 1228 4.88 -4.76 18.89
N PHE A 1229 4.14 -5.81 19.21
CA PHE A 1229 4.74 -7.12 19.34
C PHE A 1229 4.90 -7.79 17.98
N THR A 1230 3.86 -7.80 17.17
CA THR A 1230 3.87 -8.56 15.93
C THR A 1230 3.36 -7.75 14.75
N SER A 1231 2.81 -6.56 14.98
CA SER A 1231 2.41 -5.70 13.87
C SER A 1231 3.57 -4.93 13.25
N LEU A 1232 4.78 -5.09 13.77
CA LEU A 1232 5.92 -4.48 13.11
C LEU A 1232 6.53 -5.32 11.99
N PRO A 1233 6.80 -6.64 12.09
CA PRO A 1233 7.46 -7.30 10.97
C PRO A 1233 6.59 -7.59 9.76
N VAL A 1234 5.26 -7.60 9.86
CA VAL A 1234 4.47 -7.75 8.64
C VAL A 1234 4.41 -6.45 7.86
N ILE A 1235 4.84 -5.34 8.45
CA ILE A 1235 5.16 -4.16 7.66
C ILE A 1235 6.41 -4.41 6.83
N PHE A 1236 7.37 -5.15 7.37
CA PHE A 1236 8.68 -5.26 6.73
C PHE A 1236 8.80 -6.47 5.82
N LEU A 1237 7.91 -7.45 5.92
CA LEU A 1237 7.75 -8.35 4.79
C LEU A 1237 7.05 -7.64 3.64
N GLY A 1238 6.30 -6.59 3.93
CA GLY A 1238 5.67 -5.81 2.88
C GLY A 1238 6.58 -4.81 2.21
N ILE A 1239 7.75 -4.54 2.78
CA ILE A 1239 8.66 -3.53 2.25
C ILE A 1239 10.01 -4.12 1.87
N LEU A 1240 10.53 -5.05 2.68
CA LEU A 1240 11.88 -5.55 2.46
C LEU A 1240 11.90 -7.01 2.03
N ASP A 1241 11.07 -7.39 1.07
CA ASP A 1241 11.04 -8.75 0.55
C ASP A 1241 11.29 -8.69 -0.95
N GLN A 1242 12.57 -8.73 -1.34
CA GLN A 1242 12.95 -8.97 -2.73
C GLN A 1242 13.02 -10.47 -2.92
N ASP A 1243 12.07 -11.03 -3.65
CA ASP A 1243 12.09 -12.46 -3.90
C ASP A 1243 13.28 -12.87 -4.78
N VAL A 1244 13.53 -12.12 -5.85
CA VAL A 1244 14.80 -12.16 -6.58
C VAL A 1244 15.26 -10.73 -6.71
N ASN A 1245 16.52 -10.57 -7.13
CA ASN A 1245 17.19 -9.28 -7.00
C ASN A 1245 16.69 -8.32 -8.08
N ASP A 1246 17.18 -7.07 -8.05
CA ASP A 1246 16.76 -6.09 -9.05
C ASP A 1246 17.34 -6.38 -10.43
N THR A 1247 18.54 -6.95 -10.50
CA THR A 1247 19.16 -7.31 -11.76
C THR A 1247 18.80 -8.70 -12.21
N ILE A 1248 17.85 -9.35 -11.55
CA ILE A 1248 17.47 -10.70 -11.90
C ILE A 1248 16.05 -10.77 -12.47
N SER A 1249 15.13 -9.93 -12.01
CA SER A 1249 13.82 -9.94 -12.60
C SER A 1249 13.81 -9.30 -14.00
N LEU A 1250 14.79 -8.46 -14.30
CA LEU A 1250 14.94 -7.95 -15.67
C LEU A 1250 15.48 -9.02 -16.60
N VAL A 1251 16.46 -9.79 -16.13
CA VAL A 1251 17.08 -10.83 -16.95
C VAL A 1251 16.10 -11.97 -17.18
N VAL A 1252 15.31 -12.32 -16.18
CA VAL A 1252 14.27 -13.33 -16.32
C VAL A 1252 12.93 -12.63 -16.14
N PRO A 1253 12.33 -12.08 -17.21
CA PRO A 1253 11.08 -11.33 -17.04
C PRO A 1253 9.87 -12.21 -16.92
N GLN A 1254 9.99 -13.50 -17.22
CA GLN A 1254 8.85 -14.39 -17.19
C GLN A 1254 8.39 -14.74 -15.79
N LEU A 1255 9.09 -14.27 -14.75
CA LEU A 1255 8.59 -14.33 -13.39
C LEU A 1255 7.37 -13.46 -13.18
N TYR A 1256 7.11 -12.53 -14.10
CA TYR A 1256 5.93 -11.69 -14.02
C TYR A 1256 4.66 -12.44 -14.33
N ARG A 1257 4.74 -13.64 -14.93
CA ARG A 1257 3.54 -14.42 -15.24
C ARG A 1257 2.88 -15.01 -14.01
N VAL A 1258 3.50 -14.90 -12.83
CA VAL A 1258 2.79 -15.18 -11.59
C VAL A 1258 1.72 -14.13 -11.35
N GLY A 1259 1.97 -12.89 -11.76
CA GLY A 1259 1.03 -11.82 -11.49
C GLY A 1259 -0.21 -11.86 -12.36
N ILE A 1260 -0.06 -12.20 -13.64
CA ILE A 1260 -1.20 -12.21 -14.55
C ILE A 1260 -2.19 -13.29 -14.17
N LEU A 1261 -1.70 -14.50 -13.91
CA LEU A 1261 -2.55 -15.65 -13.69
C LEU A 1261 -3.23 -15.66 -12.33
N ARG A 1262 -2.91 -14.69 -11.46
CA ARG A 1262 -3.49 -14.52 -10.12
C ARG A 1262 -3.27 -15.77 -9.28
N LYS A 1263 -2.00 -16.05 -9.00
CA LYS A 1263 -1.63 -17.23 -8.24
C LYS A 1263 -1.04 -16.90 -6.90
N GLU A 1264 -0.40 -15.75 -6.76
CA GLU A 1264 0.08 -15.30 -5.46
C GLU A 1264 -1.07 -14.77 -4.59
N TRP A 1265 -2.21 -14.44 -5.18
CA TRP A 1265 -3.38 -14.01 -4.42
C TRP A 1265 -4.64 -14.66 -4.95
N ASN A 1266 -5.23 -15.53 -4.15
CA ASN A 1266 -6.61 -15.96 -4.33
C ASN A 1266 -7.19 -16.22 -2.96
N GLN A 1267 -8.51 -16.41 -2.90
CA GLN A 1267 -9.18 -16.64 -1.62
C GLN A 1267 -8.81 -18.00 -1.03
N ARG A 1268 -8.43 -18.96 -1.86
CA ARG A 1268 -8.08 -20.28 -1.35
C ARG A 1268 -6.72 -20.27 -0.66
N LYS A 1269 -5.83 -19.35 -1.01
CA LYS A 1269 -4.62 -19.15 -0.21
C LYS A 1269 -4.95 -18.58 1.14
N PHE A 1270 -6.01 -17.78 1.22
CA PHE A 1270 -6.37 -17.14 2.47
C PHE A 1270 -6.97 -18.13 3.47
N LEU A 1271 -7.76 -19.10 3.01
CA LEU A 1271 -8.40 -20.06 3.91
C LEU A 1271 -7.46 -21.16 4.36
N TRP A 1272 -6.23 -21.20 3.85
CA TRP A 1272 -5.20 -22.04 4.43
C TRP A 1272 -4.22 -21.24 5.27
N TYR A 1273 -4.47 -19.94 5.49
CA TYR A 1273 -3.79 -19.22 6.56
C TYR A 1273 -4.70 -18.80 7.69
N MET A 1274 -6.02 -18.96 7.57
CA MET A 1274 -6.84 -18.88 8.77
C MET A 1274 -6.88 -20.22 9.47
N LEU A 1275 -6.85 -21.32 8.71
CA LEU A 1275 -6.73 -22.64 9.30
C LEU A 1275 -5.34 -22.86 9.85
N ASP A 1276 -4.36 -22.06 9.44
CA ASP A 1276 -3.06 -22.12 10.06
C ASP A 1276 -3.01 -21.31 11.34
N GLY A 1277 -3.97 -20.43 11.56
CA GLY A 1277 -4.06 -19.75 12.83
C GLY A 1277 -4.92 -20.54 13.78
N LEU A 1278 -5.97 -21.17 13.26
CA LEU A 1278 -6.81 -22.05 14.06
C LEU A 1278 -6.07 -23.31 14.48
N TYR A 1279 -5.03 -23.73 13.76
CA TYR A 1279 -4.18 -24.78 14.29
C TYR A 1279 -3.29 -24.24 15.39
N GLN A 1280 -2.63 -23.12 15.16
CA GLN A 1280 -1.62 -22.64 16.09
C GLN A 1280 -2.20 -21.83 17.22
N SER A 1281 -3.52 -21.75 17.32
CA SER A 1281 -4.13 -21.26 18.54
C SER A 1281 -4.63 -22.39 19.44
N ILE A 1282 -4.48 -23.65 19.02
CA ILE A 1282 -4.59 -24.74 19.99
C ILE A 1282 -3.21 -25.18 20.44
N ILE A 1283 -2.16 -24.78 19.74
CA ILE A 1283 -0.82 -25.06 20.24
C ILE A 1283 -0.38 -23.98 21.21
N CYS A 1284 -0.62 -22.71 20.88
CA CYS A 1284 -0.20 -21.65 21.78
C CYS A 1284 -1.04 -21.54 23.04
N PHE A 1285 -2.16 -22.26 23.13
CA PHE A 1285 -2.95 -22.30 24.36
C PHE A 1285 -2.84 -23.61 25.12
N PHE A 1286 -3.02 -24.75 24.46
CA PHE A 1286 -3.05 -26.01 25.17
C PHE A 1286 -1.67 -26.53 25.54
N PHE A 1287 -0.62 -25.92 25.04
CA PHE A 1287 0.71 -26.22 25.53
C PHE A 1287 1.04 -25.50 26.83
N PRO A 1288 0.55 -24.28 27.10
CA PRO A 1288 0.49 -23.81 28.48
C PRO A 1288 -0.75 -24.23 29.24
N TYR A 1289 -1.65 -25.02 28.67
CA TYR A 1289 -2.67 -25.64 29.51
C TYR A 1289 -2.21 -26.97 30.05
N LEU A 1290 -1.63 -27.82 29.20
CA LEU A 1290 -1.25 -29.15 29.65
C LEU A 1290 -0.01 -29.15 30.52
N VAL A 1291 0.68 -28.01 30.66
CA VAL A 1291 1.64 -27.87 31.75
C VAL A 1291 0.90 -27.77 33.08
N TYR A 1292 -0.26 -27.11 33.07
CA TYR A 1292 -1.08 -26.91 34.27
C TYR A 1292 -2.28 -27.84 34.35
N HIS A 1293 -2.30 -28.96 33.61
CA HIS A 1293 -3.58 -29.65 33.56
C HIS A 1293 -3.76 -30.59 34.73
N LYS A 1294 -2.68 -31.18 35.21
CA LYS A 1294 -2.71 -31.77 36.55
C LYS A 1294 -2.45 -30.71 37.61
N ASN A 1295 -1.96 -29.55 37.18
CA ASN A 1295 -1.78 -28.31 37.96
C ASN A 1295 -1.03 -28.57 39.26
N MET A 1296 0.22 -28.91 39.11
CA MET A 1296 1.12 -28.81 40.22
C MET A 1296 1.67 -27.40 40.30
N ILE A 1297 2.67 -27.22 41.15
CA ILE A 1297 3.54 -26.07 41.02
C ILE A 1297 4.29 -26.19 39.70
N VAL A 1298 4.62 -25.04 39.11
CA VAL A 1298 5.43 -25.00 37.90
C VAL A 1298 6.71 -24.21 38.12
N THR A 1299 7.12 -24.06 39.37
CA THR A 1299 8.20 -23.18 39.74
C THR A 1299 9.36 -24.00 40.29
N SER A 1300 10.59 -23.55 40.03
CA SER A 1300 11.74 -24.13 40.72
C SER A 1300 11.67 -23.87 42.21
N ASN A 1301 11.21 -22.68 42.61
CA ASN A 1301 11.17 -22.30 44.02
C ASN A 1301 9.94 -22.84 44.74
N GLY A 1302 9.09 -23.60 44.05
CA GLY A 1302 7.98 -24.29 44.67
C GLY A 1302 6.78 -23.43 45.01
N LEU A 1303 6.86 -22.11 44.86
CA LEU A 1303 5.80 -21.24 45.34
C LEU A 1303 4.59 -21.24 44.43
N GLY A 1304 4.77 -21.53 43.16
CA GLY A 1304 3.62 -21.69 42.29
C GLY A 1304 3.06 -20.40 41.75
N LEU A 1305 2.49 -20.46 40.54
CA LEU A 1305 1.95 -19.29 39.87
C LEU A 1305 0.88 -19.77 38.89
N ASP A 1306 -0.38 -19.54 39.23
CA ASP A 1306 -1.45 -20.10 38.41
C ASP A 1306 -2.58 -19.12 38.23
N HIS A 1307 -2.29 -17.83 38.21
CA HIS A 1307 -3.31 -16.84 37.94
C HIS A 1307 -3.72 -16.94 36.47
N ARG A 1308 -4.81 -16.27 36.09
CA ARG A 1308 -5.15 -16.20 34.67
C ARG A 1308 -4.10 -15.44 33.89
N TYR A 1309 -3.49 -14.45 34.51
CA TYR A 1309 -2.57 -13.59 33.80
C TYR A 1309 -1.18 -14.19 33.70
N PHE A 1310 -0.81 -15.11 34.59
CA PHE A 1310 0.46 -15.81 34.48
C PHE A 1310 0.39 -17.02 33.56
N VAL A 1311 -0.77 -17.29 32.98
CA VAL A 1311 -0.87 -18.25 31.89
C VAL A 1311 -0.83 -17.52 30.55
N GLY A 1312 -1.39 -16.32 30.47
CA GLY A 1312 -1.28 -15.47 29.31
C GLY A 1312 0.04 -14.76 29.14
N VAL A 1313 1.05 -15.11 29.93
CA VAL A 1313 2.42 -14.74 29.66
C VAL A 1313 3.08 -16.00 29.11
N TYR A 1314 2.58 -17.16 29.52
CA TYR A 1314 3.01 -18.37 28.84
C TYR A 1314 2.40 -18.49 27.45
N VAL A 1315 1.27 -17.85 27.21
CA VAL A 1315 0.57 -17.98 25.93
C VAL A 1315 0.98 -16.90 24.95
N THR A 1316 1.12 -15.65 25.41
CA THR A 1316 1.53 -14.58 24.51
C THR A 1316 2.96 -14.76 24.04
N THR A 1317 3.88 -15.09 24.95
CA THR A 1317 5.29 -15.10 24.62
C THR A 1317 5.67 -16.30 23.74
N ILE A 1318 4.86 -17.37 23.73
CA ILE A 1318 5.08 -18.41 22.73
C ILE A 1318 4.17 -18.24 21.53
N ALA A 1319 3.40 -17.17 21.47
CA ALA A 1319 2.68 -16.80 20.27
C ALA A 1319 3.38 -15.71 19.48
N VAL A 1320 3.99 -14.74 20.17
CA VAL A 1320 4.72 -13.69 19.49
C VAL A 1320 5.98 -14.22 18.85
N ILE A 1321 6.62 -15.21 19.47
CA ILE A 1321 7.82 -15.78 18.87
C ILE A 1321 7.46 -16.76 17.76
N SER A 1322 6.40 -17.54 17.93
CA SER A 1322 6.03 -18.52 16.92
C SER A 1322 5.22 -17.91 15.79
N CYS A 1323 5.00 -16.60 15.76
CA CYS A 1323 4.60 -15.94 14.54
C CYS A 1323 5.41 -14.66 14.28
N ASN A 1324 6.60 -14.56 14.85
CA ASN A 1324 7.63 -13.72 14.24
C ASN A 1324 8.65 -14.52 13.47
N THR A 1325 8.93 -15.74 13.88
CA THR A 1325 9.74 -16.61 13.03
C THR A 1325 8.98 -16.99 11.77
N TYR A 1326 7.65 -17.08 11.85
CA TYR A 1326 6.84 -17.49 10.72
C TYR A 1326 6.85 -16.45 9.60
N VAL A 1327 7.13 -15.20 9.94
CA VAL A 1327 7.39 -14.17 8.95
C VAL A 1327 8.86 -14.20 8.52
N LEU A 1328 9.75 -14.48 9.46
CA LEU A 1328 11.17 -14.66 9.14
C LEU A 1328 11.40 -15.87 8.25
N LEU A 1329 10.69 -16.98 8.50
CA LEU A 1329 10.87 -18.16 7.68
C LEU A 1329 10.24 -18.00 6.31
N HIS A 1330 9.15 -17.27 6.20
CA HIS A 1330 8.45 -17.17 4.92
C HIS A 1330 8.94 -16.05 4.03
N GLN A 1331 9.68 -15.09 4.53
CA GLN A 1331 10.15 -14.05 3.63
C GLN A 1331 11.35 -14.56 2.84
N TYR A 1332 11.50 -14.03 1.65
CA TYR A 1332 12.73 -14.20 0.90
C TYR A 1332 13.67 -13.07 1.27
N ARG A 1333 14.97 -13.31 1.09
CA ARG A 1333 16.03 -12.31 1.27
C ARG A 1333 16.05 -11.75 2.70
N TRP A 1334 16.47 -12.61 3.62
CA TRP A 1334 16.76 -12.16 4.98
C TRP A 1334 17.91 -11.16 4.91
N ASP A 1335 17.86 -10.12 5.74
CA ASP A 1335 18.83 -9.05 5.56
C ASP A 1335 19.19 -8.44 6.91
N TRP A 1336 19.72 -7.21 6.84
CA TRP A 1336 20.29 -6.47 7.96
C TRP A 1336 19.30 -5.51 8.62
N PHE A 1337 18.30 -5.04 7.90
CA PHE A 1337 17.31 -4.14 8.46
C PHE A 1337 16.02 -4.84 8.87
N SER A 1338 15.51 -5.74 8.05
CA SER A 1338 14.31 -6.47 8.45
C SER A 1338 14.63 -7.63 9.37
N GLY A 1339 15.84 -8.18 9.28
CA GLY A 1339 16.29 -9.15 10.27
C GLY A 1339 16.60 -8.55 11.63
N LEU A 1340 16.92 -7.25 11.67
CA LEU A 1340 17.13 -6.58 12.95
C LEU A 1340 15.82 -6.32 13.65
N PHE A 1341 14.85 -5.77 12.96
CA PHE A 1341 13.58 -5.42 13.58
C PHE A 1341 12.60 -6.58 13.63
N ILE A 1342 13.06 -7.79 13.31
CA ILE A 1342 12.33 -9.01 13.63
C ILE A 1342 12.97 -9.73 14.82
N ALA A 1343 14.11 -9.25 15.30
CA ALA A 1343 14.65 -9.65 16.59
C ALA A 1343 14.27 -8.68 17.70
N LEU A 1344 14.22 -7.38 17.38
CA LEU A 1344 13.74 -6.39 18.34
C LEU A 1344 12.22 -6.29 18.40
N SER A 1345 11.50 -7.20 17.75
CA SER A 1345 10.11 -7.48 18.09
C SER A 1345 9.93 -8.83 18.75
N CYS A 1346 10.99 -9.64 18.80
CA CYS A 1346 11.00 -10.86 19.58
C CYS A 1346 11.39 -10.64 21.03
N LEU A 1347 12.08 -9.55 21.35
CA LEU A 1347 12.43 -9.23 22.73
C LEU A 1347 11.85 -7.89 23.18
N VAL A 1348 10.78 -7.44 22.54
CA VAL A 1348 9.91 -6.46 23.18
C VAL A 1348 8.88 -7.18 24.06
N VAL A 1349 8.55 -8.44 23.75
CA VAL A 1349 7.64 -9.18 24.62
C VAL A 1349 8.34 -9.59 25.92
N PHE A 1350 9.63 -9.89 25.86
CA PHE A 1350 10.38 -10.17 27.07
C PHE A 1350 10.77 -8.92 27.83
N ALA A 1351 10.63 -7.75 27.24
CA ALA A 1351 11.02 -6.51 27.90
C ALA A 1351 9.85 -5.58 28.14
N TRP A 1352 8.64 -5.93 27.72
CA TRP A 1352 7.47 -5.26 28.24
C TRP A 1352 6.85 -5.99 29.42
N THR A 1353 7.11 -7.28 29.58
CA THR A 1353 6.81 -7.90 30.86
C THR A 1353 7.76 -7.38 31.92
N GLY A 1354 9.06 -7.38 31.63
CA GLY A 1354 10.07 -7.01 32.60
C GLY A 1354 10.11 -5.55 33.00
N ILE A 1355 9.20 -4.71 32.49
CA ILE A 1355 9.12 -3.31 32.85
C ILE A 1355 7.76 -2.94 33.42
N TRP A 1356 6.68 -3.39 32.79
CA TRP A 1356 5.35 -3.09 33.30
C TRP A 1356 4.95 -3.98 34.47
N SER A 1357 5.41 -5.24 34.50
CA SER A 1357 5.07 -6.07 35.65
C SER A 1357 5.89 -5.69 36.87
N SER A 1358 7.11 -5.20 36.68
CA SER A 1358 7.91 -4.75 37.81
C SER A 1358 7.48 -3.39 38.35
N ALA A 1359 6.50 -2.73 37.73
CA ALA A 1359 5.98 -1.47 38.22
C ALA A 1359 4.73 -1.72 39.06
N ILE A 1360 4.60 -0.96 40.15
CA ILE A 1360 3.55 -1.21 41.13
C ILE A 1360 2.18 -0.79 40.60
N ALA A 1361 2.13 -0.02 39.51
CA ALA A 1361 0.86 0.41 38.94
C ALA A 1361 0.10 -0.73 38.27
N SER A 1362 0.75 -1.86 38.02
CA SER A 1362 0.11 -3.04 37.46
C SER A 1362 -0.33 -3.92 38.62
N ARG A 1363 -1.63 -3.88 38.93
CA ARG A 1363 -2.18 -4.72 40.00
C ARG A 1363 -2.16 -6.18 39.59
N GLU A 1364 -2.03 -7.05 40.61
CA GLU A 1364 -1.73 -8.49 40.62
C GLU A 1364 -0.25 -8.73 40.29
N PHE A 1365 0.47 -7.70 39.89
CA PHE A 1365 1.82 -7.83 39.36
C PHE A 1365 2.79 -7.06 40.24
N PHE A 1366 3.81 -7.74 40.73
CA PHE A 1366 4.99 -6.97 41.07
C PHE A 1366 6.18 -7.66 40.44
N LYS A 1367 6.07 -8.95 40.19
CA LYS A 1367 7.27 -9.67 39.82
C LYS A 1367 6.96 -10.74 38.78
N ALA A 1368 6.18 -10.41 37.75
CA ALA A 1368 6.02 -11.43 36.71
C ALA A 1368 7.23 -11.55 35.80
N ALA A 1369 8.26 -10.73 35.99
CA ALA A 1369 9.54 -11.02 35.35
C ALA A 1369 10.21 -12.22 35.99
N ALA A 1370 10.48 -12.14 37.29
CA ALA A 1370 11.30 -13.16 37.93
C ALA A 1370 10.51 -14.43 38.25
N ARG A 1371 9.20 -14.33 38.44
CA ARG A 1371 8.40 -15.52 38.70
C ARG A 1371 8.32 -16.40 37.46
N ILE A 1372 8.21 -15.78 36.29
CA ILE A 1372 7.93 -16.50 35.05
C ILE A 1372 9.20 -16.80 34.28
N TYR A 1373 10.01 -15.78 34.00
CA TYR A 1373 11.13 -15.99 33.08
C TYR A 1373 12.30 -16.67 33.77
N GLY A 1374 12.46 -16.48 35.07
CA GLY A 1374 13.47 -17.23 35.78
C GLY A 1374 13.05 -18.62 36.20
N ALA A 1375 11.91 -19.12 35.70
CA ALA A 1375 11.38 -20.42 36.02
C ALA A 1375 11.67 -21.39 34.88
N PRO A 1376 12.23 -22.56 35.18
CA PRO A 1376 12.58 -23.50 34.11
C PRO A 1376 11.40 -24.15 33.42
N SER A 1377 10.17 -23.88 33.82
CA SER A 1377 9.03 -24.47 33.12
C SER A 1377 8.54 -23.62 31.96
N PHE A 1378 8.80 -22.31 31.99
CA PHE A 1378 8.53 -21.48 30.84
C PHE A 1378 9.46 -21.84 29.68
N TRP A 1379 10.77 -21.89 29.95
CA TRP A 1379 11.78 -22.12 28.91
C TRP A 1379 11.81 -23.55 28.41
N ALA A 1380 11.06 -24.46 29.00
CA ALA A 1380 10.98 -25.81 28.50
C ALA A 1380 9.76 -26.04 27.63
N VAL A 1381 8.77 -25.16 27.69
CA VAL A 1381 7.62 -25.20 26.81
C VAL A 1381 7.68 -24.09 25.76
N PHE A 1382 8.57 -23.12 25.95
CA PHE A 1382 8.81 -22.11 24.93
C PHE A 1382 9.51 -22.69 23.71
N PHE A 1383 10.26 -23.78 23.89
CA PHE A 1383 10.99 -24.43 22.81
C PHE A 1383 10.24 -25.62 22.22
N VAL A 1384 8.99 -25.80 22.56
CA VAL A 1384 8.18 -26.86 21.98
C VAL A 1384 7.05 -26.29 21.13
N ALA A 1385 6.34 -25.30 21.67
CA ALA A 1385 5.28 -24.67 20.89
C ALA A 1385 5.81 -23.67 19.88
N VAL A 1386 7.06 -23.25 19.97
CA VAL A 1386 7.67 -22.59 18.84
C VAL A 1386 7.93 -23.60 17.73
N LEU A 1387 8.28 -24.83 18.09
CA LEU A 1387 8.47 -25.88 17.08
C LEU A 1387 7.13 -26.29 16.48
N PHE A 1388 6.18 -26.70 17.31
CA PHE A 1388 4.88 -27.20 16.84
C PHE A 1388 4.04 -26.17 16.09
N CYS A 1389 4.37 -24.89 16.18
CA CYS A 1389 3.74 -23.92 15.31
C CYS A 1389 4.45 -23.78 13.97
N LEU A 1390 5.76 -24.00 13.93
CA LEU A 1390 6.47 -23.92 12.67
C LEU A 1390 6.53 -25.24 11.93
N LEU A 1391 6.42 -26.35 12.62
CA LEU A 1391 6.62 -27.67 12.03
C LEU A 1391 5.57 -28.06 10.98
N PRO A 1392 4.27 -27.75 11.10
CA PRO A 1392 3.37 -28.06 9.97
C PRO A 1392 3.48 -27.10 8.79
N ARG A 1393 4.34 -26.09 8.83
CA ARG A 1393 4.53 -25.24 7.66
C ARG A 1393 5.94 -25.19 7.14
N PHE A 1394 6.94 -25.34 7.99
CA PHE A 1394 8.28 -25.51 7.45
C PHE A 1394 8.44 -26.89 6.83
N THR A 1395 7.56 -27.83 7.15
CA THR A 1395 7.46 -29.06 6.35
C THR A 1395 6.79 -28.79 5.02
N TYR A 1396 5.65 -28.08 5.03
CA TYR A 1396 4.94 -27.83 3.77
C TYR A 1396 5.71 -26.87 2.87
N ASP A 1397 6.42 -25.91 3.45
CA ASP A 1397 7.27 -25.05 2.63
C ASP A 1397 8.49 -25.79 2.15
N SER A 1398 8.85 -26.91 2.76
CA SER A 1398 9.90 -27.75 2.20
C SER A 1398 9.37 -28.84 1.29
N PHE A 1399 8.14 -29.31 1.50
CA PHE A 1399 7.56 -30.26 0.58
C PHE A 1399 7.21 -29.60 -0.75
N GLN A 1400 6.65 -28.39 -0.69
CA GLN A 1400 6.25 -27.70 -1.91
C GLN A 1400 7.44 -27.16 -2.67
N LYS A 1401 8.50 -26.74 -1.97
CA LYS A 1401 9.68 -26.21 -2.63
C LYS A 1401 10.71 -27.27 -2.97
N PHE A 1402 10.36 -28.54 -2.86
CA PHE A 1402 11.19 -29.61 -3.43
C PHE A 1402 10.51 -30.30 -4.60
N PHE A 1403 9.21 -30.48 -4.53
CA PHE A 1403 8.53 -31.46 -5.37
C PHE A 1403 7.51 -30.86 -6.30
N TYR A 1404 6.95 -29.71 -5.97
CA TYR A 1404 6.06 -28.98 -6.88
C TYR A 1404 6.42 -27.51 -6.86
N PRO A 1405 7.63 -27.16 -7.27
CA PRO A 1405 8.17 -25.84 -6.95
C PRO A 1405 7.57 -24.77 -7.85
N THR A 1406 7.68 -23.54 -7.40
CA THR A 1406 7.33 -22.40 -8.23
C THR A 1406 8.58 -21.83 -8.88
N ASP A 1407 8.35 -20.91 -9.82
CA ASP A 1407 9.44 -20.38 -10.64
C ASP A 1407 10.34 -19.44 -9.87
N VAL A 1408 9.87 -18.94 -8.73
CA VAL A 1408 10.59 -17.88 -8.04
C VAL A 1408 11.61 -18.43 -7.06
N GLU A 1409 11.53 -19.75 -6.69
CA GLU A 1409 12.71 -20.46 -6.11
C GLU A 1409 13.62 -21.15 -7.12
N ILE A 1410 13.11 -21.58 -8.29
CA ILE A 1410 14.01 -22.21 -9.26
C ILE A 1410 15.01 -21.20 -9.79
N VAL A 1411 14.58 -19.95 -9.93
CA VAL A 1411 15.51 -18.88 -10.30
C VAL A 1411 16.48 -18.59 -9.16
N ARG A 1412 16.00 -18.49 -7.93
CA ARG A 1412 16.91 -18.07 -6.87
C ARG A 1412 17.73 -19.21 -6.29
N GLU A 1413 17.59 -20.43 -6.80
CA GLU A 1413 18.59 -21.44 -6.50
C GLU A 1413 19.60 -21.61 -7.63
N MET A 1414 19.24 -21.25 -8.87
CA MET A 1414 20.27 -21.03 -9.88
C MET A 1414 21.12 -19.83 -9.53
N TRP A 1415 20.53 -18.85 -8.85
CA TRP A 1415 21.23 -17.62 -8.50
C TRP A 1415 22.33 -17.84 -7.46
N GLN A 1416 22.32 -18.98 -6.76
CA GLN A 1416 23.43 -19.30 -5.89
C GLN A 1416 24.41 -20.31 -6.48
N HIS A 1417 24.02 -21.04 -7.54
CA HIS A 1417 25.04 -21.76 -8.30
C HIS A 1417 25.93 -20.82 -9.09
N GLY A 1418 25.46 -19.61 -9.38
CA GLY A 1418 26.26 -18.64 -10.08
C GLY A 1418 25.92 -18.45 -11.54
N HIS A 1419 24.69 -18.78 -11.95
CA HIS A 1419 24.25 -18.47 -13.30
C HIS A 1419 24.19 -16.97 -13.55
N PHE A 1420 23.99 -16.18 -12.50
CA PHE A 1420 23.74 -14.75 -12.61
C PHE A 1420 24.85 -13.94 -11.95
N ASP A 1421 26.06 -14.50 -11.91
CA ASP A 1421 27.18 -13.83 -11.27
C ASP A 1421 27.71 -12.69 -12.13
N HIS A 1422 27.80 -12.90 -13.44
CA HIS A 1422 28.45 -11.95 -14.32
C HIS A 1422 27.64 -10.69 -14.57
N TYR A 1423 26.34 -10.68 -14.23
CA TYR A 1423 25.56 -9.46 -14.33
C TYR A 1423 25.96 -8.51 -13.22
N PRO A 1424 26.22 -7.24 -13.52
CA PRO A 1424 26.66 -6.32 -12.48
C PRO A 1424 25.52 -5.89 -11.59
N PRO A 1425 25.80 -5.38 -10.39
CA PRO A 1425 24.77 -4.66 -9.64
C PRO A 1425 24.54 -3.29 -10.25
N GLY A 1426 23.29 -2.84 -10.20
CA GLY A 1426 22.92 -1.65 -10.93
C GLY A 1426 22.87 -1.94 -12.41
N TYR A 1427 21.96 -2.83 -12.81
CA TYR A 1427 21.91 -3.32 -14.18
C TYR A 1427 20.50 -3.19 -14.73
N ASP A 1428 20.42 -2.83 -16.02
CA ASP A 1428 19.22 -2.85 -16.79
C ASP A 1428 19.60 -3.09 -18.24
N PRO A 1429 19.01 -4.10 -18.89
CA PRO A 1429 19.33 -4.36 -20.29
C PRO A 1429 18.88 -3.25 -21.22
N THR A 1430 17.80 -2.55 -20.87
CA THR A 1430 17.18 -1.55 -21.73
C THR A 1430 17.89 -0.20 -21.64
N ASP A 1431 19.19 -0.21 -21.99
CA ASP A 1431 20.04 0.98 -21.95
C ASP A 1431 21.14 0.84 -22.98
N PRO A 1432 21.46 1.90 -23.72
CA PRO A 1432 22.50 1.78 -24.75
C PRO A 1432 23.91 2.02 -24.23
N ASN A 1433 24.04 2.81 -23.17
CA ASN A 1433 25.36 3.22 -22.67
C ASN A 1433 26.02 2.16 -21.81
N ARG A 1434 25.37 1.02 -21.62
CA ARG A 1434 25.88 -0.07 -20.80
C ARG A 1434 25.84 -1.34 -21.62
N PRO A 1435 26.74 -2.29 -21.34
CA PRO A 1435 26.68 -3.58 -22.03
C PRO A 1435 25.47 -4.38 -21.56
N LYS A 1436 25.05 -5.32 -22.41
CA LYS A 1436 23.89 -6.15 -22.11
C LYS A 1436 24.27 -7.52 -21.59
N VAL A 1437 25.52 -7.95 -21.84
CA VAL A 1437 26.12 -9.27 -21.52
C VAL A 1437 25.18 -10.48 -21.61
N ASN B 50 21.29 17.08 -9.58
CA ASN B 50 20.30 17.85 -8.84
C ASN B 50 19.45 16.94 -7.99
N ARG B 51 18.31 16.49 -8.54
CA ARG B 51 17.38 15.64 -7.83
C ARG B 51 17.60 14.16 -8.17
N ARG B 52 18.85 13.77 -8.38
CA ARG B 52 19.21 12.36 -8.37
C ARG B 52 18.95 11.80 -6.98
N PRO B 53 18.20 10.72 -6.84
CA PRO B 53 17.50 10.46 -5.57
C PRO B 53 18.29 9.59 -4.59
N LYS B 54 19.45 10.09 -4.15
CA LYS B 54 20.11 9.72 -2.89
C LYS B 54 20.47 8.23 -2.86
N GLU B 55 21.39 7.86 -3.72
CA GLU B 55 21.84 6.47 -3.82
C GLU B 55 22.66 6.10 -2.60
N ASP B 56 22.11 5.26 -1.73
CA ASP B 56 22.76 4.95 -0.45
C ASP B 56 22.68 3.49 -0.06
N ALA B 57 22.39 2.60 -1.01
CA ALA B 57 22.26 1.14 -0.84
C ALA B 57 21.18 0.75 0.19
N PHE B 58 20.27 1.65 0.51
CA PHE B 58 19.04 1.33 1.22
C PHE B 58 17.80 1.77 0.46
N THR B 59 17.82 2.95 -0.15
CA THR B 59 16.69 3.39 -0.93
C THR B 59 16.61 2.64 -2.26
N GLN B 60 17.76 2.22 -2.80
CA GLN B 60 17.77 1.23 -3.87
C GLN B 60 17.65 -0.19 -3.36
N GLN B 61 17.50 -0.37 -2.05
CA GLN B 61 17.28 -1.66 -1.40
C GLN B 61 18.41 -2.63 -1.70
N ARG B 62 19.64 -2.16 -1.52
CA ARG B 62 20.84 -2.96 -1.68
C ARG B 62 21.42 -3.34 -0.33
N LEU B 63 20.53 -3.67 0.60
CA LEU B 63 20.94 -4.09 1.93
C LEU B 63 21.64 -5.44 1.87
N ALA B 64 22.67 -5.58 2.70
CA ALA B 64 23.43 -6.82 2.75
C ALA B 64 22.55 -7.94 3.29
N ALA B 65 22.49 -9.04 2.55
CA ALA B 65 21.37 -9.94 2.69
C ALA B 65 21.78 -11.38 2.40
N ILE B 66 21.44 -12.31 3.29
CA ILE B 66 22.07 -13.61 3.22
C ILE B 66 21.34 -14.59 2.29
N ASN B 67 20.12 -14.26 1.86
CA ASN B 67 19.36 -14.94 0.80
C ASN B 67 19.19 -16.44 0.96
N PRO B 68 18.37 -16.91 1.90
CA PRO B 68 18.30 -18.35 2.16
C PRO B 68 17.51 -19.10 1.11
N VAL B 69 18.00 -20.28 0.77
CA VAL B 69 17.37 -21.14 -0.23
C VAL B 69 17.11 -22.50 0.40
N LEU B 70 15.88 -22.96 0.31
CA LEU B 70 15.52 -24.26 0.89
C LEU B 70 15.83 -25.35 -0.14
N THR B 71 17.02 -25.92 -0.03
CA THR B 71 17.45 -27.12 -0.69
C THR B 71 17.48 -28.26 0.32
N PRO B 72 17.75 -29.51 -0.10
CA PRO B 72 18.07 -30.53 0.90
C PRO B 72 19.55 -30.54 1.31
N ARG B 73 20.12 -29.36 1.46
CA ARG B 73 21.43 -29.14 2.03
C ARG B 73 21.36 -28.25 3.25
N THR B 74 20.32 -27.43 3.35
CA THR B 74 20.07 -26.58 4.51
C THR B 74 18.89 -27.06 5.33
N VAL B 75 18.22 -28.13 4.91
CA VAL B 75 16.99 -28.60 5.57
C VAL B 75 17.22 -29.93 6.28
N LEU B 76 17.87 -30.88 5.64
CA LEU B 76 18.15 -32.14 6.31
C LEU B 76 19.22 -32.02 7.41
N PRO B 77 20.23 -31.14 7.33
CA PRO B 77 20.95 -30.78 8.55
C PRO B 77 20.21 -29.82 9.48
N LEU B 78 18.96 -29.49 9.19
CA LEU B 78 18.12 -28.72 10.10
C LEU B 78 16.97 -29.54 10.66
N TYR B 79 16.59 -30.64 10.01
CA TYR B 79 15.68 -31.56 10.68
C TYR B 79 16.40 -32.58 11.53
N LEU B 80 17.61 -32.99 11.15
CA LEU B 80 18.33 -33.96 11.96
C LEU B 80 18.85 -33.31 13.23
N LEU B 81 19.25 -32.04 13.16
CA LEU B 81 19.72 -31.34 14.35
C LEU B 81 18.56 -31.01 15.29
N ILE B 82 17.35 -30.89 14.79
CA ILE B 82 16.21 -30.71 15.69
C ILE B 82 15.78 -32.06 16.27
N ALA B 83 15.86 -33.12 15.47
CA ALA B 83 15.44 -34.44 15.93
C ALA B 83 16.41 -35.08 16.92
N VAL B 84 17.64 -34.58 17.02
CA VAL B 84 18.60 -35.21 17.92
C VAL B 84 18.69 -34.36 19.19
N VAL B 85 18.27 -33.10 19.11
CA VAL B 85 18.21 -32.29 20.32
C VAL B 85 16.96 -32.63 21.13
N PHE B 86 15.80 -32.66 20.48
CA PHE B 86 14.55 -32.79 21.22
C PHE B 86 14.23 -34.22 21.59
N VAL B 87 15.17 -35.15 21.43
CA VAL B 87 15.08 -36.45 22.07
C VAL B 87 16.02 -36.54 23.27
N ILE B 88 17.23 -35.98 23.16
CA ILE B 88 18.12 -35.95 24.32
C ILE B 88 17.78 -34.83 25.28
N VAL B 89 16.87 -33.93 24.91
CA VAL B 89 16.22 -33.07 25.89
C VAL B 89 14.95 -33.72 26.39
N GLY B 90 14.28 -34.51 25.54
CA GLY B 90 13.15 -35.29 25.99
C GLY B 90 13.51 -36.44 26.90
N GLY B 91 14.78 -36.82 26.97
CA GLY B 91 15.22 -37.81 27.91
C GLY B 91 15.78 -37.19 29.18
N CYS B 92 16.41 -36.02 29.04
CA CYS B 92 16.93 -35.32 30.20
C CYS B 92 15.82 -34.75 31.07
N ILE B 93 14.68 -34.40 30.46
CA ILE B 93 13.57 -33.85 31.24
C ILE B 93 12.79 -34.95 31.95
N LEU B 94 12.51 -36.05 31.26
CA LEU B 94 11.85 -37.17 31.95
C LEU B 94 12.76 -37.89 32.94
N ALA B 95 14.08 -37.73 32.83
CA ALA B 95 14.94 -38.17 33.91
C ALA B 95 14.73 -37.32 35.15
N GLN B 96 14.59 -36.01 34.94
CA GLN B 96 14.33 -35.12 36.06
C GLN B 96 12.91 -35.27 36.58
N ASN B 97 11.96 -35.56 35.68
CA ASN B 97 10.53 -35.54 36.01
C ASN B 97 9.96 -36.95 36.15
N SER B 98 10.80 -37.91 36.56
CA SER B 98 10.33 -39.18 37.08
C SER B 98 10.80 -39.42 38.51
N LYS B 99 11.83 -38.71 38.95
CA LYS B 99 12.29 -38.71 40.34
C LYS B 99 11.42 -37.87 41.24
N VAL B 100 10.45 -37.12 40.70
CA VAL B 100 9.63 -36.24 41.51
C VAL B 100 8.53 -37.04 42.18
N ASP B 101 8.44 -36.93 43.50
CA ASP B 101 7.51 -37.67 44.33
C ASP B 101 6.44 -36.76 44.90
N GLU B 102 5.20 -37.22 44.89
CA GLU B 102 4.06 -36.46 45.34
C GLU B 102 3.26 -37.29 46.34
N VAL B 103 2.42 -36.62 47.12
CA VAL B 103 1.40 -37.28 47.95
C VAL B 103 0.11 -36.49 47.81
N THR B 104 -0.94 -37.14 47.33
CA THR B 104 -2.22 -36.49 47.09
C THR B 104 -3.31 -37.26 47.81
N ILE B 105 -3.99 -36.60 48.75
CA ILE B 105 -5.05 -37.21 49.54
C ILE B 105 -6.25 -36.29 49.51
N TYR B 106 -7.40 -36.80 49.08
CA TYR B 106 -8.65 -36.04 49.08
C TYR B 106 -9.42 -36.36 50.35
N TYR B 107 -9.86 -35.32 51.06
CA TYR B 107 -10.55 -35.51 52.33
C TYR B 107 -11.93 -34.89 52.38
N GLN B 108 -12.57 -34.68 51.23
CA GLN B 108 -13.80 -33.89 51.22
C GLN B 108 -14.97 -34.61 51.87
N ASP B 109 -14.93 -35.94 51.92
CA ASP B 109 -16.03 -36.75 52.41
C ASP B 109 -15.74 -37.27 53.81
N CYS B 110 -14.79 -36.63 54.51
CA CYS B 110 -14.32 -37.16 55.78
C CYS B 110 -15.30 -36.88 56.91
N MET B 111 -16.23 -35.95 56.73
CA MET B 111 -17.26 -35.77 57.74
C MET B 111 -18.26 -36.93 57.71
N THR B 112 -18.75 -37.27 56.52
CA THR B 112 -19.78 -38.29 56.43
C THR B 112 -19.21 -39.70 56.53
N ASN B 113 -18.35 -40.07 55.58
CA ASN B 113 -17.93 -41.46 55.46
C ASN B 113 -16.65 -41.72 56.26
N ALA B 114 -16.73 -41.46 57.57
CA ALA B 114 -15.64 -41.82 58.47
C ALA B 114 -16.23 -42.16 59.82
N THR B 115 -15.37 -42.71 60.68
CA THR B 115 -15.76 -43.22 61.98
C THR B 115 -14.85 -42.57 63.02
N SER B 116 -15.23 -42.65 64.30
CA SER B 116 -14.37 -42.19 65.38
C SER B 116 -13.10 -43.02 65.51
N SER B 117 -13.10 -44.26 65.01
CA SER B 117 -11.90 -45.08 64.95
C SER B 117 -11.26 -44.96 63.56
N TRP B 118 -10.06 -45.51 63.44
CA TRP B 118 -9.28 -45.39 62.22
C TRP B 118 -9.82 -46.31 61.13
N SER B 119 -10.09 -45.75 59.97
CA SER B 119 -10.64 -46.50 58.84
C SER B 119 -9.96 -46.04 57.56
N ASP B 120 -9.63 -47.01 56.70
CA ASP B 120 -8.88 -46.72 55.48
C ASP B 120 -9.72 -45.94 54.47
N ILE B 121 -9.04 -45.17 53.64
CA ILE B 121 -9.64 -44.30 52.64
C ILE B 121 -10.03 -45.16 51.45
N PRO B 122 -11.23 -44.99 50.86
CA PRO B 122 -11.72 -45.94 49.84
C PRO B 122 -11.00 -45.94 48.48
N SER B 123 -9.89 -45.22 48.36
CA SER B 123 -8.92 -45.27 47.26
C SER B 123 -9.43 -44.72 45.94
N GLU B 124 -10.60 -44.11 45.91
CA GLU B 124 -10.88 -43.12 44.89
C GLU B 124 -10.57 -41.72 45.39
N HIS B 125 -9.96 -41.60 46.56
CA HIS B 125 -9.65 -40.33 47.18
C HIS B 125 -8.17 -40.14 47.45
N TRP B 126 -7.30 -41.03 46.96
CA TRP B 126 -5.88 -40.82 47.13
C TRP B 126 -5.12 -41.52 46.01
N GLN B 127 -4.02 -40.89 45.59
CA GLN B 127 -3.02 -41.54 44.76
C GLN B 127 -1.70 -40.82 44.99
N PHE B 128 -0.62 -41.59 44.98
CA PHE B 128 0.72 -41.02 45.10
C PHE B 128 1.75 -42.01 44.57
N VAL B 129 2.81 -41.47 43.96
CA VAL B 129 3.82 -42.29 43.30
C VAL B 129 5.22 -41.80 43.66
N PHE B 130 6.11 -42.76 43.89
CA PHE B 130 7.51 -42.55 44.23
C PHE B 130 8.38 -43.17 43.13
N HIS B 131 9.67 -42.87 43.17
CA HIS B 131 10.56 -43.40 42.14
C HIS B 131 11.36 -44.61 42.58
N LYS B 132 11.35 -44.95 43.87
CA LYS B 132 11.95 -46.18 44.35
C LYS B 132 10.93 -47.28 44.58
N TYR B 133 9.66 -46.93 44.78
CA TYR B 133 8.61 -47.90 45.02
C TYR B 133 7.54 -47.70 43.96
N LYS B 134 7.58 -48.53 42.92
CA LYS B 134 6.60 -48.42 41.85
C LYS B 134 5.24 -48.92 42.31
N THR B 135 5.16 -50.18 42.74
CA THR B 135 3.94 -50.74 43.29
C THR B 135 3.99 -50.55 44.80
N TYR B 136 2.99 -49.85 45.35
CA TYR B 136 3.00 -49.51 46.77
C TYR B 136 1.56 -49.33 47.24
N ASN B 137 1.12 -50.19 48.15
CA ASN B 137 -0.30 -50.27 48.51
C ASN B 137 -0.49 -50.37 50.02
N THR B 138 0.16 -49.48 50.76
CA THR B 138 -0.16 -49.27 52.18
C THR B 138 -1.07 -48.05 52.24
N ALA B 139 -2.38 -48.31 52.34
CA ALA B 139 -3.36 -47.24 52.21
C ALA B 139 -3.38 -46.38 53.47
N PRO B 140 -3.56 -45.06 53.33
CA PRO B 140 -3.76 -44.20 54.49
C PRO B 140 -5.18 -44.33 55.02
N GLN B 141 -5.41 -43.70 56.18
CA GLN B 141 -6.65 -43.91 56.90
C GLN B 141 -7.14 -42.65 57.60
N TRP B 142 -8.46 -42.46 57.57
CA TRP B 142 -9.12 -41.31 58.17
C TRP B 142 -9.36 -41.52 59.65
N ARG B 143 -9.66 -40.42 60.34
CA ARG B 143 -10.26 -40.48 61.67
C ARG B 143 -11.02 -39.17 61.86
N PHE B 144 -12.34 -39.26 61.95
CA PHE B 144 -13.20 -38.10 62.18
C PHE B 144 -13.50 -38.02 63.67
N VAL B 145 -13.08 -36.93 64.31
CA VAL B 145 -13.03 -36.94 65.77
C VAL B 145 -14.43 -36.76 66.38
N ASP B 146 -15.16 -35.71 65.99
CA ASP B 146 -16.40 -35.40 66.69
C ASP B 146 -17.27 -34.47 65.86
N ASP B 147 -18.46 -34.23 66.38
CA ASP B 147 -19.24 -33.04 66.11
C ASP B 147 -19.30 -32.30 67.44
N GLU B 148 -18.41 -31.31 67.61
CA GLU B 148 -18.10 -30.76 68.92
C GLU B 148 -19.18 -29.85 69.49
N SER B 149 -20.21 -29.52 68.71
CA SER B 149 -21.44 -28.84 69.16
C SER B 149 -21.17 -27.45 69.76
N ASP B 150 -20.18 -26.74 69.23
CA ASP B 150 -19.88 -25.37 69.60
C ASP B 150 -20.20 -24.50 68.38
N ASP B 151 -21.46 -24.07 68.28
CA ASP B 151 -22.03 -23.39 67.12
C ASP B 151 -21.83 -24.23 65.86
N PHE B 152 -22.47 -25.40 65.85
CA PHE B 152 -22.20 -26.41 64.84
C PHE B 152 -22.78 -26.00 63.50
N THR B 153 -22.00 -26.21 62.45
CA THR B 153 -22.31 -25.78 61.10
C THR B 153 -22.60 -27.05 60.29
N LYS B 154 -22.81 -26.90 58.98
CA LYS B 154 -23.03 -28.02 58.08
C LYS B 154 -21.83 -28.98 58.06
N GLN B 155 -20.62 -28.44 58.08
CA GLN B 155 -19.42 -29.24 57.82
C GLN B 155 -18.34 -28.81 58.81
N ARG B 156 -18.12 -29.64 59.83
CA ARG B 156 -17.13 -29.35 60.87
C ARG B 156 -16.75 -30.65 61.58
N GLY B 157 -15.53 -30.69 62.10
CA GLY B 157 -15.02 -31.81 62.86
C GLY B 157 -13.69 -32.27 62.32
N THR B 158 -12.65 -32.29 63.16
CA THR B 158 -11.27 -32.31 62.68
C THR B 158 -10.91 -33.68 62.09
N CYS B 159 -10.93 -33.76 60.76
CA CYS B 159 -10.48 -34.96 60.06
C CYS B 159 -8.97 -35.07 60.14
N GLN B 160 -8.49 -36.20 60.63
CA GLN B 160 -7.08 -36.40 60.97
C GLN B 160 -6.54 -37.55 60.12
N ILE B 161 -5.69 -37.21 59.15
CA ILE B 161 -5.26 -38.15 58.12
C ILE B 161 -3.87 -38.65 58.46
N ARG B 162 -3.69 -39.97 58.39
CA ARG B 162 -2.43 -40.63 58.71
C ARG B 162 -1.90 -41.30 57.45
N PHE B 163 -0.88 -40.72 56.83
CA PHE B 163 -0.30 -41.23 55.59
C PHE B 163 1.07 -41.85 55.86
N THR B 164 1.61 -42.51 54.83
CA THR B 164 2.78 -43.36 54.98
C THR B 164 3.67 -43.21 53.75
N THR B 165 4.86 -42.62 53.93
CA THR B 165 5.78 -42.36 52.83
C THR B 165 7.06 -43.16 53.01
N PRO B 166 7.40 -44.08 52.10
CA PRO B 166 8.63 -44.87 52.24
C PRO B 166 9.88 -44.22 51.69
N SER B 167 9.87 -42.93 51.36
CA SER B 167 11.03 -42.27 50.79
C SER B 167 11.15 -40.90 51.43
N ASP B 168 11.98 -40.04 50.85
CA ASP B 168 12.28 -38.74 51.42
C ASP B 168 11.94 -37.65 50.42
N MET B 169 10.94 -36.83 50.76
CA MET B 169 10.84 -35.51 50.14
C MET B 169 12.04 -34.72 50.62
N LYS B 170 12.95 -34.40 49.71
CA LYS B 170 14.36 -34.34 50.10
C LYS B 170 14.72 -33.06 50.87
N ASN B 171 14.67 -31.89 50.24
CA ASN B 171 15.16 -30.71 50.93
C ASN B 171 14.06 -29.68 51.15
N ASN B 172 13.44 -29.18 50.10
CA ASN B 172 12.28 -28.31 50.24
C ASN B 172 11.03 -29.16 50.14
N VAL B 173 10.21 -29.12 51.19
CA VAL B 173 8.98 -29.89 51.27
C VAL B 173 7.81 -28.94 51.28
N TYR B 174 6.89 -29.12 50.34
CA TYR B 174 5.82 -28.19 50.08
C TYR B 174 4.51 -28.86 50.42
N LEU B 175 3.62 -28.15 51.12
CA LEU B 175 2.31 -28.69 51.46
C LEU B 175 1.26 -27.83 50.77
N ASN B 176 0.83 -28.26 49.60
CA ASN B 176 -0.17 -27.56 48.82
C ASN B 176 -1.56 -27.98 49.32
N TYR B 177 -2.62 -27.53 48.64
CA TYR B 177 -3.93 -28.14 48.82
C TYR B 177 -4.70 -28.10 47.51
N VAL B 178 -5.22 -29.25 47.08
CA VAL B 178 -5.94 -29.35 45.83
C VAL B 178 -7.40 -29.02 46.09
N LEU B 179 -8.10 -28.54 45.06
CA LEU B 179 -9.52 -28.23 45.18
C LEU B 179 -10.18 -28.48 43.82
N GLU B 180 -10.68 -29.68 43.61
CA GLU B 180 -11.31 -29.97 42.33
C GLU B 180 -12.76 -29.49 42.34
N LYS B 181 -13.25 -29.17 41.14
CA LYS B 181 -14.64 -28.78 40.86
C LYS B 181 -15.09 -27.54 41.61
N PHE B 182 -14.17 -26.71 42.07
CA PHE B 182 -14.49 -25.38 42.58
C PHE B 182 -14.10 -24.38 41.51
N ALA B 183 -15.06 -24.03 40.67
CA ALA B 183 -14.82 -23.13 39.55
C ALA B 183 -14.65 -21.72 40.09
N ALA B 184 -13.38 -21.28 40.15
CA ALA B 184 -13.01 -19.99 40.72
C ALA B 184 -12.49 -19.03 39.66
N ASN B 185 -13.07 -19.08 38.46
CA ASN B 185 -12.58 -18.31 37.33
C ASN B 185 -13.69 -17.62 36.56
N HIS B 186 -14.87 -17.48 37.15
CA HIS B 186 -16.01 -16.79 36.55
C HIS B 186 -15.71 -15.31 36.35
N ARG B 187 -16.62 -14.65 35.62
CA ARG B 187 -16.40 -13.26 35.26
C ARG B 187 -16.50 -12.33 36.47
N ARG B 188 -17.51 -12.55 37.32
CA ARG B 188 -17.72 -11.66 38.45
C ARG B 188 -16.83 -12.02 39.64
N TYR B 189 -16.39 -13.28 39.72
CA TYR B 189 -15.61 -13.73 40.86
C TYR B 189 -14.22 -13.12 40.87
N VAL B 190 -13.44 -13.35 39.80
CA VAL B 190 -12.04 -12.94 39.77
C VAL B 190 -11.84 -11.45 39.57
N LEU B 191 -12.88 -10.68 39.32
CA LEU B 191 -12.80 -9.23 39.22
C LEU B 191 -13.31 -8.55 40.47
N SER B 192 -13.41 -9.26 41.59
CA SER B 192 -14.05 -8.73 42.79
C SER B 192 -13.05 -8.77 43.94
N PHE B 193 -12.22 -7.74 44.01
CA PHE B 193 -11.48 -7.33 45.20
C PHE B 193 -11.19 -5.86 45.04
N SER B 194 -10.32 -5.31 45.88
CA SER B 194 -9.98 -3.92 45.77
C SER B 194 -8.53 -3.70 46.12
N GLU B 195 -7.80 -3.04 45.23
CA GLU B 195 -6.35 -2.91 45.34
C GLU B 195 -5.94 -1.86 46.37
N ASP B 196 -6.86 -1.01 46.79
CA ASP B 196 -6.55 -0.08 47.87
C ASP B 196 -6.43 -0.79 49.20
N GLN B 197 -7.29 -1.78 49.43
CA GLN B 197 -7.24 -2.56 50.67
C GLN B 197 -6.09 -3.55 50.68
N ILE B 198 -5.72 -4.09 49.51
CA ILE B 198 -4.60 -5.01 49.42
C ILE B 198 -3.28 -4.28 49.66
N ARG B 199 -3.11 -3.12 49.06
CA ARG B 199 -1.93 -2.33 49.34
C ARG B 199 -1.99 -1.60 50.67
N GLY B 200 -3.09 -1.72 51.41
CA GLY B 200 -3.14 -1.32 52.79
C GLY B 200 -3.79 0.01 53.05
N GLU B 201 -3.98 0.83 52.02
CA GLU B 201 -4.44 2.20 52.23
C GLU B 201 -5.91 2.24 52.58
N ASP B 202 -6.44 3.45 52.72
CA ASP B 202 -7.82 3.65 53.15
C ASP B 202 -8.77 3.35 51.99
N ALA B 203 -10.06 3.52 52.26
CA ALA B 203 -11.07 3.31 51.24
C ALA B 203 -12.30 4.11 51.63
N SER B 204 -12.95 4.70 50.63
CA SER B 204 -14.26 5.29 50.83
C SER B 204 -15.29 4.20 50.58
N TYR B 205 -16.55 4.58 50.49
CA TYR B 205 -17.52 3.61 50.00
C TYR B 205 -17.46 3.49 48.49
N GLU B 206 -17.25 4.60 47.80
CA GLU B 206 -17.27 4.59 46.34
C GLU B 206 -15.93 4.18 45.74
N THR B 207 -14.85 4.16 46.54
CA THR B 207 -13.57 3.69 46.02
C THR B 207 -13.57 2.18 45.86
N VAL B 208 -14.38 1.47 46.66
CA VAL B 208 -14.46 0.02 46.56
C VAL B 208 -15.76 -0.47 45.92
N HIS B 209 -16.80 0.36 45.86
CA HIS B 209 -18.05 -0.12 45.26
C HIS B 209 -17.97 -0.11 43.75
N ASP B 210 -17.75 1.05 43.15
CA ASP B 210 -17.69 1.16 41.69
C ASP B 210 -16.30 1.67 41.28
N ALA B 211 -15.47 0.75 40.81
CA ALA B 211 -14.18 1.11 40.27
C ALA B 211 -13.96 0.33 38.98
N THR B 212 -13.01 0.82 38.20
CA THR B 212 -12.71 0.21 36.91
C THR B 212 -12.10 -1.16 37.10
N GLY B 213 -12.64 -2.16 36.40
CA GLY B 213 -12.15 -3.51 36.57
C GLY B 213 -12.55 -4.08 37.90
N ILE B 214 -11.54 -4.26 38.75
CA ILE B 214 -11.70 -4.69 40.14
C ILE B 214 -12.60 -3.72 40.90
N ASN B 215 -13.69 -4.26 41.44
CA ASN B 215 -14.61 -3.52 42.29
C ASN B 215 -15.30 -4.52 43.20
N CYS B 216 -15.65 -4.09 44.40
CA CYS B 216 -16.33 -4.96 45.34
C CYS B 216 -17.84 -4.81 45.22
N LYS B 217 -18.34 -5.05 44.00
CA LYS B 217 -19.69 -4.64 43.64
C LYS B 217 -20.80 -5.31 44.43
N PRO B 218 -20.78 -6.63 44.75
CA PRO B 218 -21.85 -7.14 45.61
C PRO B 218 -21.64 -6.89 47.10
N LEU B 219 -20.39 -6.80 47.53
CA LEU B 219 -20.00 -7.03 48.92
C LEU B 219 -19.21 -5.87 49.50
N SER B 220 -19.76 -4.66 49.43
CA SER B 220 -19.11 -3.54 50.09
C SER B 220 -19.84 -3.04 51.35
N LYS B 221 -21.11 -3.40 51.55
CA LYS B 221 -21.82 -2.95 52.76
C LYS B 221 -22.92 -3.93 53.10
N ASN B 222 -23.20 -4.05 54.41
CA ASN B 222 -24.34 -4.80 54.94
C ASN B 222 -25.54 -3.87 55.14
N ALA B 223 -26.52 -4.32 55.93
CA ALA B 223 -27.61 -3.44 56.35
C ALA B 223 -27.11 -2.34 57.29
N ASP B 224 -26.10 -2.62 58.10
CA ASP B 224 -25.49 -1.57 58.92
C ASP B 224 -24.72 -0.59 58.04
N GLY B 225 -24.12 -1.07 56.97
CA GLY B 225 -23.46 -0.18 56.03
C GLY B 225 -22.02 0.13 56.42
N LYS B 226 -21.31 -0.86 56.94
CA LYS B 226 -19.90 -0.68 57.21
C LYS B 226 -19.09 -1.10 55.98
N ILE B 227 -17.81 -0.76 55.99
CA ILE B 227 -16.88 -1.17 54.95
C ILE B 227 -16.28 -2.52 55.33
N TYR B 228 -16.45 -3.52 54.47
CA TYR B 228 -15.75 -4.77 54.68
C TYR B 228 -14.26 -4.56 54.44
N TYR B 229 -13.43 -5.15 55.30
CA TYR B 229 -12.02 -4.84 55.13
C TYR B 229 -11.35 -5.66 54.03
N PRO B 230 -11.59 -6.99 53.88
CA PRO B 230 -11.24 -7.61 52.59
C PRO B 230 -12.43 -7.77 51.65
N CYS B 231 -12.91 -6.70 51.03
CA CYS B 231 -14.14 -6.81 50.25
C CYS B 231 -13.91 -7.60 48.97
N GLY B 232 -14.93 -8.33 48.56
CA GLY B 232 -14.85 -9.09 47.34
C GLY B 232 -15.12 -10.57 47.53
N LEU B 233 -15.64 -11.22 46.49
CA LEU B 233 -16.07 -12.61 46.58
C LEU B 233 -14.88 -13.57 46.68
N ILE B 234 -13.68 -13.12 46.36
CA ILE B 234 -12.49 -13.95 46.55
C ILE B 234 -12.18 -14.09 48.04
N ALA B 235 -11.93 -12.96 48.71
CA ALA B 235 -11.51 -12.98 50.10
C ALA B 235 -12.65 -13.33 51.03
N ASN B 236 -13.88 -13.05 50.63
CA ASN B 236 -15.04 -13.48 51.42
C ASN B 236 -15.15 -15.00 51.42
N SER B 237 -14.96 -15.63 50.27
CA SER B 237 -15.03 -17.08 50.18
C SER B 237 -13.62 -17.66 50.18
N MET B 238 -12.99 -17.59 51.34
CA MET B 238 -11.65 -18.11 51.53
C MET B 238 -11.70 -19.53 52.09
N PHE B 239 -10.74 -20.35 51.67
CA PHE B 239 -10.51 -21.67 52.24
C PHE B 239 -10.02 -21.51 53.67
N ASN B 240 -10.86 -21.84 54.65
CA ASN B 240 -10.51 -21.70 56.07
C ASN B 240 -10.44 -23.04 56.78
N ASP B 241 -9.85 -24.05 56.16
CA ASP B 241 -9.52 -25.28 56.86
C ASP B 241 -8.15 -25.11 57.51
N THR B 242 -8.10 -25.24 58.83
CA THR B 242 -6.83 -25.10 59.52
C THR B 242 -5.97 -26.34 59.32
N PHE B 243 -4.68 -26.11 59.18
CA PHE B 243 -3.68 -27.14 58.99
C PHE B 243 -2.68 -27.10 60.14
N PRO B 244 -2.11 -28.24 60.52
CA PRO B 244 -1.12 -28.22 61.60
C PRO B 244 0.19 -27.61 61.12
N LEU B 245 0.91 -27.02 62.07
CA LEU B 245 2.23 -26.51 61.77
C LEU B 245 3.31 -27.56 61.83
N GLN B 246 2.94 -28.82 62.05
CA GLN B 246 3.91 -29.91 62.07
C GLN B 246 3.21 -31.22 61.75
N LEU B 247 3.88 -32.06 60.97
CA LEU B 247 3.42 -33.42 60.71
C LEU B 247 3.91 -34.28 61.86
N THR B 248 3.00 -34.82 62.65
CA THR B 248 3.37 -35.66 63.79
C THR B 248 3.97 -36.96 63.30
N ASN B 249 4.99 -37.44 64.00
CA ASN B 249 5.55 -38.76 63.75
C ASN B 249 4.82 -39.75 64.65
N VAL B 250 4.26 -40.79 64.04
CA VAL B 250 3.33 -41.69 64.72
C VAL B 250 3.83 -43.12 64.57
N GLY B 251 3.91 -43.84 65.68
CA GLY B 251 4.16 -45.27 65.65
C GLY B 251 5.56 -45.68 66.02
N ASP B 252 6.56 -44.91 65.59
CA ASP B 252 7.95 -45.31 65.73
C ASP B 252 8.74 -44.43 66.68
N THR B 253 8.78 -43.12 66.44
CA THR B 253 9.79 -42.28 67.07
C THR B 253 9.21 -41.15 67.91
N SER B 254 8.10 -40.55 67.47
CA SER B 254 7.51 -39.34 68.05
C SER B 254 8.53 -38.19 68.11
N ASN B 255 9.35 -38.08 67.07
CA ASN B 255 10.14 -36.88 66.80
C ASN B 255 9.47 -36.16 65.62
N ASN B 256 8.86 -35.02 65.90
CA ASN B 256 7.95 -34.38 64.98
C ASN B 256 8.71 -33.69 63.85
N TYR B 257 7.96 -33.27 62.83
CA TYR B 257 8.50 -32.64 61.62
C TYR B 257 7.81 -31.31 61.43
N SER B 258 8.54 -30.21 61.66
CA SER B 258 7.94 -28.89 61.65
C SER B 258 7.64 -28.40 60.24
N LEU B 259 6.59 -27.59 60.11
CA LEU B 259 6.18 -27.00 58.84
C LEU B 259 5.73 -25.56 59.09
N THR B 260 6.61 -24.61 58.81
CA THR B 260 6.24 -23.23 58.97
C THR B 260 5.38 -22.76 57.81
N ASN B 261 4.67 -21.66 58.01
CA ASN B 261 4.05 -20.94 56.91
C ASN B 261 4.70 -19.56 56.70
N LYS B 262 5.98 -19.45 57.03
CA LYS B 262 6.75 -18.27 56.67
C LYS B 262 7.43 -18.54 55.34
N GLY B 263 7.41 -17.54 54.47
CA GLY B 263 7.97 -17.70 53.14
C GLY B 263 7.15 -18.67 52.32
N ILE B 264 5.83 -18.50 52.35
CA ILE B 264 4.95 -19.43 51.64
C ILE B 264 4.64 -18.94 50.24
N ASN B 265 4.90 -17.67 49.94
CA ASN B 265 4.99 -17.21 48.56
C ASN B 265 6.18 -16.24 48.48
N TRP B 266 6.22 -15.46 47.40
CA TRP B 266 7.43 -14.78 46.98
C TRP B 266 7.85 -13.68 47.96
N GLU B 267 9.15 -13.46 48.05
CA GLU B 267 9.69 -12.43 48.92
C GLU B 267 9.42 -11.04 48.36
N SER B 268 9.44 -10.91 47.04
CA SER B 268 9.14 -9.65 46.36
C SER B 268 7.66 -9.51 46.09
N ASP B 269 6.86 -9.72 47.13
CA ASP B 269 5.41 -9.68 47.02
C ASP B 269 4.79 -8.87 48.14
N LYS B 270 5.53 -8.60 49.21
CA LYS B 270 5.06 -7.78 50.31
C LYS B 270 4.96 -6.30 49.95
N LYS B 271 5.48 -5.87 48.81
CA LYS B 271 5.41 -4.48 48.38
C LYS B 271 4.08 -4.15 47.72
N ARG B 272 3.14 -5.07 47.70
CA ARG B 272 1.76 -4.79 47.37
C ARG B 272 0.79 -5.39 48.36
N TYR B 273 1.22 -6.31 49.22
CA TYR B 273 0.44 -6.77 50.36
C TYR B 273 1.09 -6.16 51.59
N LYS B 274 0.70 -4.94 51.92
CA LYS B 274 1.28 -4.24 53.06
C LYS B 274 0.28 -4.18 54.20
N LYS B 275 0.73 -3.66 55.33
CA LYS B 275 -0.11 -3.49 56.49
C LYS B 275 -1.18 -2.44 56.23
N THR B 276 -2.28 -2.52 56.98
CA THR B 276 -3.36 -1.58 56.80
C THR B 276 -2.96 -0.20 57.31
N LYS B 277 -3.65 0.81 56.79
CA LYS B 277 -3.36 2.19 57.15
C LYS B 277 -4.35 2.75 58.16
N TYR B 278 -5.56 2.21 58.20
CA TYR B 278 -6.57 2.63 59.15
C TYR B 278 -6.88 1.52 60.14
N ASN B 279 -7.06 1.90 61.41
CA ASN B 279 -7.48 0.99 62.47
C ASN B 279 -8.82 1.48 63.02
N TYR B 280 -9.89 1.06 62.36
CA TYR B 280 -11.21 1.57 62.66
C TYR B 280 -12.08 0.45 63.21
N THR B 281 -13.03 0.82 64.06
CA THR B 281 -14.05 -0.12 64.51
C THR B 281 -15.23 -0.17 63.57
N GLN B 282 -15.26 0.69 62.54
CA GLN B 282 -16.33 0.71 61.56
C GLN B 282 -16.05 -0.23 60.38
N ILE B 283 -15.12 -1.18 60.54
CA ILE B 283 -14.92 -2.25 59.58
C ILE B 283 -15.14 -3.58 60.30
N ALA B 284 -15.45 -4.61 59.52
CA ALA B 284 -15.90 -5.87 60.10
C ALA B 284 -15.64 -6.97 59.08
N PRO B 285 -15.50 -8.22 59.51
CA PRO B 285 -15.12 -9.29 58.57
C PRO B 285 -16.20 -9.54 57.53
N PRO B 286 -15.83 -10.11 56.38
CA PRO B 286 -16.82 -10.43 55.35
C PRO B 286 -17.74 -11.55 55.80
N PRO B 287 -18.93 -11.68 55.21
CA PRO B 287 -19.99 -12.50 55.84
C PRO B 287 -19.73 -14.00 55.90
N TYR B 288 -18.60 -14.50 55.42
CA TYR B 288 -18.22 -15.87 55.69
C TYR B 288 -17.10 -16.00 56.71
N TRP B 289 -16.44 -14.90 57.09
CA TRP B 289 -15.46 -14.96 58.16
C TRP B 289 -16.08 -14.77 59.53
N GLU B 290 -17.41 -14.90 59.64
CA GLU B 290 -18.09 -14.58 60.88
C GLU B 290 -17.91 -15.65 61.95
N LYS B 291 -17.60 -16.89 61.58
CA LYS B 291 -17.23 -17.86 62.61
C LYS B 291 -15.85 -17.55 63.18
N MET B 292 -14.95 -17.02 62.37
CA MET B 292 -13.59 -16.78 62.82
C MET B 292 -13.49 -15.51 63.64
N TYR B 293 -14.23 -14.47 63.26
CA TYR B 293 -14.34 -13.25 64.06
C TYR B 293 -15.81 -13.05 64.42
N PRO B 294 -16.27 -13.62 65.53
CA PRO B 294 -17.70 -13.55 65.86
C PRO B 294 -18.17 -12.20 66.36
N ASP B 295 -17.26 -11.28 66.65
CA ASP B 295 -17.65 -9.97 67.18
C ASP B 295 -16.97 -8.80 66.47
N GLY B 296 -16.37 -9.02 65.31
CA GLY B 296 -15.77 -7.92 64.57
C GLY B 296 -14.31 -7.72 64.89
N TYR B 297 -13.75 -6.65 64.34
CA TYR B 297 -12.35 -6.31 64.56
C TYR B 297 -12.23 -5.48 65.83
N ASN B 298 -11.45 -5.98 66.78
CA ASN B 298 -11.06 -5.20 67.94
C ASN B 298 -9.81 -4.40 67.57
N GLU B 299 -9.13 -3.85 68.57
CA GLU B 299 -7.86 -3.19 68.30
C GLU B 299 -6.71 -4.18 68.14
N THR B 300 -6.92 -5.45 68.46
CA THR B 300 -5.85 -6.44 68.46
C THR B 300 -5.88 -7.36 67.25
N ASN B 301 -7.06 -7.74 66.78
CA ASN B 301 -7.21 -8.79 65.78
C ASN B 301 -7.20 -8.27 64.35
N ILE B 302 -6.62 -7.10 64.11
CA ILE B 302 -6.47 -6.57 62.75
C ILE B 302 -5.49 -7.42 61.97
N PRO B 303 -5.89 -7.98 60.82
CA PRO B 303 -5.05 -8.91 60.09
C PRO B 303 -3.96 -8.19 59.31
N ASP B 304 -2.71 -8.39 59.72
CA ASP B 304 -1.56 -7.84 59.01
C ASP B 304 -1.27 -8.76 57.83
N ILE B 305 -1.59 -8.31 56.62
CA ILE B 305 -1.39 -9.10 55.42
C ILE B 305 -0.02 -8.81 54.81
N GLN B 306 0.83 -8.14 55.58
CA GLN B 306 2.27 -8.19 55.34
C GLN B 306 2.75 -9.63 55.40
N ASP B 307 2.36 -10.36 56.44
CA ASP B 307 2.88 -11.70 56.68
C ASP B 307 1.80 -12.76 56.90
N TRP B 308 0.52 -12.40 56.78
CA TRP B 308 -0.53 -13.42 56.78
C TRP B 308 -0.54 -14.02 55.39
N GLU B 309 0.33 -14.99 55.19
CA GLU B 309 0.76 -15.36 53.86
C GLU B 309 -0.05 -16.49 53.24
N GLU B 310 -0.89 -17.19 53.98
CA GLU B 310 -1.80 -18.11 53.31
C GLU B 310 -2.98 -17.39 52.68
N PHE B 311 -3.19 -16.13 53.00
CA PHE B 311 -4.19 -15.29 52.35
C PHE B 311 -3.66 -14.67 51.08
N GLN B 312 -2.35 -14.41 51.02
CA GLN B 312 -1.75 -13.87 49.80
C GLN B 312 -1.80 -14.87 48.65
N ASN B 313 -1.85 -16.17 48.97
CA ASN B 313 -2.04 -17.16 47.93
C ASN B 313 -3.49 -17.20 47.44
N TRP B 314 -4.44 -16.92 48.33
CA TRP B 314 -5.82 -17.00 47.89
C TRP B 314 -6.24 -15.77 47.12
N MET B 315 -5.48 -14.67 47.19
CA MET B 315 -5.81 -13.52 46.39
C MET B 315 -5.33 -13.60 44.96
N ARG B 316 -4.60 -14.64 44.58
CA ARG B 316 -4.54 -14.96 43.16
C ARG B 316 -5.52 -16.10 42.90
N PRO B 317 -6.66 -15.83 42.27
CA PRO B 317 -7.61 -16.91 42.00
C PRO B 317 -7.07 -17.86 40.95
N GLY B 318 -7.10 -19.15 41.27
CA GLY B 318 -6.60 -20.16 40.37
C GLY B 318 -7.42 -20.23 39.09
N ALA B 319 -6.76 -20.50 37.98
CA ALA B 319 -7.29 -20.18 36.67
C ALA B 319 -8.02 -21.32 36.00
N PHE B 320 -8.23 -22.44 36.67
CA PHE B 320 -8.76 -23.62 35.98
C PHE B 320 -9.76 -24.32 36.88
N ASP B 321 -10.05 -25.58 36.54
CA ASP B 321 -10.92 -26.43 37.34
C ASP B 321 -10.33 -26.64 38.74
N LYS B 322 -9.19 -27.32 38.81
CA LYS B 322 -8.55 -27.58 40.09
C LYS B 322 -7.54 -26.50 40.43
N ILE B 323 -7.27 -26.37 41.73
CA ILE B 323 -6.53 -25.25 42.30
C ILE B 323 -5.55 -25.80 43.34
N THR B 324 -4.25 -25.51 43.20
CA THR B 324 -3.29 -25.87 44.23
C THR B 324 -2.54 -24.64 44.70
N LYS B 325 -2.68 -24.33 45.97
CA LYS B 325 -2.01 -23.20 46.58
C LYS B 325 -1.15 -23.70 47.72
N LEU B 326 0.03 -23.12 47.87
CA LEU B 326 0.98 -23.58 48.87
C LEU B 326 0.56 -23.06 50.23
N ILE B 327 0.63 -23.90 51.26
CA ILE B 327 0.24 -23.45 52.59
C ILE B 327 1.24 -23.80 53.70
N ARG B 328 2.11 -24.81 53.57
CA ARG B 328 3.12 -25.07 54.60
C ARG B 328 4.43 -25.47 53.93
N ILE B 329 5.53 -24.82 54.31
CA ILE B 329 6.83 -25.08 53.71
C ILE B 329 7.79 -25.45 54.85
N ASN B 330 8.90 -26.10 54.48
CA ASN B 330 9.97 -26.37 55.45
C ASN B 330 11.30 -26.32 54.71
N LYS B 331 11.96 -25.17 54.73
CA LYS B 331 13.22 -25.01 54.03
C LYS B 331 14.42 -25.49 54.84
N ASN B 332 14.22 -25.97 56.06
CA ASN B 332 15.33 -26.33 56.94
C ASN B 332 15.71 -27.79 56.81
N ASP B 333 14.78 -28.69 57.12
CA ASP B 333 15.10 -30.08 57.37
C ASP B 333 14.74 -30.94 56.17
N THR B 334 15.28 -32.16 56.18
CA THR B 334 14.81 -33.21 55.29
C THR B 334 13.61 -33.91 55.90
N LEU B 335 12.87 -34.62 55.06
CA LEU B 335 11.74 -35.39 55.54
C LEU B 335 12.16 -36.85 55.57
N PRO B 336 12.40 -37.43 56.74
CA PRO B 336 12.74 -38.85 56.80
C PRO B 336 11.53 -39.71 56.50
N ALA B 337 11.81 -40.93 56.02
CA ALA B 337 10.77 -41.80 55.54
C ALA B 337 9.97 -42.39 56.70
N GLY B 338 8.95 -43.16 56.37
CA GLY B 338 8.16 -43.81 57.39
C GLY B 338 6.69 -43.50 57.30
N GLU B 339 6.14 -42.90 58.36
CA GLU B 339 4.70 -42.70 58.48
C GLU B 339 4.46 -41.43 59.27
N TYR B 340 3.42 -40.68 58.90
CA TYR B 340 3.09 -39.43 59.57
C TYR B 340 1.59 -39.34 59.75
N GLN B 341 1.16 -38.22 60.34
CA GLN B 341 -0.24 -37.94 60.60
C GLN B 341 -0.41 -36.45 60.76
N LEU B 342 -1.42 -35.88 60.11
CA LEU B 342 -1.73 -34.47 60.27
C LEU B 342 -3.22 -34.32 60.58
N ASP B 343 -3.58 -33.14 61.05
CA ASP B 343 -4.89 -32.90 61.66
C ASP B 343 -5.53 -31.68 60.99
N ILE B 344 -6.41 -31.92 60.03
CA ILE B 344 -7.05 -30.84 59.29
C ILE B 344 -8.40 -30.54 59.93
N GLY B 345 -8.58 -29.31 60.41
CA GLY B 345 -9.86 -28.93 60.98
C GLY B 345 -10.84 -28.45 59.93
N LEU B 346 -11.90 -29.20 59.71
CA LEU B 346 -12.78 -28.96 58.58
C LEU B 346 -13.66 -27.75 58.83
N HIS B 347 -13.65 -26.80 57.90
CA HIS B 347 -14.56 -25.67 57.96
C HIS B 347 -15.14 -25.29 56.61
N TRP B 348 -14.76 -25.95 55.52
CA TRP B 348 -15.06 -25.48 54.19
C TRP B 348 -16.14 -26.37 53.58
N PRO B 349 -17.37 -25.89 53.43
CA PRO B 349 -18.46 -26.75 52.98
C PRO B 349 -18.44 -27.05 51.48
N VAL B 350 -17.70 -28.07 51.09
CA VAL B 350 -17.50 -28.36 49.68
C VAL B 350 -18.57 -29.28 49.09
N LEU B 351 -19.29 -30.04 49.91
CA LEU B 351 -20.02 -31.20 49.41
C LEU B 351 -21.30 -30.85 48.65
N GLU B 352 -21.78 -29.60 48.70
CA GLU B 352 -23.06 -29.33 48.10
C GLU B 352 -23.00 -29.25 46.57
N PHE B 353 -21.90 -28.75 46.01
CA PHE B 353 -21.73 -28.72 44.56
C PHE B 353 -20.93 -29.90 44.04
N ASN B 354 -20.86 -30.99 44.82
CA ASN B 354 -20.17 -32.23 44.49
C ASN B 354 -18.69 -31.99 44.18
N GLY B 355 -18.09 -31.02 44.86
CA GLY B 355 -16.71 -30.68 44.65
C GLY B 355 -15.78 -31.54 45.48
N LYS B 356 -14.53 -31.09 45.60
CA LYS B 356 -13.51 -31.81 46.33
C LYS B 356 -12.61 -30.83 47.05
N LYS B 357 -11.99 -31.29 48.13
CA LYS B 357 -10.89 -30.64 48.82
C LYS B 357 -9.72 -31.60 48.75
N GLY B 358 -8.64 -31.30 49.44
CA GLY B 358 -7.59 -32.30 49.51
C GLY B 358 -6.24 -31.75 49.94
N ILE B 359 -5.23 -32.61 49.76
CA ILE B 359 -3.86 -32.40 50.22
C ILE B 359 -2.94 -32.64 49.04
N TYR B 360 -1.89 -31.83 48.92
CA TYR B 360 -0.85 -32.13 47.93
C TYR B 360 0.51 -31.87 48.56
N LEU B 361 1.07 -32.90 49.19
CA LEU B 361 2.39 -32.81 49.81
C LEU B 361 3.46 -33.22 48.80
N THR B 362 4.39 -32.33 48.52
CA THR B 362 5.34 -32.61 47.46
C THR B 362 6.69 -31.99 47.71
N HIS B 363 7.66 -32.46 46.94
CA HIS B 363 8.98 -31.85 46.78
C HIS B 363 9.14 -31.47 45.32
N GLY B 364 9.36 -30.18 45.07
CA GLY B 364 9.33 -29.68 43.72
C GLY B 364 10.66 -29.72 43.01
N SER B 365 10.60 -29.95 41.70
CA SER B 365 11.76 -29.93 40.84
C SER B 365 12.03 -28.49 40.37
N HIS B 366 13.01 -28.34 39.48
CA HIS B 366 13.15 -27.08 38.77
C HIS B 366 12.00 -26.88 37.80
N LEU B 367 11.45 -27.97 37.27
CA LEU B 367 10.27 -27.95 36.41
C LEU B 367 8.97 -27.95 37.21
N GLY B 368 9.01 -27.61 38.49
CA GLY B 368 7.79 -27.57 39.28
C GLY B 368 7.47 -28.93 39.85
N GLY B 369 6.20 -29.30 39.77
CA GLY B 369 5.75 -30.61 40.20
C GLY B 369 5.76 -31.59 39.04
N ARG B 370 5.23 -32.77 39.29
CA ARG B 370 5.35 -33.80 38.28
C ARG B 370 4.16 -33.74 37.33
N ASN B 371 4.47 -33.86 36.05
CA ASN B 371 3.52 -33.77 34.96
C ASN B 371 4.17 -34.50 33.79
N PRO B 372 3.59 -35.62 33.32
CA PRO B 372 4.24 -36.39 32.25
C PRO B 372 4.19 -35.74 30.90
N PHE B 373 3.48 -34.61 30.76
CA PHE B 373 3.30 -33.95 29.47
C PHE B 373 4.60 -33.37 28.93
N LEU B 374 5.20 -32.45 29.68
CA LEU B 374 6.30 -31.62 29.20
C LEU B 374 7.56 -32.40 28.87
N GLY B 375 7.68 -33.64 29.32
CA GLY B 375 8.75 -34.47 28.84
C GLY B 375 8.33 -35.30 27.64
N ILE B 376 7.07 -35.74 27.61
CA ILE B 376 6.62 -36.60 26.52
C ILE B 376 6.31 -35.80 25.26
N VAL B 377 6.19 -34.47 25.35
CA VAL B 377 5.90 -33.70 24.15
C VAL B 377 7.18 -33.28 23.42
N TYR B 378 8.34 -33.38 24.08
CA TYR B 378 9.60 -33.30 23.34
C TYR B 378 9.78 -34.53 22.44
N LEU B 379 9.54 -35.73 22.99
CA LEU B 379 9.67 -36.92 22.17
C LEU B 379 8.49 -37.13 21.23
N ILE B 380 7.46 -36.30 21.32
CA ILE B 380 6.51 -36.16 20.21
C ILE B 380 6.98 -35.09 19.23
N GLY B 381 7.53 -34.01 19.75
CA GLY B 381 8.17 -33.00 18.92
C GLY B 381 9.48 -33.43 18.30
N GLY B 382 10.05 -34.54 18.76
CA GLY B 382 11.29 -35.05 18.19
C GLY B 382 11.07 -36.20 17.24
N CYS B 383 10.13 -37.09 17.56
CA CYS B 383 9.80 -38.22 16.70
C CYS B 383 8.68 -37.90 15.72
N ILE B 384 8.47 -36.64 15.41
CA ILE B 384 7.70 -36.22 14.26
C ILE B 384 8.56 -35.46 13.25
N CYS B 385 9.42 -34.56 13.73
CA CYS B 385 10.39 -33.92 12.85
C CYS B 385 11.46 -34.89 12.36
N ALA B 386 11.66 -36.01 13.06
CA ALA B 386 12.48 -37.08 12.49
C ALA B 386 11.70 -37.87 11.45
N ALA B 387 10.42 -38.13 11.71
CA ALA B 387 9.59 -38.84 10.73
C ALA B 387 9.28 -37.97 9.52
N MET B 388 9.31 -36.65 9.68
CA MET B 388 9.24 -35.74 8.55
C MET B 388 10.61 -35.35 8.03
N ALA B 389 11.66 -36.00 8.53
CA ALA B 389 12.97 -35.98 7.91
C ALA B 389 13.24 -37.22 7.08
N LEU B 390 12.61 -38.34 7.42
CA LEU B 390 12.77 -39.57 6.67
C LEU B 390 11.57 -39.88 5.80
N ILE B 391 10.67 -38.92 5.62
CA ILE B 391 9.72 -38.93 4.51
C ILE B 391 10.14 -37.96 3.42
N LEU B 392 10.67 -36.80 3.81
CA LEU B 392 11.17 -35.85 2.82
C LEU B 392 12.54 -36.22 2.28
N LEU B 393 13.09 -37.38 2.64
CA LEU B 393 14.17 -37.99 1.89
C LEU B 393 13.81 -39.33 1.28
N THR B 394 12.74 -39.99 1.74
CA THR B 394 12.21 -41.13 1.01
C THR B 394 11.59 -40.69 -0.30
N PHE B 395 11.01 -39.49 -0.32
CA PHE B 395 10.47 -38.96 -1.57
C PHE B 395 11.55 -38.28 -2.42
N TRP B 396 12.52 -37.61 -1.79
CA TRP B 396 13.52 -36.86 -2.54
C TRP B 396 14.49 -37.78 -3.28
N LEU B 397 14.73 -38.98 -2.77
CA LEU B 397 15.61 -39.88 -3.49
C LEU B 397 14.91 -40.62 -4.63
N PHE B 398 13.59 -40.53 -4.74
CA PHE B 398 12.85 -41.31 -5.73
C PHE B 398 11.82 -40.52 -6.52
N GLY B 399 11.32 -39.38 -6.01
CA GLY B 399 10.87 -38.25 -6.87
C GLY B 399 12.02 -37.59 -7.59
N GLY B 400 12.91 -36.96 -6.83
CA GLY B 400 14.19 -36.53 -7.36
C GLY B 400 14.19 -35.39 -8.35
N ARG B 401 13.86 -34.19 -7.90
CA ARG B 401 13.99 -33.02 -8.75
C ARG B 401 15.46 -32.63 -8.84
N LYS B 402 15.87 -32.22 -10.04
CA LYS B 402 17.21 -31.70 -10.26
C LYS B 402 17.10 -30.20 -10.49
N ILE B 403 18.09 -29.45 -9.98
CA ILE B 403 18.07 -28.00 -10.10
C ILE B 403 18.41 -27.64 -11.55
N ALA B 404 17.46 -27.04 -12.25
CA ALA B 404 17.47 -27.02 -13.70
C ALA B 404 17.14 -25.61 -14.17
N ASP B 405 16.82 -25.49 -15.45
CA ASP B 405 16.29 -24.25 -16.00
C ASP B 405 14.94 -23.91 -15.36
N ALA B 406 14.57 -22.63 -15.45
CA ALA B 406 13.32 -22.14 -14.87
C ALA B 406 12.16 -22.72 -15.66
N SER B 407 11.46 -23.68 -15.05
CA SER B 407 10.38 -24.36 -15.74
C SER B 407 9.15 -23.47 -15.84
N SER B 408 8.20 -23.93 -16.66
CA SER B 408 6.90 -23.33 -17.01
C SER B 408 7.02 -22.05 -17.84
N LEU B 409 8.23 -21.57 -18.04
CA LEU B 409 8.54 -20.54 -19.01
C LEU B 409 9.51 -21.03 -20.07
N SER B 410 10.13 -22.19 -19.83
CA SER B 410 10.86 -22.95 -20.84
C SER B 410 10.05 -24.16 -21.29
N TRP B 411 8.72 -24.08 -21.23
CA TRP B 411 7.85 -25.11 -21.78
C TRP B 411 7.24 -24.65 -23.10
C1 NAG C . -11.00 -8.85 70.09
C2 NAG C . -10.46 -9.08 71.50
C3 NAG C . -9.31 -10.09 71.46
C4 NAG C . -9.74 -11.38 70.76
C5 NAG C . -10.33 -11.07 69.39
C6 NAG C . -10.93 -12.28 68.71
C7 NAG C . -10.15 -7.60 73.43
C8 NAG C . -9.65 -6.26 73.90
N2 NAG C . -10.03 -7.85 72.12
O3 NAG C . -8.87 -10.37 72.78
O4 NAG C . -8.63 -12.25 70.61
O5 NAG C . -11.39 -10.10 69.51
O6 NAG C . -12.06 -11.93 67.93
O7 NAG C . -10.64 -8.42 74.19
C1 NAG C . -8.73 -13.38 71.49
C2 NAG C . -7.85 -14.53 70.99
C3 NAG C . -7.92 -15.71 71.94
C4 NAG C . -7.55 -15.29 73.35
C5 NAG C . -8.42 -14.11 73.80
C6 NAG C . -8.00 -13.54 75.13
C7 NAG C . -7.36 -15.38 68.73
C8 NAG C . -7.92 -15.74 67.39
N2 NAG C . -8.24 -14.91 69.64
O3 NAG C . -7.06 -16.75 71.50
O4 NAG C . -7.72 -16.36 74.26
O5 NAG C . -8.33 -13.03 72.85
O6 NAG C . -7.26 -14.50 75.89
O7 NAG C . -6.16 -15.50 68.99
C1 NAG D . -15.24 -20.24 57.08
C2 NAG D . -15.76 -20.08 55.62
C3 NAG D . -17.30 -20.14 55.55
C4 NAG D . -17.85 -21.29 56.39
C5 NAG D . -17.30 -21.18 57.80
C6 NAG D . -17.83 -22.22 58.75
C7 NAG D . -14.34 -18.67 54.14
C8 NAG D . -13.80 -19.93 53.53
N2 NAG D . -15.28 -18.82 55.10
O3 NAG D . -17.66 -20.34 54.19
O4 NAG D . -19.27 -21.40 56.37
O5 NAG D . -15.88 -21.36 57.71
O6 NAG D . -18.25 -21.63 59.98
O7 NAG D . -13.96 -17.57 53.78
C1 NAG D . -20.12 -20.25 56.37
C2 NAG D . -21.39 -20.61 55.57
C3 NAG D . -22.42 -19.48 55.65
C4 NAG D . -22.71 -19.12 57.10
C5 NAG D . -21.40 -18.74 57.78
C6 NAG D . -21.56 -18.42 59.24
C7 NAG D . -21.82 -21.64 53.36
C8 NAG D . -21.30 -21.81 51.97
N2 NAG D . -21.05 -20.90 54.18
O3 NAG D . -23.64 -19.87 55.01
O4 NAG D . -23.63 -18.03 57.14
O5 NAG D . -20.49 -19.84 57.69
O6 NAG D . -22.42 -19.35 59.89
O7 NAG D . -22.88 -22.13 53.73
C1 BMA D . -24.93 -18.45 57.65
C2 BMA D . -25.81 -17.19 57.86
C3 BMA D . -27.22 -17.62 58.29
C4 BMA D . -27.81 -18.69 57.37
C5 BMA D . -26.84 -19.86 57.24
C6 BMA D . -27.33 -20.93 56.29
O2 BMA D . -25.95 -16.49 56.65
O3 BMA D . -28.09 -16.50 58.37
O4 BMA D . -29.05 -19.16 57.87
O5 BMA D . -25.57 -19.36 56.75
O6 BMA D . -26.60 -22.12 56.55
C1 NAG E . 5.57 -33.82 69.19
C2 NAG E . 5.39 -32.57 70.07
C3 NAG E . 3.95 -32.46 70.54
C4 NAG E . 3.50 -33.74 71.21
C5 NAG E . 3.77 -34.96 70.32
C6 NAG E . 2.53 -35.76 70.00
C7 NAG E . 7.59 -32.24 71.11
C8 NAG E . 8.39 -32.32 72.38
N2 NAG E . 6.31 -32.59 71.20
O3 NAG E . 3.11 -32.16 69.43
O4 NAG E . 4.17 -33.93 72.45
O5 NAG E . 4.31 -34.52 69.06
O6 NAG E . 2.07 -36.51 71.12
O7 NAG E . 8.10 -31.89 70.05
C1 NAG E . 0.74 -36.12 71.54
C2 NAG E . 0.82 -35.71 73.02
C3 NAG E . -0.52 -35.16 73.52
C4 NAG E . -1.07 -34.09 72.58
C5 NAG E . -1.11 -34.61 71.15
C6 NAG E . -1.51 -33.55 70.16
C7 NAG E . 0.73 -37.98 74.10
C8 NAG E . 1.47 -38.88 75.05
N2 NAG E . 1.31 -36.78 73.88
O3 NAG E . -0.33 -34.60 74.82
O4 NAG E . -2.39 -33.72 72.98
O5 NAG E . 0.21 -35.04 70.77
O6 NAG E . -0.41 -33.12 69.38
O7 NAG E . -0.32 -38.33 73.56
MG MG F . 1.23 10.79 -28.08
#